data_3OLA
#
_entry.id   3OLA
#
_cell.length_a   60.562
_cell.length_b   60.560
_cell.length_c   192.832
_cell.angle_alpha   83.57
_cell.angle_beta   83.56
_cell.angle_gamma   77.59
#
_symmetry.space_group_name_H-M   'P 1'
#
loop_
_entity.id
_entity.type
_entity.pdbx_description
1 polymer Polymerase
2 polymer "RNA (5'-R(*AP*AP*GP*UP*CP*UP*CP*CP*AP*GP*GP*UP*CP*UP*CP*UP*CP*GP*UP*CP*CP*GP*GP*AP*AP*A)-3')"
3 polymer "DNA/RNA (5'-R(*GP*CP*CP*CP*GP*GP*AP*CP*GP*AP*GP*AP*GP*A)-D(P*C)-3')"
4 polymer "RNA (5'-R(*GP*GP*GP*AP*GP*AP*UP*GP*A)-3')"
5 polymer "RNA (5'-R(*GP*CP*CP*CP*GP*GP*AP*CP*GP*AP*GP*AP*GP*A)-3')"
6 non-polymer 'ZINC ION'
7 non-polymer 'ISOPROPYL ALCOHOL'
8 non-polymer DI(HYDROXYETHYL)ETHER
9 non-polymer GLYCEROL
10 non-polymer "2'-DEOXYCYTIDINE-5'-TRIPHOSPHATE"
11 water water
#
loop_
_entity_poly.entity_id
_entity_poly.type
_entity_poly.pdbx_seq_one_letter_code
_entity_poly.pdbx_strand_id
1 'polypeptide(L)'
;GEIQWMRPSKEVGYPIINAPSKTKLEPSAFHYVFEGVKEPAVLTKNDPRLKTDFEEAIFSKYVGNKITEVDEYMKEAVDH
YAGQLMSLDINTEQMCLEDAMYGTDGLEALDLSTSAGYPYVAMGKKKRDILNKQTRDTKEMQKLLDTYGINLPLVTYVKD
ELRSKTKVEQGKSRLIEASSLNDSVAMRMAFGNLYAAFHKNPGVITGSAVGCDPDLFWSKIPVLMEEKLFAFDYTGYDAS
LSPAWFEALKMVLEKIGFGDRVDYIDYLNHSHHLYKNKTYCVKGGMPSGCSGTSIFNSMINNLIIRTLLLKTYKGIDLDH
LKMIAYGDDVIASYPHEVDASLLAQSGKDYGLTMTPADKSATFETVTWENVTFLKRFFRADEKYPFLIHPVMPMKEIHES
IRWTKDPRNTQDHVRSLCLLAWHNGEEEYNKFLAKIRSVPIGRALDLPEYSTLYRRWLDSFGSSSHHHHHH
;
A,E,I,M
2 'polyribonucleotide' AAGUCUCCAGGUCUCUCGUCCGGAAA B,F,J,N
3 'polydeoxyribonucleotide/polyribonucleotide hybrid' GCCCGGACGAGAGA(DC) C,G
4 'polyribonucleotide' GGGAGAUGA D,H,L,P
5 'polyribonucleotide' GCCCGGACGAGAGA K,O
#
loop_
_chem_comp.id
_chem_comp.type
_chem_comp.name
_chem_comp.formula
A RNA linking ADENOSINE-5'-MONOPHOSPHATE 'C10 H14 N5 O7 P'
C RNA linking CYTIDINE-5'-MONOPHOSPHATE 'C9 H14 N3 O8 P'
DC DNA linking 2'-DEOXYCYTIDINE-5'-MONOPHOSPHATE 'C9 H14 N3 O7 P'
DCP non-polymer 2'-DEOXYCYTIDINE-5'-TRIPHOSPHATE 'C9 H16 N3 O13 P3'
G RNA linking GUANOSINE-5'-MONOPHOSPHATE 'C10 H14 N5 O8 P'
GOL non-polymer GLYCEROL 'C3 H8 O3'
IPA non-polymer 'ISOPROPYL ALCOHOL' 'C3 H8 O'
PEG non-polymer DI(HYDROXYETHYL)ETHER 'C4 H10 O3'
U RNA linking URIDINE-5'-MONOPHOSPHATE 'C9 H13 N2 O9 P'
ZN non-polymer 'ZINC ION' 'Zn 2'
#
# COMPACT_ATOMS: atom_id res chain seq x y z
N GLY A 1 50.41 86.46 -19.06
CA GLY A 1 50.59 86.97 -17.71
C GLY A 1 51.73 87.96 -17.61
N GLU A 2 51.53 88.99 -16.81
CA GLU A 2 52.55 90.02 -16.68
C GLU A 2 52.32 90.92 -15.48
N ILE A 3 53.12 90.75 -14.43
CA ILE A 3 53.02 91.65 -13.31
C ILE A 3 53.19 93.09 -13.78
N GLN A 4 52.50 94.00 -13.10
CA GLN A 4 52.44 95.40 -13.48
C GLN A 4 52.89 96.22 -12.30
N TRP A 5 52.99 95.57 -11.14
CA TRP A 5 53.58 96.21 -9.98
C TRP A 5 53.34 95.43 -8.70
N MET A 6 54.28 95.52 -7.77
CA MET A 6 54.09 95.07 -6.40
C MET A 6 54.19 96.27 -5.48
N ARG A 7 54.05 96.04 -4.18
CA ARG A 7 54.20 97.10 -3.17
C ARG A 7 53.52 96.71 -1.87
N PRO A 8 54.16 97.02 -0.73
CA PRO A 8 53.46 96.74 0.54
C PRO A 8 52.01 97.17 0.43
N SER A 9 51.10 96.29 0.83
CA SER A 9 49.69 96.54 0.69
C SER A 9 49.21 97.52 1.72
N LYS A 10 50.09 97.87 2.67
CA LYS A 10 49.75 98.80 3.74
C LYS A 10 49.51 100.17 3.15
N GLU A 11 50.29 100.48 2.13
CA GLU A 11 50.25 101.79 1.50
C GLU A 11 49.16 101.85 0.45
N VAL A 12 48.25 100.88 0.48
CA VAL A 12 47.11 100.89 -0.43
C VAL A 12 45.83 100.40 0.29
N GLY A 13 45.91 100.31 1.62
CA GLY A 13 44.77 99.96 2.44
C GLY A 13 44.24 98.55 2.23
N TYR A 14 45.15 97.57 2.18
CA TYR A 14 44.76 96.17 2.11
C TYR A 14 45.36 95.37 3.27
N PRO A 15 44.65 94.32 3.70
CA PRO A 15 45.04 93.58 4.90
C PRO A 15 46.29 92.73 4.65
N ILE A 16 47.06 92.51 5.70
CA ILE A 16 48.07 91.46 5.69
C ILE A 16 47.32 90.13 5.80
N ILE A 17 47.84 89.09 5.15
CA ILE A 17 47.16 87.81 5.10
C ILE A 17 48.10 86.65 5.39
N ASN A 18 47.81 85.94 6.47
CA ASN A 18 48.72 84.89 6.94
C ASN A 18 48.46 83.52 6.34
N ALA A 19 49.18 83.22 5.27
CA ALA A 19 49.19 81.89 4.70
C ALA A 19 49.68 80.92 5.76
N PRO A 20 49.11 79.71 5.80
CA PRO A 20 49.72 78.71 6.67
C PRO A 20 51.11 78.44 6.11
N SER A 21 52.01 77.91 6.93
CA SER A 21 53.40 77.87 6.55
C SER A 21 53.97 76.46 6.60
N LYS A 22 53.12 75.51 6.99
CA LYS A 22 53.56 74.12 7.10
C LYS A 22 52.72 73.17 6.25
N THR A 23 53.40 72.21 5.63
CA THR A 23 52.73 71.19 4.85
C THR A 23 51.82 70.35 5.73
N LYS A 24 50.86 69.69 5.10
CA LYS A 24 49.93 68.84 5.83
C LYS A 24 50.18 67.38 5.43
N LEU A 25 50.94 67.19 4.35
CA LEU A 25 51.42 65.87 3.96
C LEU A 25 52.38 65.29 4.99
N GLU A 26 52.22 64.01 5.27
CA GLU A 26 53.03 63.29 6.25
C GLU A 26 53.25 61.88 5.67
N PRO A 27 54.42 61.27 5.90
CA PRO A 27 54.59 59.95 5.29
C PRO A 27 53.56 58.94 5.74
N SER A 28 53.30 57.99 4.85
CA SER A 28 52.22 57.02 5.00
C SER A 28 52.69 55.77 5.72
N ALA A 29 51.74 54.91 6.07
CA ALA A 29 52.08 53.55 6.44
C ALA A 29 52.94 52.93 5.33
N PHE A 30 52.69 53.36 4.10
CA PHE A 30 53.26 52.67 2.95
C PHE A 30 54.45 53.40 2.34
N HIS A 31 55.10 54.26 3.13
CA HIS A 31 56.17 55.11 2.62
C HIS A 31 57.36 54.28 2.15
N TYR A 32 57.60 53.18 2.83
CA TYR A 32 58.80 52.39 2.58
C TYR A 32 58.48 51.12 1.82
N VAL A 33 57.21 50.75 1.82
CA VAL A 33 56.72 49.64 1.02
C VAL A 33 56.90 49.90 -0.47
N PHE A 34 56.67 51.16 -0.88
CA PHE A 34 56.71 51.57 -2.27
C PHE A 34 57.75 52.63 -2.45
N GLU A 35 58.39 52.63 -3.61
CA GLU A 35 59.35 53.69 -3.92
C GLU A 35 58.65 54.92 -4.52
N GLY A 36 59.35 56.05 -4.58
CA GLY A 36 58.81 57.25 -5.20
C GLY A 36 59.72 58.45 -5.03
N VAL A 37 59.75 59.33 -6.03
CA VAL A 37 60.70 60.42 -6.05
C VAL A 37 60.10 61.79 -5.62
N LYS A 38 58.84 61.78 -5.20
CA LYS A 38 58.12 63.03 -4.95
C LYS A 38 57.99 63.35 -3.49
N GLU A 39 57.82 64.63 -3.20
CA GLU A 39 57.71 65.14 -1.83
C GLU A 39 56.91 66.43 -1.84
N PRO A 40 56.45 66.85 -0.66
CA PRO A 40 55.72 68.10 -0.43
C PRO A 40 56.39 69.30 -1.10
N ALA A 41 55.59 70.21 -1.63
CA ALA A 41 56.13 71.34 -2.37
C ALA A 41 56.59 72.39 -1.37
N VAL A 42 57.56 73.20 -1.78
CA VAL A 42 58.02 74.28 -0.93
C VAL A 42 56.87 75.22 -0.63
N LEU A 43 56.66 75.48 0.67
CA LEU A 43 55.61 76.40 1.12
C LEU A 43 56.08 77.80 1.55
N THR A 44 57.38 77.95 1.85
CA THR A 44 57.93 79.22 2.35
C THR A 44 59.26 79.58 1.72
N LYS A 45 59.75 80.77 2.05
CA LYS A 45 61.05 81.27 1.58
C LYS A 45 62.20 80.60 2.34
N ASN A 46 61.97 80.33 3.62
CA ASN A 46 63.01 79.76 4.46
C ASN A 46 62.96 78.22 4.54
N ASP A 47 63.14 77.58 3.38
CA ASP A 47 63.05 76.13 3.28
C ASP A 47 64.41 75.57 2.90
N PRO A 48 65.03 74.82 3.85
CA PRO A 48 66.32 74.13 3.71
C PRO A 48 66.54 73.41 2.38
N ARG A 49 65.49 72.87 1.75
CA ARG A 49 65.64 72.11 0.51
C ARG A 49 65.87 72.99 -0.73
N LEU A 50 65.77 74.30 -0.56
CA LEU A 50 65.78 75.25 -1.67
C LEU A 50 67.14 75.52 -2.29
N LYS A 51 67.25 75.33 -3.60
CA LYS A 51 68.47 75.65 -4.32
C LYS A 51 68.33 76.93 -5.13
N THR A 52 67.58 77.89 -4.60
CA THR A 52 67.25 79.08 -5.39
C THR A 52 66.31 79.98 -4.60
N ASP A 53 66.07 81.19 -5.07
CA ASP A 53 65.17 82.08 -4.33
C ASP A 53 63.70 81.76 -4.62
N PHE A 54 62.93 81.56 -3.56
CA PHE A 54 61.52 81.20 -3.70
C PHE A 54 60.75 82.19 -4.56
N GLU A 55 60.43 83.34 -3.97
CA GLU A 55 59.53 84.29 -4.61
C GLU A 55 59.94 84.54 -6.05
N GLU A 56 61.23 84.64 -6.31
CA GLU A 56 61.70 84.75 -7.69
C GLU A 56 61.14 83.60 -8.51
N ALA A 57 61.17 82.41 -7.92
CA ALA A 57 60.71 81.19 -8.59
C ALA A 57 59.19 81.18 -8.85
N ILE A 58 58.38 81.36 -7.80
CA ILE A 58 56.93 81.28 -7.94
C ILE A 58 56.31 82.39 -8.79
N PHE A 59 57.02 83.51 -8.94
CA PHE A 59 56.53 84.60 -9.78
C PHE A 59 57.19 84.63 -11.16
N SER A 60 58.00 83.62 -11.44
CA SER A 60 58.69 83.54 -12.71
C SER A 60 57.74 83.29 -13.89
N LYS A 61 56.57 82.69 -13.64
CA LYS A 61 55.71 82.25 -14.74
C LYS A 61 55.12 83.39 -15.60
N TYR A 62 54.91 84.56 -15.03
CA TYR A 62 54.35 85.68 -15.78
C TYR A 62 55.34 86.20 -16.84
N VAL A 63 55.31 85.58 -18.03
CA VAL A 63 56.38 85.73 -19.03
C VAL A 63 56.23 86.87 -20.04
N GLY A 64 55.07 87.53 -20.09
CA GLY A 64 54.86 88.61 -21.05
C GLY A 64 53.79 88.33 -22.11
N ASN A 65 53.63 89.25 -23.06
CA ASN A 65 52.53 89.15 -24.02
C ASN A 65 52.96 89.27 -25.49
N LYS A 66 53.13 88.12 -26.13
CA LYS A 66 53.48 88.07 -27.55
C LYS A 66 52.56 88.91 -28.43
N ILE A 67 51.25 88.70 -28.31
CA ILE A 67 50.31 89.36 -29.21
C ILE A 67 49.14 89.95 -28.44
N THR A 68 48.28 90.67 -29.16
CA THR A 68 47.12 91.32 -28.53
C THR A 68 46.01 91.47 -29.57
N GLU A 69 46.37 91.30 -30.84
CA GLU A 69 45.43 91.49 -31.91
C GLU A 69 44.93 90.16 -32.46
N VAL A 70 43.64 90.08 -32.72
CA VAL A 70 43.10 88.86 -33.27
C VAL A 70 43.26 88.84 -34.79
N ASP A 71 44.28 88.16 -35.28
CA ASP A 71 44.45 88.03 -36.72
C ASP A 71 43.38 87.15 -37.36
N GLU A 72 43.51 86.91 -38.66
CA GLU A 72 42.42 86.33 -39.43
C GLU A 72 42.36 84.80 -39.36
N TYR A 73 43.44 84.17 -38.90
CA TYR A 73 43.36 82.75 -38.60
C TYR A 73 42.58 82.52 -37.30
N MET A 74 42.92 83.30 -36.26
CA MET A 74 42.14 83.33 -35.04
C MET A 74 40.66 83.60 -35.35
N LYS A 75 40.39 84.56 -36.24
CA LYS A 75 39.03 84.95 -36.58
C LYS A 75 38.24 83.79 -37.16
N GLU A 76 38.87 83.02 -38.03
CA GLU A 76 38.19 81.90 -38.66
C GLU A 76 37.98 80.78 -37.64
N ALA A 77 38.98 80.58 -36.80
CA ALA A 77 38.90 79.63 -35.69
C ALA A 77 37.69 79.96 -34.84
N VAL A 78 37.67 81.18 -34.31
CA VAL A 78 36.50 81.71 -33.61
C VAL A 78 35.21 81.35 -34.34
N ASP A 79 35.16 81.66 -35.64
CA ASP A 79 33.95 81.42 -36.41
C ASP A 79 33.61 79.95 -36.38
N HIS A 80 34.62 79.12 -36.55
CA HIS A 80 34.36 77.69 -36.65
C HIS A 80 33.96 77.05 -35.31
N TYR A 81 34.64 77.43 -34.24
CA TYR A 81 34.32 76.90 -32.93
C TYR A 81 32.91 77.34 -32.51
N ALA A 82 32.61 78.62 -32.73
CA ALA A 82 31.35 79.18 -32.25
C ALA A 82 30.19 78.48 -32.93
N GLY A 83 30.39 78.11 -34.20
CA GLY A 83 29.36 77.45 -34.98
C GLY A 83 29.03 76.04 -34.50
N GLN A 84 30.05 75.35 -33.99
CA GLN A 84 29.86 74.05 -33.34
C GLN A 84 29.01 74.18 -32.06
N LEU A 85 29.37 75.15 -31.21
CA LEU A 85 28.65 75.34 -29.96
C LEU A 85 27.19 75.69 -30.24
N MET A 86 26.95 76.41 -31.34
CA MET A 86 25.60 76.83 -31.69
C MET A 86 24.67 75.63 -31.80
N SER A 87 25.25 74.46 -32.12
CA SER A 87 24.45 73.25 -32.29
C SER A 87 24.03 72.59 -30.98
N LEU A 88 24.43 73.17 -29.85
CA LEU A 88 24.05 72.65 -28.55
C LEU A 88 22.83 73.34 -27.94
N ASP A 89 22.39 74.42 -28.57
CA ASP A 89 21.23 75.20 -28.13
C ASP A 89 21.35 75.69 -26.68
N ILE A 90 22.51 76.22 -26.36
CA ILE A 90 22.81 76.63 -25.00
C ILE A 90 21.94 77.79 -24.52
N ASN A 91 21.23 77.55 -23.43
CA ASN A 91 20.46 78.58 -22.75
C ASN A 91 21.34 79.78 -22.42
N THR A 92 21.00 80.94 -22.99
CA THR A 92 21.84 82.15 -22.91
C THR A 92 21.42 83.09 -21.77
N GLU A 93 20.48 82.66 -20.95
CA GLU A 93 19.94 83.51 -19.90
C GLU A 93 20.76 83.55 -18.62
N GLN A 94 20.74 84.69 -17.95
CA GLN A 94 21.33 84.80 -16.64
C GLN A 94 20.77 83.69 -15.80
N MET A 95 21.62 83.10 -14.95
CA MET A 95 21.14 82.16 -13.95
C MET A 95 20.76 82.95 -12.71
N CYS A 96 19.69 82.51 -12.05
CA CYS A 96 19.20 83.16 -10.84
C CYS A 96 20.16 82.95 -9.68
N LEU A 97 20.13 83.86 -8.73
CA LEU A 97 21.10 83.83 -7.65
C LEU A 97 21.01 82.51 -6.92
N GLU A 98 19.81 81.95 -6.82
CA GLU A 98 19.65 80.68 -6.10
C GLU A 98 20.41 79.52 -6.78
N ASP A 99 20.21 79.32 -8.07
CA ASP A 99 20.90 78.22 -8.77
C ASP A 99 22.40 78.48 -8.81
N ALA A 100 22.77 79.74 -9.01
CA ALA A 100 24.17 80.10 -9.11
C ALA A 100 24.86 79.77 -7.78
N MET A 101 24.21 80.10 -6.67
CA MET A 101 24.71 79.73 -5.35
C MET A 101 24.62 78.23 -5.05
N TYR A 102 23.46 77.63 -5.33
CA TYR A 102 23.16 76.30 -4.77
C TYR A 102 23.12 75.15 -5.77
N GLY A 103 23.22 75.46 -7.05
CA GLY A 103 23.28 74.42 -8.05
C GLY A 103 21.96 74.15 -8.72
N THR A 104 22.07 73.60 -9.91
CA THR A 104 20.92 73.26 -10.74
C THR A 104 21.34 71.99 -11.49
N ASP A 105 20.56 71.56 -12.47
CA ASP A 105 21.03 70.45 -13.29
C ASP A 105 22.26 70.89 -14.09
N GLY A 106 23.38 70.21 -13.85
CA GLY A 106 24.62 70.46 -14.57
C GLY A 106 25.62 71.40 -13.90
N LEU A 107 25.28 71.91 -12.73
CA LEU A 107 26.16 72.83 -12.01
C LEU A 107 26.00 72.55 -10.52
N GLU A 108 27.06 72.04 -9.90
CA GLU A 108 27.15 71.82 -8.46
C GLU A 108 27.08 73.12 -7.66
N ALA A 109 26.90 72.99 -6.36
CA ALA A 109 26.80 74.14 -5.48
C ALA A 109 28.18 74.62 -5.21
N LEU A 110 28.30 75.86 -4.76
CA LEU A 110 29.58 76.34 -4.29
C LEU A 110 30.12 75.38 -3.22
N ASP A 111 31.43 75.13 -3.26
CA ASP A 111 32.10 74.34 -2.25
C ASP A 111 32.10 75.04 -0.86
N LEU A 112 31.30 74.53 0.09
CA LEU A 112 31.26 75.10 1.43
C LEU A 112 32.52 74.84 2.25
N SER A 113 33.36 73.92 1.79
CA SER A 113 34.54 73.54 2.56
C SER A 113 35.74 74.45 2.31
N THR A 114 35.58 75.39 1.40
CA THR A 114 36.70 76.20 1.01
C THR A 114 36.53 77.62 1.51
N SER A 115 37.60 78.41 1.43
CA SER A 115 37.57 79.84 1.80
C SER A 115 36.61 80.69 0.97
N ALA A 116 36.12 81.77 1.57
CA ALA A 116 35.28 82.72 0.85
C ALA A 116 36.11 83.89 0.31
N GLY A 117 37.39 83.94 0.70
CA GLY A 117 38.32 84.89 0.13
C GLY A 117 38.13 86.32 0.61
N TYR A 118 38.70 87.27 -0.12
CA TYR A 118 38.62 88.70 0.23
C TYR A 118 37.23 89.31 0.10
N PRO A 119 36.80 90.07 1.11
CA PRO A 119 37.45 90.43 2.37
C PRO A 119 37.01 89.54 3.51
N TYR A 120 36.13 88.59 3.17
CA TYR A 120 35.51 87.70 4.14
C TYR A 120 36.55 86.97 4.94
N VAL A 121 37.74 86.87 4.37
CA VAL A 121 38.80 86.09 4.96
C VAL A 121 39.55 86.89 6.00
N ALA A 122 39.62 88.21 5.78
CA ALA A 122 40.18 89.13 6.75
C ALA A 122 39.13 89.60 7.77
N MET A 123 37.93 89.05 7.69
CA MET A 123 36.89 89.37 8.66
C MET A 123 36.58 88.15 9.54
N GLY A 124 37.31 87.05 9.33
CA GLY A 124 36.99 85.78 9.97
C GLY A 124 35.59 85.28 9.67
N LYS A 125 35.19 85.44 8.41
CA LYS A 125 33.86 85.08 7.95
C LYS A 125 33.95 83.88 6.97
N LYS A 126 32.95 83.01 6.95
CA LYS A 126 33.05 81.76 6.19
C LYS A 126 31.85 81.50 5.27
N LYS A 127 32.05 80.65 4.24
CA LYS A 127 30.97 80.33 3.30
C LYS A 127 29.77 79.72 4.04
N ARG A 128 30.06 78.78 4.94
CA ARG A 128 29.03 78.17 5.78
C ARG A 128 28.23 79.20 6.56
N ASP A 129 28.88 80.29 6.94
CA ASP A 129 28.21 81.40 7.62
C ASP A 129 27.20 82.06 6.68
N ILE A 130 27.58 82.21 5.41
CA ILE A 130 26.75 82.92 4.46
C ILE A 130 25.71 82.03 3.76
N LEU A 131 26.12 80.81 3.42
CA LEU A 131 25.27 79.87 2.67
C LEU A 131 24.62 78.74 3.49
N ASN A 132 23.33 78.53 3.27
CA ASN A 132 22.61 77.41 3.85
C ASN A 132 22.01 76.51 2.76
N LYS A 133 22.63 75.35 2.54
CA LYS A 133 22.17 74.43 1.50
C LYS A 133 20.74 73.97 1.70
N GLN A 134 20.33 73.77 2.95
CA GLN A 134 19.02 73.22 3.25
C GLN A 134 17.90 74.16 2.85
N THR A 135 17.95 75.39 3.35
CA THR A 135 16.96 76.40 3.02
C THR A 135 17.23 77.08 1.67
N ARG A 136 18.47 77.04 1.21
CA ARG A 136 18.79 77.70 -0.04
C ARG A 136 18.52 79.21 0.07
N ASP A 137 18.96 79.77 1.19
CA ASP A 137 18.74 81.16 1.51
C ASP A 137 19.67 82.05 0.72
N THR A 138 19.09 82.99 -0.01
CA THR A 138 19.88 83.92 -0.81
C THR A 138 20.00 85.33 -0.18
N LYS A 139 19.10 85.67 0.73
CA LYS A 139 19.09 87.00 1.36
C LYS A 139 20.44 87.51 1.82
N GLU A 140 21.22 86.67 2.49
CA GLU A 140 22.52 87.10 2.99
C GLU A 140 23.55 87.39 1.87
N MET A 141 23.60 86.52 0.86
CA MET A 141 24.53 86.69 -0.24
C MET A 141 24.25 88.01 -0.98
N GLN A 142 22.97 88.32 -1.12
CA GLN A 142 22.56 89.40 -1.97
C GLN A 142 22.97 90.69 -1.27
N LYS A 143 22.86 90.70 0.05
CA LYS A 143 23.29 91.81 0.84
C LYS A 143 24.80 92.02 0.73
N LEU A 144 25.55 90.94 0.80
CA LEU A 144 27.00 91.03 0.66
C LEU A 144 27.43 91.48 -0.73
N LEU A 145 26.62 91.21 -1.75
CA LEU A 145 26.91 91.61 -3.13
C LEU A 145 26.62 93.09 -3.25
N ASP A 146 25.46 93.47 -2.79
CA ASP A 146 25.06 94.86 -2.65
C ASP A 146 26.07 95.67 -1.85
N THR A 147 26.69 95.04 -0.86
CA THR A 147 27.59 95.77 0.03
C THR A 147 29.02 95.91 -0.52
N TYR A 148 29.55 94.81 -1.05
CA TYR A 148 30.96 94.74 -1.46
C TYR A 148 31.17 94.63 -2.93
N GLY A 149 30.10 94.40 -3.67
CA GLY A 149 30.16 94.40 -5.13
C GLY A 149 30.98 93.25 -5.71
N ILE A 150 31.49 93.44 -6.92
CA ILE A 150 32.30 92.40 -7.55
C ILE A 150 33.67 92.93 -7.89
N ASN A 151 34.40 92.17 -8.67
CA ASN A 151 35.72 92.59 -9.11
C ASN A 151 36.66 92.88 -7.95
N LEU A 152 36.76 91.92 -7.05
CA LEU A 152 37.56 92.06 -5.85
C LEU A 152 38.97 91.48 -6.04
N PRO A 153 39.90 91.82 -5.14
CA PRO A 153 41.22 91.24 -5.37
C PRO A 153 41.17 89.76 -5.01
N LEU A 154 42.11 88.99 -5.57
CA LEU A 154 42.23 87.59 -5.21
C LEU A 154 43.21 87.45 -4.06
N VAL A 155 43.30 86.26 -3.47
CA VAL A 155 44.26 86.06 -2.40
C VAL A 155 45.16 84.91 -2.79
N THR A 156 46.44 85.22 -2.89
CA THR A 156 47.44 84.29 -3.36
C THR A 156 47.88 83.33 -2.28
N TYR A 157 47.85 82.03 -2.60
CA TYR A 157 48.35 80.99 -1.70
C TYR A 157 49.31 80.08 -2.46
N VAL A 158 50.18 79.38 -1.74
CA VAL A 158 50.98 78.33 -2.39
C VAL A 158 50.32 77.02 -2.11
N LYS A 159 50.17 76.20 -3.14
CA LYS A 159 49.46 74.94 -2.97
C LYS A 159 50.28 73.89 -2.22
N ASP A 160 49.70 73.31 -1.18
CA ASP A 160 50.27 72.16 -0.51
C ASP A 160 49.97 70.86 -1.27
N GLU A 161 50.98 70.28 -1.92
CA GLU A 161 50.77 69.14 -2.80
C GLU A 161 52.10 68.50 -3.09
N LEU A 162 52.09 67.22 -3.47
CA LEU A 162 53.32 66.53 -3.78
C LEU A 162 53.92 67.14 -5.03
N ARG A 163 55.24 67.20 -5.07
CA ARG A 163 55.97 67.79 -6.18
C ARG A 163 57.27 67.00 -6.31
N SER A 164 57.80 66.88 -7.52
CA SER A 164 59.05 66.12 -7.73
C SER A 164 60.28 66.75 -7.05
N LYS A 165 61.40 66.04 -7.10
CA LYS A 165 62.64 66.53 -6.52
C LYS A 165 63.13 67.86 -7.14
N THR A 166 63.28 67.91 -8.47
CA THR A 166 63.83 69.09 -9.10
C THR A 166 62.94 70.34 -9.00
N LYS A 167 61.64 70.16 -8.79
CA LYS A 167 60.72 71.29 -8.64
C LYS A 167 60.75 71.77 -7.20
N VAL A 168 61.23 70.92 -6.31
CA VAL A 168 61.38 71.33 -4.93
C VAL A 168 62.59 72.25 -4.81
N GLU A 169 63.71 71.79 -5.34
CA GLU A 169 64.95 72.56 -5.34
C GLU A 169 64.79 73.85 -6.14
N GLN A 170 64.11 73.79 -7.29
CA GLN A 170 63.91 74.98 -8.12
C GLN A 170 62.84 75.93 -7.62
N GLY A 171 62.20 75.58 -6.51
CA GLY A 171 61.09 76.37 -6.00
C GLY A 171 59.89 76.53 -6.93
N LYS A 172 59.73 75.60 -7.87
CA LYS A 172 58.55 75.56 -8.72
C LYS A 172 57.32 75.06 -7.94
N SER A 173 57.01 75.73 -6.84
CA SER A 173 55.78 75.48 -6.12
C SER A 173 54.71 76.25 -6.87
N ARG A 174 53.54 75.63 -7.04
CA ARG A 174 52.46 76.25 -7.77
C ARG A 174 51.58 77.17 -6.95
N LEU A 175 51.00 78.15 -7.64
CA LEU A 175 50.28 79.24 -7.00
C LEU A 175 48.75 79.16 -7.17
N ILE A 176 48.03 79.71 -6.21
CA ILE A 176 46.58 79.64 -6.12
C ILE A 176 45.99 81.02 -5.86
N GLU A 177 44.92 81.34 -6.58
CA GLU A 177 44.26 82.64 -6.48
C GLU A 177 42.86 82.53 -5.87
N ALA A 178 42.75 82.61 -4.55
CA ALA A 178 41.42 82.45 -3.98
C ALA A 178 40.48 83.49 -4.53
N SER A 179 39.62 83.05 -5.43
CA SER A 179 38.55 83.92 -5.92
C SER A 179 37.62 84.27 -4.77
N SER A 180 36.94 85.40 -4.91
CA SER A 180 36.04 85.89 -3.90
C SER A 180 34.69 85.26 -4.12
N LEU A 181 34.04 84.93 -3.01
CA LEU A 181 32.67 84.49 -3.00
C LEU A 181 31.78 85.35 -3.91
N ASN A 182 31.86 86.67 -3.77
CA ASN A 182 31.10 87.62 -4.60
C ASN A 182 31.31 87.40 -6.10
N ASP A 183 32.57 87.22 -6.48
CA ASP A 183 32.92 86.96 -7.88
C ASP A 183 32.51 85.57 -8.40
N SER A 184 32.71 84.51 -7.61
CA SER A 184 32.14 83.21 -7.95
C SER A 184 30.65 83.35 -8.21
N VAL A 185 29.95 84.02 -7.31
CA VAL A 185 28.51 84.09 -7.49
C VAL A 185 28.11 84.85 -8.75
N ALA A 186 28.72 86.03 -8.96
CA ALA A 186 28.49 86.81 -10.18
C ALA A 186 28.87 86.04 -11.46
N MET A 187 30.00 85.35 -11.41
CA MET A 187 30.42 84.57 -12.57
C MET A 187 29.41 83.45 -12.90
N ARG A 188 28.89 82.79 -11.86
CA ARG A 188 27.91 81.72 -12.11
C ARG A 188 26.53 82.24 -12.53
N MET A 189 26.14 83.40 -12.01
CA MET A 189 24.91 84.02 -12.47
C MET A 189 25.00 84.31 -13.97
N ALA A 190 26.16 84.74 -14.42
CA ALA A 190 26.30 85.16 -15.80
C ALA A 190 26.49 83.97 -16.72
N PHE A 191 27.24 83.00 -16.22
CA PHE A 191 27.78 81.95 -17.10
C PHE A 191 27.29 80.56 -16.76
N GLY A 192 26.45 80.47 -15.74
CA GLY A 192 25.97 79.18 -15.25
C GLY A 192 25.38 78.24 -16.29
N ASN A 193 24.62 78.79 -17.24
CA ASN A 193 23.99 77.97 -18.25
C ASN A 193 25.03 77.50 -19.26
N LEU A 194 26.08 78.30 -19.44
CA LEU A 194 27.23 77.83 -20.22
C LEU A 194 27.90 76.61 -19.55
N TYR A 195 28.36 76.77 -18.32
CA TYR A 195 29.00 75.67 -17.60
C TYR A 195 28.12 74.41 -17.59
N ALA A 196 26.81 74.59 -17.43
CA ALA A 196 25.93 73.45 -17.41
C ALA A 196 25.91 72.73 -18.75
N ALA A 197 25.86 73.49 -19.85
CA ALA A 197 25.84 72.91 -21.19
C ALA A 197 27.11 72.10 -21.43
N PHE A 198 28.24 72.65 -21.02
CA PHE A 198 29.49 71.94 -21.18
C PHE A 198 29.53 70.66 -20.34
N HIS A 199 29.04 70.73 -19.10
CA HIS A 199 29.13 69.55 -18.24
C HIS A 199 28.25 68.42 -18.76
N LYS A 200 27.15 68.78 -19.39
CA LYS A 200 26.25 67.77 -19.86
C LYS A 200 26.71 67.20 -21.20
N ASN A 201 27.65 67.85 -21.87
CA ASN A 201 28.04 67.41 -23.20
C ASN A 201 29.51 67.23 -23.46
N PRO A 202 30.16 66.37 -22.66
CA PRO A 202 31.55 66.07 -22.97
C PRO A 202 31.55 65.30 -24.29
N GLY A 203 32.55 65.55 -25.13
CA GLY A 203 32.55 65.00 -26.47
C GLY A 203 33.23 65.94 -27.44
N VAL A 204 33.03 65.72 -28.74
CA VAL A 204 33.74 66.48 -29.77
C VAL A 204 33.00 67.72 -30.26
N ILE A 205 31.79 67.97 -29.76
CA ILE A 205 31.05 69.17 -30.15
C ILE A 205 31.50 70.36 -29.31
N THR A 206 31.54 70.15 -28.00
CA THR A 206 32.07 71.15 -27.08
C THR A 206 33.60 71.18 -27.16
N GLY A 207 34.18 70.08 -27.67
CA GLY A 207 35.62 69.90 -27.66
C GLY A 207 36.22 69.89 -26.26
N SER A 208 35.43 69.46 -25.27
CA SER A 208 35.89 69.40 -23.88
C SER A 208 35.54 68.07 -23.17
N ALA A 209 36.41 67.66 -22.24
CA ALA A 209 36.21 66.42 -21.47
C ALA A 209 35.63 66.65 -20.07
N VAL A 210 35.54 67.91 -19.65
CA VAL A 210 34.90 68.27 -18.39
C VAL A 210 33.53 67.62 -18.33
N GLY A 211 33.26 66.88 -17.25
CA GLY A 211 32.01 66.17 -17.13
C GLY A 211 32.08 64.69 -17.51
N CYS A 212 33.23 64.21 -17.96
CA CYS A 212 33.32 62.80 -18.34
C CYS A 212 33.77 61.88 -17.20
N ASP A 213 33.52 60.60 -17.38
CA ASP A 213 34.00 59.56 -16.49
C ASP A 213 34.92 58.66 -17.28
N PRO A 214 36.22 58.85 -17.13
CA PRO A 214 37.19 58.01 -17.85
C PRO A 214 36.83 56.51 -17.95
N ASP A 215 36.36 55.88 -16.88
CA ASP A 215 36.07 54.44 -16.93
C ASP A 215 35.14 54.10 -18.06
N LEU A 216 34.33 55.08 -18.49
CA LEU A 216 33.29 54.86 -19.52
C LEU A 216 33.51 55.63 -20.81
N PHE A 217 34.08 56.82 -20.68
CA PHE A 217 34.28 57.74 -21.78
C PHE A 217 35.31 57.15 -22.70
N TRP A 218 36.32 56.51 -22.11
CA TRP A 218 37.42 55.95 -22.86
C TRP A 218 36.94 55.04 -23.99
N SER A 219 35.83 54.34 -23.78
CA SER A 219 35.30 53.48 -24.83
C SER A 219 34.61 54.26 -25.96
N LYS A 220 34.31 55.53 -25.68
CA LYS A 220 33.61 56.44 -26.60
C LYS A 220 34.59 57.25 -27.44
N ILE A 221 35.80 57.43 -26.93
CA ILE A 221 36.73 58.37 -27.54
C ILE A 221 37.32 57.95 -28.90
N PRO A 222 37.75 56.69 -29.02
CA PRO A 222 38.39 56.29 -30.28
C PRO A 222 37.42 56.34 -31.46
N VAL A 223 36.15 56.14 -31.16
CA VAL A 223 35.08 56.16 -32.14
C VAL A 223 34.75 57.58 -32.50
N LEU A 224 35.19 58.52 -31.69
CA LEU A 224 34.88 59.91 -31.94
C LEU A 224 36.04 60.55 -32.69
N MET A 225 37.23 60.01 -32.47
CA MET A 225 38.39 60.52 -33.18
C MET A 225 38.35 60.14 -34.67
N GLU A 226 39.02 60.95 -35.49
CA GLU A 226 39.20 60.68 -36.89
C GLU A 226 40.34 59.70 -36.97
N GLU A 227 40.74 59.37 -38.19
CA GLU A 227 41.67 58.27 -38.42
C GLU A 227 43.05 58.45 -37.78
N LYS A 228 43.48 59.70 -37.62
CA LYS A 228 44.87 60.00 -37.27
C LYS A 228 45.04 60.97 -36.09
N LEU A 229 45.79 60.56 -35.09
CA LEU A 229 45.90 61.31 -33.84
C LEU A 229 47.07 62.25 -33.81
N PHE A 230 46.94 63.34 -33.10
CA PHE A 230 48.07 64.14 -32.76
C PHE A 230 47.84 64.85 -31.45
N ALA A 231 48.93 65.29 -30.83
CA ALA A 231 48.85 65.84 -29.49
C ALA A 231 50.19 66.41 -29.18
N PHE A 232 50.24 67.23 -28.12
CA PHE A 232 51.48 67.86 -27.65
C PHE A 232 51.28 68.39 -26.23
N ASP A 233 52.36 68.83 -25.60
CA ASP A 233 52.25 69.52 -24.33
C ASP A 233 52.41 71.04 -24.51
N TYR A 234 51.84 71.80 -23.59
CA TYR A 234 52.26 73.18 -23.40
C TYR A 234 53.18 73.27 -22.20
N THR A 235 53.97 74.33 -22.15
CA THR A 235 54.69 74.68 -20.95
C THR A 235 54.09 75.97 -20.48
N GLY A 236 53.60 75.99 -19.25
CA GLY A 236 52.96 77.16 -18.69
C GLY A 236 51.87 77.75 -19.58
N TYR A 237 50.71 77.12 -19.54
CA TYR A 237 49.64 77.41 -20.50
C TYR A 237 48.89 78.68 -20.16
N ASP A 238 48.52 78.80 -18.88
CA ASP A 238 47.78 79.96 -18.39
C ASP A 238 48.65 81.20 -18.48
N ALA A 239 49.87 81.06 -17.98
CA ALA A 239 50.85 82.14 -18.01
C ALA A 239 51.11 82.68 -19.41
N SER A 240 51.05 81.81 -20.40
CA SER A 240 51.44 82.15 -21.75
C SER A 240 50.28 82.65 -22.59
N LEU A 241 49.08 82.68 -22.04
CA LEU A 241 47.94 83.17 -22.83
C LEU A 241 47.95 84.70 -22.93
N SER A 242 48.09 85.19 -24.16
CA SER A 242 48.14 86.61 -24.43
C SER A 242 46.73 87.14 -24.65
N PRO A 243 46.56 88.47 -24.47
CA PRO A 243 45.24 89.11 -24.58
C PRO A 243 44.44 88.71 -25.81
N ALA A 244 45.12 88.41 -26.91
CA ALA A 244 44.44 88.05 -28.15
C ALA A 244 43.51 86.85 -27.93
N TRP A 245 43.97 85.89 -27.15
CA TRP A 245 43.16 84.71 -26.86
C TRP A 245 41.92 85.09 -26.09
N PHE A 246 42.02 86.05 -25.17
CA PHE A 246 40.85 86.45 -24.41
C PHE A 246 39.84 87.21 -25.26
N GLU A 247 40.32 88.05 -26.16
CA GLU A 247 39.44 88.66 -27.15
C GLU A 247 38.76 87.60 -28.02
N ALA A 248 39.52 86.63 -28.50
CA ALA A 248 38.92 85.62 -29.35
C ALA A 248 37.82 84.90 -28.59
N LEU A 249 38.06 84.64 -27.30
CA LEU A 249 37.08 83.98 -26.41
C LEU A 249 35.80 84.79 -26.32
N LYS A 250 35.95 86.06 -25.93
CA LYS A 250 34.86 87.03 -25.96
C LYS A 250 34.05 86.98 -27.26
N MET A 251 34.74 87.02 -28.40
CA MET A 251 34.07 86.83 -29.69
C MET A 251 33.22 85.56 -29.79
N VAL A 252 33.71 84.45 -29.24
CA VAL A 252 32.94 83.20 -29.27
C VAL A 252 31.71 83.42 -28.42
N LEU A 253 31.92 84.02 -27.25
CA LEU A 253 30.80 84.30 -26.37
C LEU A 253 29.75 85.23 -27.02
N GLU A 254 30.15 86.36 -27.60
CA GLU A 254 29.19 87.13 -28.40
C GLU A 254 28.46 86.22 -29.42
N LYS A 255 29.21 85.44 -30.18
CA LYS A 255 28.62 84.58 -31.21
C LYS A 255 27.57 83.58 -30.73
N ILE A 256 27.74 82.99 -29.55
CA ILE A 256 26.70 82.07 -29.06
C ILE A 256 25.68 82.68 -28.12
N GLY A 257 25.75 83.98 -27.88
CA GLY A 257 24.65 84.64 -27.19
C GLY A 257 24.89 85.26 -25.82
N PHE A 258 26.15 85.31 -25.39
CA PHE A 258 26.52 85.91 -24.10
C PHE A 258 27.09 87.32 -24.25
N GLY A 259 26.72 88.02 -25.31
CA GLY A 259 27.35 89.28 -25.65
C GLY A 259 27.42 90.26 -24.49
N ASP A 260 26.29 90.38 -23.79
CA ASP A 260 26.13 91.31 -22.70
C ASP A 260 27.05 91.12 -21.49
N ARG A 261 27.62 89.93 -21.30
CA ARG A 261 28.55 89.75 -20.16
C ARG A 261 30.00 89.35 -20.48
N VAL A 262 30.49 89.72 -21.66
CA VAL A 262 31.90 89.53 -21.99
C VAL A 262 32.80 90.51 -21.23
N ASP A 263 32.21 91.52 -20.61
CA ASP A 263 32.96 92.41 -19.74
C ASP A 263 33.50 91.64 -18.55
N TYR A 264 32.83 90.55 -18.19
CA TYR A 264 33.35 89.70 -17.11
C TYR A 264 34.71 89.15 -17.50
N ILE A 265 34.94 88.97 -18.79
CA ILE A 265 36.21 88.42 -19.24
C ILE A 265 37.34 89.44 -19.11
N ASP A 266 37.04 90.70 -19.39
CA ASP A 266 38.01 91.77 -19.19
C ASP A 266 38.40 91.79 -17.74
N TYR A 267 37.41 91.72 -16.85
CA TYR A 267 37.67 91.84 -15.42
C TYR A 267 38.67 90.78 -15.00
N LEU A 268 38.50 89.59 -15.55
CA LEU A 268 39.42 88.48 -15.31
C LEU A 268 40.84 88.81 -15.76
N ASN A 269 40.96 89.65 -16.79
CA ASN A 269 42.25 90.04 -17.40
C ASN A 269 43.03 91.11 -16.66
N HIS A 270 42.35 91.93 -15.88
CA HIS A 270 43.06 92.87 -15.03
C HIS A 270 42.67 92.57 -13.62
N SER A 271 43.63 92.06 -12.86
CA SER A 271 43.32 91.52 -11.54
C SER A 271 44.38 91.89 -10.52
N HIS A 272 43.93 92.25 -9.32
CA HIS A 272 44.85 92.52 -8.23
C HIS A 272 44.85 91.33 -7.29
N HIS A 273 46.05 90.94 -6.87
CA HIS A 273 46.25 89.83 -5.97
C HIS A 273 46.94 90.33 -4.72
N LEU A 274 46.50 89.90 -3.54
CA LEU A 274 47.23 90.14 -2.29
C LEU A 274 47.95 88.88 -1.85
N TYR A 275 49.28 88.90 -1.88
CA TYR A 275 50.08 87.80 -1.37
C TYR A 275 50.85 88.25 -0.12
N LYS A 276 50.62 87.54 0.98
CA LYS A 276 51.29 87.85 2.24
C LYS A 276 51.18 89.32 2.63
N ASN A 277 52.30 90.02 2.60
CA ASN A 277 52.37 91.41 3.06
C ASN A 277 52.35 92.42 1.92
N LYS A 278 52.18 91.96 0.70
CA LYS A 278 52.15 92.86 -0.44
C LYS A 278 50.90 92.73 -1.29
N THR A 279 50.95 93.31 -2.48
CA THR A 279 49.81 93.40 -3.39
C THR A 279 50.29 93.63 -4.79
N TYR A 280 50.03 92.69 -5.70
CA TYR A 280 50.39 92.92 -7.09
C TYR A 280 49.23 93.12 -8.05
N CYS A 281 49.58 93.35 -9.31
CA CYS A 281 48.58 93.58 -10.34
C CYS A 281 49.05 92.96 -11.62
N VAL A 282 48.27 92.00 -12.09
CA VAL A 282 48.62 91.31 -13.30
C VAL A 282 47.72 91.93 -14.33
N LYS A 283 48.23 92.02 -15.56
CA LYS A 283 47.44 92.45 -16.70
C LYS A 283 47.58 91.34 -17.73
N GLY A 284 46.46 90.91 -18.30
CA GLY A 284 46.44 89.70 -19.10
C GLY A 284 46.33 88.45 -18.23
N GLY A 285 46.03 87.32 -18.83
CA GLY A 285 45.88 86.11 -18.07
C GLY A 285 44.62 86.04 -17.21
N MET A 286 44.22 84.81 -16.91
CA MET A 286 43.01 84.51 -16.15
C MET A 286 43.41 83.79 -14.85
N PRO A 287 43.01 84.33 -13.70
CA PRO A 287 43.41 83.60 -12.49
C PRO A 287 42.77 82.19 -12.45
N SER A 288 43.54 81.18 -12.06
CA SER A 288 43.06 79.80 -12.05
C SER A 288 42.05 79.53 -10.92
N GLY A 289 42.09 80.34 -9.87
CA GLY A 289 41.15 80.18 -8.78
C GLY A 289 39.82 80.83 -9.10
N CYS A 290 39.61 81.23 -10.34
CA CYS A 290 38.33 81.84 -10.73
C CYS A 290 37.28 80.88 -11.32
N SER A 291 36.02 81.30 -11.26
CA SER A 291 34.92 80.49 -11.77
C SER A 291 35.00 80.37 -13.26
N GLY A 292 34.75 79.17 -13.77
CA GLY A 292 34.77 78.91 -15.20
C GLY A 292 36.13 78.77 -15.86
N THR A 293 37.21 79.01 -15.10
CA THR A 293 38.54 78.81 -15.67
C THR A 293 38.61 77.51 -16.42
N SER A 294 38.30 76.42 -15.76
CA SER A 294 38.39 75.13 -16.43
C SER A 294 37.70 75.08 -17.79
N ILE A 295 36.49 75.57 -17.88
CA ILE A 295 35.78 75.61 -19.15
C ILE A 295 36.38 76.62 -20.15
N PHE A 296 36.71 77.83 -19.67
CA PHE A 296 37.29 78.83 -20.54
C PHE A 296 38.62 78.38 -21.14
N ASN A 297 39.48 77.80 -20.32
CA ASN A 297 40.73 77.25 -20.83
C ASN A 297 40.52 76.14 -21.89
N SER A 298 39.50 75.30 -21.72
CA SER A 298 39.23 74.27 -22.71
C SER A 298 38.77 74.92 -24.00
N MET A 299 37.96 75.96 -23.85
CA MET A 299 37.48 76.75 -24.98
C MET A 299 38.64 77.39 -25.72
N ILE A 300 39.61 77.93 -24.99
CA ILE A 300 40.73 78.59 -25.65
C ILE A 300 41.55 77.56 -26.45
N ASN A 301 41.85 76.41 -25.82
CA ASN A 301 42.51 75.32 -26.52
C ASN A 301 41.87 75.01 -27.86
N ASN A 302 40.56 75.04 -27.93
CA ASN A 302 39.87 74.69 -29.16
C ASN A 302 40.09 75.71 -30.24
N LEU A 303 40.31 76.97 -29.82
CA LEU A 303 40.61 78.07 -30.70
C LEU A 303 42.07 78.01 -31.09
N ILE A 304 42.94 77.85 -30.09
CA ILE A 304 44.37 77.73 -30.33
C ILE A 304 44.69 76.65 -31.38
N ILE A 305 44.15 75.47 -31.20
CA ILE A 305 44.39 74.41 -32.16
C ILE A 305 43.86 74.78 -33.56
N ARG A 306 42.57 75.04 -33.69
CA ARG A 306 42.02 75.53 -34.95
C ARG A 306 42.95 76.58 -35.58
N THR A 307 43.44 77.53 -34.77
CA THR A 307 44.26 78.62 -35.33
C THR A 307 45.47 78.03 -36.02
N LEU A 308 46.17 77.13 -35.32
CA LEU A 308 47.42 76.58 -35.83
C LEU A 308 47.23 75.64 -37.01
N LEU A 309 46.11 74.94 -37.06
CA LEU A 309 45.90 74.06 -38.20
C LEU A 309 45.68 74.87 -39.47
N LEU A 310 44.94 75.97 -39.35
CA LEU A 310 44.63 76.84 -40.48
C LEU A 310 45.87 77.56 -40.99
N LYS A 311 46.68 78.03 -40.07
CA LYS A 311 47.97 78.64 -40.41
C LYS A 311 48.94 77.66 -41.10
N THR A 312 49.06 76.46 -40.54
CA THR A 312 50.06 75.48 -40.97
C THR A 312 49.64 74.72 -42.22
N TYR A 313 48.39 74.28 -42.29
CA TYR A 313 47.95 73.51 -43.45
C TYR A 313 46.94 74.28 -44.31
N LYS A 314 47.37 74.58 -45.53
CA LYS A 314 46.51 75.29 -46.45
C LYS A 314 45.32 74.42 -46.85
N GLY A 315 44.12 74.95 -46.65
CA GLY A 315 42.90 74.30 -47.06
C GLY A 315 42.49 73.11 -46.22
N ILE A 316 43.04 73.02 -45.01
CA ILE A 316 42.59 72.01 -44.06
C ILE A 316 41.10 72.25 -43.75
N ASP A 317 40.31 71.19 -43.76
CA ASP A 317 38.89 71.31 -43.45
C ASP A 317 38.64 71.11 -41.96
N LEU A 318 38.37 72.21 -41.26
CA LEU A 318 38.17 72.11 -39.83
C LEU A 318 36.98 71.22 -39.49
N ASP A 319 36.08 71.02 -40.44
CA ASP A 319 34.95 70.13 -40.23
C ASP A 319 35.34 68.66 -39.99
N HIS A 320 36.60 68.34 -40.24
CA HIS A 320 37.09 66.99 -39.98
C HIS A 320 38.08 67.02 -38.83
N LEU A 321 38.03 68.10 -38.06
CA LEU A 321 38.77 68.16 -36.83
C LEU A 321 37.94 67.51 -35.71
N LYS A 322 38.57 66.63 -34.96
CA LYS A 322 37.93 66.05 -33.78
C LYS A 322 38.91 66.12 -32.63
N MET A 323 38.62 66.98 -31.66
CA MET A 323 39.46 67.12 -30.47
C MET A 323 38.64 67.25 -29.18
N ILE A 324 39.22 66.80 -28.09
CA ILE A 324 38.59 66.91 -26.79
C ILE A 324 39.65 67.46 -25.91
N ALA A 325 39.38 68.60 -25.29
CA ALA A 325 40.33 69.19 -24.36
C ALA A 325 39.81 69.15 -22.93
N TYR A 326 40.75 69.12 -21.99
CA TYR A 326 40.44 69.35 -20.59
C TYR A 326 41.44 70.39 -20.12
N GLY A 327 41.10 71.67 -20.29
CA GLY A 327 42.02 72.77 -20.04
C GLY A 327 43.13 72.77 -21.09
N ASP A 328 44.39 72.78 -20.66
CA ASP A 328 45.43 72.62 -21.69
C ASP A 328 45.54 71.16 -22.24
N ASP A 329 45.26 70.17 -21.40
CA ASP A 329 45.36 68.82 -21.85
C ASP A 329 44.42 68.68 -23.04
N VAL A 330 44.90 68.04 -24.09
CA VAL A 330 44.12 67.77 -25.29
C VAL A 330 44.49 66.42 -25.92
N ILE A 331 43.52 65.81 -26.60
CA ILE A 331 43.78 64.74 -27.55
C ILE A 331 43.02 65.10 -28.83
N ALA A 332 43.69 65.04 -29.98
CA ALA A 332 43.13 65.58 -31.23
C ALA A 332 43.31 64.62 -32.41
N SER A 333 42.39 64.70 -33.37
CA SER A 333 42.44 63.84 -34.53
C SER A 333 42.04 64.55 -35.83
N TYR A 334 42.46 63.99 -36.96
CA TYR A 334 42.17 64.50 -38.30
C TYR A 334 42.35 63.33 -39.28
N PRO A 335 41.59 63.34 -40.40
CA PRO A 335 41.53 62.16 -41.27
C PRO A 335 42.88 61.82 -41.91
N HIS A 336 43.74 62.84 -42.06
CA HIS A 336 45.09 62.65 -42.55
C HIS A 336 46.04 63.16 -41.50
N GLU A 337 47.30 62.77 -41.58
CA GLU A 337 48.22 62.99 -40.47
C GLU A 337 48.80 64.40 -40.40
N VAL A 338 48.84 64.95 -39.19
CA VAL A 338 49.41 66.27 -38.95
C VAL A 338 50.64 66.20 -38.03
N ASP A 339 51.57 67.10 -38.31
CA ASP A 339 52.90 67.12 -37.74
C ASP A 339 52.85 68.13 -36.59
N ALA A 340 52.92 67.65 -35.36
CA ALA A 340 52.80 68.55 -34.21
C ALA A 340 54.02 69.44 -34.04
N SER A 341 55.15 69.01 -34.60
CA SER A 341 56.34 69.85 -34.60
C SER A 341 56.08 71.10 -35.45
N LEU A 342 55.35 70.91 -36.56
CA LEU A 342 54.97 72.00 -37.43
C LEU A 342 53.90 72.84 -36.75
N LEU A 343 53.00 72.17 -36.03
CA LEU A 343 52.01 72.88 -35.26
C LEU A 343 52.67 73.68 -34.13
N ALA A 344 53.62 73.04 -33.45
CA ALA A 344 54.42 73.71 -32.43
C ALA A 344 55.19 74.89 -33.02
N GLN A 345 55.51 74.78 -34.30
CA GLN A 345 56.22 75.83 -35.02
C GLN A 345 55.48 77.18 -34.98
N SER A 346 54.30 77.21 -35.56
CA SER A 346 53.47 78.41 -35.60
C SER A 346 53.06 78.88 -34.21
N GLY A 347 52.98 77.95 -33.26
CA GLY A 347 52.64 78.29 -31.89
C GLY A 347 53.69 79.19 -31.26
N LYS A 348 54.91 79.11 -31.78
CA LYS A 348 55.98 79.98 -31.33
C LYS A 348 55.56 81.43 -31.51
N ASP A 349 54.90 81.69 -32.64
CA ASP A 349 54.53 83.05 -33.03
C ASP A 349 53.38 83.63 -32.20
N TYR A 350 52.69 82.80 -31.43
CA TYR A 350 51.59 83.28 -30.63
C TYR A 350 51.85 83.27 -29.12
N GLY A 351 53.10 83.08 -28.72
CA GLY A 351 53.45 82.98 -27.31
C GLY A 351 53.37 81.56 -26.72
N LEU A 352 52.95 80.61 -27.55
CA LEU A 352 52.73 79.24 -27.12
C LEU A 352 53.98 78.36 -27.15
N THR A 353 54.33 77.80 -26.00
CA THR A 353 55.43 76.85 -25.88
C THR A 353 54.91 75.40 -25.98
N MET A 354 55.06 74.79 -27.15
CA MET A 354 54.49 73.46 -27.39
C MET A 354 55.57 72.38 -27.53
N THR A 355 55.56 71.41 -26.63
CA THR A 355 56.57 70.37 -26.59
C THR A 355 55.98 68.97 -26.84
N PRO A 356 56.81 68.05 -27.35
CA PRO A 356 56.31 66.70 -27.60
C PRO A 356 55.44 66.24 -26.45
N ALA A 357 54.39 65.49 -26.77
CA ALA A 357 53.49 65.01 -25.75
C ALA A 357 54.17 63.94 -24.91
N ASP A 358 53.92 63.97 -23.60
CA ASP A 358 54.48 62.95 -22.71
C ASP A 358 56.00 63.04 -22.58
N LYS A 359 56.49 64.25 -22.42
CA LYS A 359 57.88 64.51 -22.05
C LYS A 359 58.92 63.86 -22.95
N SER A 360 58.47 63.36 -24.10
CA SER A 360 59.37 62.74 -25.07
C SER A 360 60.43 63.73 -25.57
N ALA A 361 61.61 63.22 -25.90
CA ALA A 361 62.67 64.05 -26.43
C ALA A 361 62.24 64.65 -27.75
N THR A 362 61.59 63.81 -28.57
CA THR A 362 61.24 64.21 -29.92
C THR A 362 59.75 64.13 -30.17
N PHE A 363 59.29 64.90 -31.15
CA PHE A 363 57.94 64.80 -31.64
C PHE A 363 57.88 63.49 -32.39
N GLU A 364 56.95 62.63 -32.03
CA GLU A 364 56.85 61.34 -32.66
C GLU A 364 55.42 61.04 -33.05
N THR A 365 55.23 60.10 -33.97
CA THR A 365 53.88 59.80 -34.38
C THR A 365 53.10 59.39 -33.14
N VAL A 366 51.94 60.03 -32.95
CA VAL A 366 51.05 59.70 -31.86
C VAL A 366 50.20 58.54 -32.29
N THR A 367 50.24 57.50 -31.46
CA THR A 367 49.58 56.23 -31.75
C THR A 367 48.64 55.84 -30.62
N TRP A 368 47.67 54.98 -30.91
CA TRP A 368 46.76 54.49 -29.89
C TRP A 368 47.46 53.77 -28.75
N GLU A 369 48.75 53.46 -28.93
CA GLU A 369 49.51 52.76 -27.90
C GLU A 369 50.33 53.73 -27.05
N ASN A 370 50.49 54.96 -27.56
CA ASN A 370 51.31 55.94 -26.85
C ASN A 370 50.58 57.21 -26.42
N VAL A 371 49.42 57.49 -27.02
CA VAL A 371 48.68 58.71 -26.67
C VAL A 371 48.20 58.65 -25.23
N THR A 372 48.27 59.79 -24.52
CA THR A 372 47.67 59.84 -23.20
C THR A 372 46.82 61.08 -23.01
N PHE A 373 45.73 60.92 -22.28
CA PHE A 373 44.81 62.01 -21.97
C PHE A 373 44.50 61.90 -20.47
N LEU A 374 44.45 63.03 -19.78
CA LEU A 374 44.18 63.00 -18.34
C LEU A 374 45.08 62.00 -17.64
N LYS A 375 46.31 61.89 -18.13
CA LYS A 375 47.34 61.04 -17.53
C LYS A 375 47.18 59.55 -17.73
N ARG A 376 46.15 59.13 -18.48
CA ARG A 376 45.88 57.70 -18.66
C ARG A 376 46.08 57.21 -20.09
N PHE A 377 46.37 55.92 -20.23
CA PHE A 377 46.56 55.32 -21.53
C PHE A 377 45.27 54.67 -22.03
N PHE A 378 45.26 54.25 -23.29
CA PHE A 378 44.11 53.57 -23.87
C PHE A 378 44.52 52.15 -24.22
N ARG A 379 43.75 51.17 -23.75
CA ARG A 379 44.09 49.75 -23.97
C ARG A 379 42.82 48.94 -24.02
N ALA A 380 42.54 48.34 -25.17
CA ALA A 380 41.37 47.50 -25.32
C ALA A 380 41.40 46.34 -24.34
N ASP A 381 40.25 46.04 -23.80
CA ASP A 381 40.09 44.86 -23.00
C ASP A 381 40.48 43.67 -23.86
N GLU A 382 40.96 42.60 -23.22
CA GLU A 382 41.46 41.44 -23.96
C GLU A 382 40.31 40.63 -24.49
N LYS A 383 39.20 40.66 -23.76
CA LYS A 383 38.04 39.86 -24.13
C LYS A 383 37.00 40.66 -24.91
N TYR A 384 36.76 41.90 -24.51
CA TYR A 384 35.84 42.78 -25.22
C TYR A 384 36.58 43.97 -25.81
N PRO A 385 37.13 43.81 -27.02
CA PRO A 385 38.03 44.80 -27.61
C PRO A 385 37.40 46.18 -27.81
N PHE A 386 36.07 46.29 -27.92
CA PHE A 386 35.46 47.60 -28.08
C PHE A 386 35.46 48.44 -26.78
N LEU A 387 35.61 47.74 -25.65
CA LEU A 387 35.73 48.38 -24.34
C LEU A 387 37.17 48.73 -24.01
N ILE A 388 37.43 50.02 -23.77
CA ILE A 388 38.79 50.50 -23.58
C ILE A 388 39.00 50.90 -22.12
N HIS A 389 40.10 50.42 -21.53
CA HIS A 389 40.48 50.77 -20.19
C HIS A 389 41.23 52.07 -20.24
N PRO A 390 40.94 52.99 -19.29
CA PRO A 390 41.84 54.14 -19.09
C PRO A 390 42.97 53.70 -18.17
N VAL A 391 44.19 53.63 -18.66
CA VAL A 391 45.25 53.01 -17.87
C VAL A 391 46.22 53.99 -17.27
N MET A 392 46.03 54.29 -16.00
CA MET A 392 47.02 55.07 -15.28
C MET A 392 48.20 54.20 -14.83
N PRO A 393 49.41 54.72 -15.01
CA PRO A 393 50.55 53.88 -14.66
C PRO A 393 50.84 53.84 -13.16
N MET A 394 51.23 52.66 -12.69
CA MET A 394 51.47 52.38 -11.27
C MET A 394 52.45 53.32 -10.58
N LYS A 395 53.38 53.86 -11.37
CA LYS A 395 54.33 54.86 -10.86
C LYS A 395 53.63 55.95 -10.07
N GLU A 396 52.51 56.42 -10.60
CA GLU A 396 51.78 57.57 -10.10
C GLU A 396 50.99 57.19 -8.88
N ILE A 397 50.42 55.99 -8.94
CA ILE A 397 49.67 55.44 -7.82
C ILE A 397 50.63 55.19 -6.64
N HIS A 398 51.85 54.79 -6.99
CA HIS A 398 52.92 54.59 -6.00
C HIS A 398 53.26 55.89 -5.30
N GLU A 399 53.43 56.96 -6.07
CA GLU A 399 53.69 58.30 -5.49
C GLU A 399 52.59 58.69 -4.49
N SER A 400 51.34 58.52 -4.89
CA SER A 400 50.25 58.96 -4.03
C SER A 400 50.20 58.21 -2.71
N ILE A 401 50.50 56.91 -2.74
CA ILE A 401 50.16 56.08 -1.60
C ILE A 401 51.10 56.30 -0.41
N ARG A 402 52.28 56.84 -0.72
CA ARG A 402 53.38 56.98 0.24
C ARG A 402 53.15 58.19 1.11
N TRP A 403 52.02 58.86 0.89
CA TRP A 403 51.71 60.08 1.64
C TRP A 403 50.26 60.16 2.08
N THR A 404 49.98 61.03 3.06
CA THR A 404 48.64 61.19 3.61
C THR A 404 48.52 62.59 4.24
N LYS A 405 47.29 63.12 4.32
CA LYS A 405 47.06 64.41 4.97
C LYS A 405 46.29 64.16 6.23
N ASP A 406 46.22 62.90 6.62
CA ASP A 406 45.46 62.48 7.78
C ASP A 406 45.22 60.98 7.67
N PRO A 407 45.89 60.20 8.54
CA PRO A 407 45.87 58.74 8.47
C PRO A 407 44.48 58.18 8.68
N ARG A 408 43.58 58.97 9.27
CA ARG A 408 42.19 58.58 9.37
C ARG A 408 41.62 58.22 8.00
N ASN A 409 42.29 58.65 6.94
CA ASN A 409 41.81 58.49 5.57
C ASN A 409 42.37 57.29 4.80
N THR A 410 43.31 56.57 5.40
CA THR A 410 43.99 55.46 4.74
C THR A 410 43.11 54.49 3.93
N GLN A 411 41.98 54.11 4.51
CA GLN A 411 41.10 53.18 3.84
C GLN A 411 40.43 53.80 2.58
N ASP A 412 39.84 54.98 2.74
CA ASP A 412 39.24 55.72 1.62
C ASP A 412 40.28 55.97 0.54
N HIS A 413 41.44 56.46 0.96
CA HIS A 413 42.52 56.81 0.06
C HIS A 413 42.88 55.60 -0.78
N VAL A 414 43.53 54.62 -0.14
CA VAL A 414 43.95 53.36 -0.79
C VAL A 414 42.91 52.65 -1.65
N ARG A 415 41.68 52.63 -1.18
CA ARG A 415 40.62 52.01 -1.95
C ARG A 415 40.44 52.80 -3.24
N SER A 416 40.55 54.12 -3.20
CA SER A 416 40.41 54.94 -4.38
C SER A 416 41.50 54.64 -5.41
N LEU A 417 42.74 54.54 -4.94
CA LEU A 417 43.84 54.14 -5.79
C LEU A 417 43.65 52.76 -6.42
N CYS A 418 42.88 51.87 -5.79
CA CYS A 418 42.62 50.55 -6.40
C CYS A 418 41.71 50.65 -7.61
N LEU A 419 40.81 51.63 -7.60
CA LEU A 419 39.89 51.85 -8.71
C LEU A 419 40.65 52.42 -9.91
N LEU A 420 41.85 52.92 -9.63
CA LEU A 420 42.68 53.43 -10.71
C LEU A 420 43.58 52.35 -11.25
N ALA A 421 44.03 51.45 -10.38
CA ALA A 421 45.16 50.56 -10.65
C ALA A 421 44.83 49.25 -11.32
N TRP A 422 43.60 48.77 -11.17
CA TRP A 422 43.25 47.45 -11.70
C TRP A 422 43.20 47.46 -13.22
N HIS A 423 43.12 48.64 -13.82
CA HIS A 423 43.13 48.74 -15.27
C HIS A 423 44.47 48.32 -15.81
N ASN A 424 45.51 48.36 -14.97
CA ASN A 424 46.84 47.86 -15.35
C ASN A 424 46.84 46.35 -15.51
N GLY A 425 45.77 45.69 -15.07
CA GLY A 425 45.64 44.27 -15.25
C GLY A 425 45.79 43.41 -13.99
N GLU A 426 45.13 42.26 -14.04
CA GLU A 426 45.10 41.32 -12.92
C GLU A 426 46.47 40.98 -12.29
N GLU A 427 47.43 40.63 -13.12
CA GLU A 427 48.76 40.32 -12.60
C GLU A 427 49.42 41.52 -11.91
N GLU A 428 49.24 42.72 -12.44
CA GLU A 428 49.84 43.91 -11.85
C GLU A 428 49.03 44.41 -10.64
N TYR A 429 47.71 44.30 -10.73
CA TYR A 429 46.83 44.66 -9.61
C TYR A 429 47.07 43.80 -8.37
N ASN A 430 47.10 42.47 -8.55
CA ASN A 430 47.41 41.54 -7.47
C ASN A 430 48.77 41.81 -6.79
N LYS A 431 49.80 42.10 -7.58
CA LYS A 431 51.08 42.53 -7.03
C LYS A 431 50.85 43.71 -6.08
N PHE A 432 50.02 44.66 -6.49
CA PHE A 432 49.72 45.86 -5.71
C PHE A 432 49.16 45.47 -4.36
N LEU A 433 48.16 44.60 -4.38
CA LEU A 433 47.56 44.12 -3.14
C LEU A 433 48.58 43.33 -2.29
N ALA A 434 49.56 42.71 -2.94
CA ALA A 434 50.63 42.05 -2.21
C ALA A 434 51.31 43.06 -1.29
N LYS A 435 52.04 43.98 -1.89
CA LYS A 435 52.71 45.06 -1.15
C LYS A 435 51.83 45.74 -0.08
N ILE A 436 50.66 46.23 -0.47
CA ILE A 436 49.80 46.91 0.50
C ILE A 436 49.65 46.01 1.72
N ARG A 437 49.47 44.73 1.46
CA ARG A 437 49.29 43.74 2.51
C ARG A 437 50.61 43.33 3.17
N SER A 438 51.73 43.78 2.63
CA SER A 438 53.02 43.41 3.19
C SER A 438 53.27 44.10 4.53
N VAL A 439 52.35 44.98 4.91
CA VAL A 439 52.41 45.63 6.22
C VAL A 439 51.10 45.42 6.96
N PRO A 440 51.12 45.48 8.30
CA PRO A 440 49.94 45.16 9.10
C PRO A 440 48.73 46.04 8.80
N ILE A 441 48.89 47.36 8.77
CA ILE A 441 47.77 48.27 8.52
C ILE A 441 47.05 47.97 7.20
N GLY A 442 47.82 47.61 6.17
CA GLY A 442 47.26 47.08 4.92
C GLY A 442 46.26 45.94 5.11
N ARG A 443 46.59 45.00 6.00
CA ARG A 443 45.72 43.85 6.22
C ARG A 443 44.51 44.25 7.03
N ALA A 444 44.38 45.53 7.35
CA ALA A 444 43.17 45.98 8.04
C ALA A 444 42.20 46.55 7.02
N LEU A 445 42.69 46.67 5.79
CA LEU A 445 41.96 47.41 4.80
C LEU A 445 41.17 46.50 3.89
N ASP A 446 39.87 46.76 3.77
CA ASP A 446 39.06 46.02 2.83
C ASP A 446 39.27 46.51 1.38
N LEU A 447 39.98 45.70 0.60
CA LEU A 447 40.29 46.03 -0.77
C LEU A 447 39.60 45.06 -1.74
N PRO A 448 38.94 45.62 -2.78
CA PRO A 448 38.24 44.84 -3.83
C PRO A 448 39.15 43.90 -4.63
N GLU A 449 38.60 42.80 -5.10
CA GLU A 449 39.39 41.90 -5.92
C GLU A 449 39.23 42.18 -7.42
N TYR A 450 40.29 41.91 -8.19
CA TYR A 450 40.27 42.19 -9.63
C TYR A 450 38.94 41.82 -10.29
N SER A 451 38.45 40.63 -9.97
CA SER A 451 37.23 40.11 -10.55
C SER A 451 36.02 40.93 -10.16
N THR A 452 36.01 41.45 -8.94
CA THR A 452 34.92 42.31 -8.53
C THR A 452 34.96 43.59 -9.34
N LEU A 453 36.16 44.18 -9.45
CA LEU A 453 36.33 45.42 -10.16
C LEU A 453 35.99 45.24 -11.64
N TYR A 454 36.34 44.07 -12.17
CA TYR A 454 36.13 43.74 -13.58
C TYR A 454 34.64 43.57 -13.95
N ARG A 455 33.91 42.89 -13.10
CA ARG A 455 32.51 42.70 -13.32
C ARG A 455 31.79 44.02 -13.26
N ARG A 456 32.22 44.88 -12.35
CA ARG A 456 31.59 46.14 -12.05
C ARG A 456 31.75 47.00 -13.27
N TRP A 457 32.94 46.88 -13.86
CA TRP A 457 33.25 47.64 -15.05
C TRP A 457 32.35 47.21 -16.22
N LEU A 458 32.39 45.93 -16.57
CA LEU A 458 31.52 45.40 -17.63
C LEU A 458 30.05 45.74 -17.39
N ASP A 459 29.62 45.63 -16.16
CA ASP A 459 28.24 45.96 -15.83
C ASP A 459 27.94 47.42 -16.05
N SER A 460 28.88 48.29 -15.70
CA SER A 460 28.60 49.71 -15.80
C SER A 460 28.31 50.17 -17.23
N PHE A 461 28.54 49.28 -18.20
CA PHE A 461 28.30 49.59 -19.61
C PHE A 461 26.89 49.28 -20.06
N GLY E 1 -24.03 9.91 0.29
CA GLY E 1 -23.55 9.42 1.57
C GLY E 1 -24.51 8.44 2.20
N GLU E 2 -23.95 7.41 2.84
CA GLU E 2 -24.79 6.39 3.46
C GLU E 2 -24.01 5.52 4.41
N ILE E 3 -24.25 5.69 5.71
CA ILE E 3 -23.61 4.82 6.67
C ILE E 3 -23.97 3.38 6.36
N GLN E 4 -23.04 2.48 6.65
CA GLN E 4 -23.15 1.06 6.31
C GLN E 4 -22.99 0.27 7.58
N TRP E 5 -22.54 0.94 8.64
CA TRP E 5 -22.52 0.33 9.96
C TRP E 5 -21.72 1.14 10.96
N MET E 6 -22.09 1.06 12.23
CA MET E 6 -21.27 1.56 13.33
C MET E 6 -20.94 0.37 14.23
N ARG E 7 -20.20 0.61 15.31
CA ARG E 7 -19.86 -0.42 16.27
C ARG E 7 -18.65 -0.03 17.08
N PRO E 8 -18.66 -0.32 18.39
CA PRO E 8 -17.46 -0.03 19.18
C PRO E 8 -16.22 -0.46 18.42
N SER E 9 -15.25 0.43 18.34
CA SER E 9 -14.07 0.17 17.53
C SER E 9 -13.16 -0.79 18.25
N LYS E 10 -13.50 -1.12 19.49
CA LYS E 10 -12.67 -2.03 20.31
C LYS E 10 -12.74 -3.42 19.70
N GLU E 11 -13.91 -3.74 19.17
CA GLU E 11 -14.15 -5.06 18.63
C GLU E 11 -13.69 -5.14 17.18
N VAL E 12 -12.89 -4.16 16.76
CA VAL E 12 -12.29 -4.19 15.43
C VAL E 12 -10.83 -3.70 15.45
N GLY E 13 -10.28 -3.58 16.66
CA GLY E 13 -8.89 -3.23 16.84
C GLY E 13 -8.53 -1.82 16.38
N TYR E 14 -9.35 -0.84 16.76
CA TYR E 14 -9.05 0.57 16.47
C TYR E 14 -9.04 1.39 17.76
N PRO E 15 -8.22 2.44 17.80
CA PRO E 15 -8.00 3.21 19.02
C PRO E 15 -9.21 4.06 19.37
N ILE E 16 -9.40 4.30 20.66
CA ILE E 16 -10.31 5.34 21.09
C ILE E 16 -9.61 6.67 20.81
N ILE E 17 -10.38 7.69 20.47
CA ILE E 17 -9.80 8.98 20.07
C ILE E 17 -10.50 10.15 20.76
N ASN E 18 -9.74 10.87 21.58
CA ASN E 18 -10.32 11.93 22.40
C ASN E 18 -10.39 13.29 21.73
N ALA E 19 -11.52 13.56 21.11
CA ALA E 19 -11.81 14.89 20.59
C ALA E 19 -11.76 15.89 21.73
N PRO E 20 -11.23 17.09 21.47
CA PRO E 20 -11.37 18.12 22.51
C PRO E 20 -12.85 18.39 22.65
N SER E 21 -13.26 18.93 23.79
CA SER E 21 -14.68 18.97 24.12
C SER E 21 -15.15 20.39 24.40
N LYS E 22 -14.23 21.33 24.33
CA LYS E 22 -14.57 22.73 24.61
C LYS E 22 -14.23 23.66 23.46
N THR E 23 -15.13 24.60 23.20
CA THR E 23 -14.90 25.61 22.18
C THR E 23 -13.69 26.45 22.52
N LYS E 24 -13.14 27.11 21.50
CA LYS E 24 -11.99 27.96 21.69
C LYS E 24 -12.38 29.42 21.42
N LEU E 25 -13.57 29.60 20.83
CA LEU E 25 -14.18 30.91 20.68
C LEU E 25 -14.56 31.50 22.04
N GLU E 26 -14.29 32.79 22.19
CA GLU E 26 -14.55 33.55 23.41
C GLU E 26 -15.03 34.93 22.97
N PRO E 27 -15.94 35.56 23.73
CA PRO E 27 -16.38 36.88 23.26
C PRO E 27 -15.25 37.89 23.15
N SER E 28 -15.45 38.82 22.23
CA SER E 28 -14.45 39.77 21.81
C SER E 28 -14.55 41.05 22.62
N ALA E 29 -13.54 41.90 22.52
CA ALA E 29 -13.67 43.27 22.97
C ALA E 29 -14.94 43.87 22.38
N PHE E 30 -15.30 43.42 21.19
CA PHE E 30 -16.34 44.08 20.41
C PHE E 30 -17.68 43.34 20.43
N HIS E 31 -17.87 42.51 21.45
CA HIS E 31 -19.06 41.66 21.53
C HIS E 31 -20.32 42.49 21.63
N TYR E 32 -20.24 43.61 22.35
CA TYR E 32 -21.42 44.40 22.68
C TYR E 32 -21.50 45.64 21.84
N VAL E 33 -20.38 46.01 21.24
CA VAL E 33 -20.32 47.11 20.28
C VAL E 33 -21.17 46.83 19.05
N PHE E 34 -21.16 45.57 18.62
CA PHE E 34 -21.85 45.12 17.40
C PHE E 34 -22.85 44.06 17.76
N GLU E 35 -23.96 44.02 17.02
CA GLU E 35 -24.95 42.98 17.23
C GLU E 35 -24.61 41.74 16.40
N GLY E 36 -25.26 40.62 16.69
CA GLY E 36 -25.07 39.41 15.89
C GLY E 36 -25.78 38.21 16.50
N VAL E 37 -26.26 37.31 15.65
CA VAL E 37 -27.12 36.22 16.11
C VAL E 37 -26.40 34.86 16.21
N LYS E 38 -25.08 34.87 16.01
CA LYS E 38 -24.32 33.62 15.90
C LYS E 38 -23.51 33.34 17.15
N GLU E 39 -23.21 32.05 17.35
CA GLU E 39 -22.48 31.58 18.52
C GLU E 39 -21.78 30.27 18.17
N PRO E 40 -20.80 29.88 19.00
CA PRO E 40 -20.05 28.62 18.88
C PRO E 40 -20.95 27.42 18.61
N ALA E 41 -20.49 26.50 17.76
CA ALA E 41 -21.30 25.35 17.41
C ALA E 41 -21.23 24.34 18.53
N VAL E 42 -22.27 23.51 18.64
CA VAL E 42 -22.28 22.44 19.62
C VAL E 42 -21.11 21.49 19.37
N LEU E 43 -20.33 21.24 20.42
CA LEU E 43 -19.18 20.34 20.33
C LEU E 43 -19.38 18.95 20.97
N THR E 44 -20.39 18.82 21.83
CA THR E 44 -20.64 17.57 22.57
C THR E 44 -22.12 17.22 22.67
N LYS E 45 -22.38 16.03 23.20
CA LYS E 45 -23.74 15.52 23.39
C LYS E 45 -24.41 16.21 24.57
N ASN E 46 -23.60 16.50 25.60
CA ASN E 46 -24.12 17.09 26.82
C ASN E 46 -24.05 18.62 26.84
N ASP E 47 -24.76 19.25 25.89
CA ASP E 47 -24.73 20.69 25.74
C ASP E 47 -26.11 21.24 26.05
N PRO E 48 -26.23 22.01 27.14
CA PRO E 48 -27.43 22.72 27.61
C PRO E 48 -28.25 23.41 26.53
N ARG E 49 -27.61 23.95 25.49
CA ARG E 49 -28.33 24.68 24.44
C ARG E 49 -29.12 23.78 23.48
N LEU E 50 -28.94 22.47 23.61
CA LEU E 50 -29.47 21.50 22.65
C LEU E 50 -30.98 21.22 22.74
N LYS E 51 -31.68 21.37 21.62
CA LYS E 51 -33.10 21.06 21.58
C LYS E 51 -33.34 19.77 20.80
N THR E 52 -32.43 18.81 20.94
CA THR E 52 -32.50 17.61 20.11
C THR E 52 -31.30 16.73 20.39
N ASP E 53 -31.30 15.50 19.88
CA ASP E 53 -30.15 14.62 20.13
C ASP E 53 -29.00 14.92 19.17
N PHE E 54 -27.82 15.15 19.74
CA PHE E 54 -26.64 15.49 18.96
C PHE E 54 -26.36 14.47 17.86
N GLU E 55 -25.80 13.34 18.25
CA GLU E 55 -25.30 12.38 17.29
C GLU E 55 -26.34 12.10 16.20
N GLU E 56 -27.60 12.02 16.58
CA GLU E 56 -28.66 11.87 15.59
C GLU E 56 -28.55 13.00 14.57
N ALA E 57 -28.30 14.20 15.08
CA ALA E 57 -28.22 15.41 14.24
C ALA E 57 -27.00 15.41 13.31
N ILE E 58 -25.80 15.27 13.87
CA ILE E 58 -24.58 15.32 13.06
C ILE E 58 -24.43 14.18 12.03
N PHE E 59 -25.12 13.07 12.25
CA PHE E 59 -25.08 11.96 11.31
C PHE E 59 -26.31 11.91 10.40
N SER E 60 -27.17 12.92 10.53
CA SER E 60 -28.38 12.97 9.72
C SER E 60 -28.09 13.21 8.22
N LYS E 61 -26.95 13.81 7.89
CA LYS E 61 -26.69 14.21 6.49
C LYS E 61 -26.58 13.06 5.47
N TYR E 62 -26.12 11.89 5.91
CA TYR E 62 -25.97 10.75 4.99
C TYR E 62 -27.34 10.22 4.54
N VAL E 63 -27.87 10.82 3.48
CA VAL E 63 -29.28 10.66 3.08
C VAL E 63 -29.63 9.50 2.14
N GLY E 64 -28.63 8.84 1.57
CA GLY E 64 -28.88 7.73 0.64
C GLY E 64 -28.44 7.99 -0.79
N ASN E 65 -28.73 7.05 -1.69
CA ASN E 65 -28.22 7.13 -3.06
C ASN E 65 -29.29 6.99 -4.15
N LYS E 66 -29.75 8.12 -4.65
CA LYS E 66 -30.73 8.14 -5.74
C LYS E 66 -30.32 7.29 -6.95
N ILE E 67 -29.10 7.49 -7.45
CA ILE E 67 -28.68 6.82 -8.66
C ILE E 67 -27.29 6.23 -8.53
N THR E 68 -26.85 5.50 -9.55
CA THR E 68 -25.54 4.85 -9.54
C THR E 68 -25.06 4.67 -10.98
N GLU E 69 -25.97 4.82 -11.93
CA GLU E 69 -25.64 4.61 -13.32
C GLU E 69 -25.47 5.93 -14.06
N VAL E 70 -24.46 5.99 -14.90
CA VAL E 70 -24.24 7.21 -15.65
C VAL E 70 -25.09 7.20 -16.92
N ASP E 71 -26.23 7.90 -16.89
CA ASP E 71 -27.05 7.97 -18.09
C ASP E 71 -26.41 8.85 -19.16
N GLU E 72 -27.14 9.05 -20.25
CA GLU E 72 -26.55 9.62 -21.46
C GLU E 72 -26.47 11.15 -21.47
N TYR E 73 -27.21 11.79 -20.56
CA TYR E 73 -27.01 13.22 -20.36
C TYR E 73 -25.71 13.47 -19.57
N MET E 74 -25.52 12.70 -18.49
CA MET E 74 -24.24 12.69 -17.77
C MET E 74 -23.09 12.40 -18.73
N LYS E 75 -23.26 11.42 -19.61
CA LYS E 75 -22.21 11.03 -20.55
C LYS E 75 -21.80 12.19 -21.43
N GLU E 76 -22.78 12.93 -21.95
CA GLU E 76 -22.47 14.05 -22.85
C GLU E 76 -21.82 15.18 -22.08
N ALA E 77 -22.33 15.42 -20.88
CA ALA E 77 -21.72 16.38 -19.96
C ALA E 77 -20.24 16.04 -19.78
N VAL E 78 -19.96 14.85 -19.24
CA VAL E 78 -18.60 14.32 -19.19
C VAL E 78 -17.80 14.65 -20.45
N ASP E 79 -18.36 14.33 -21.61
CA ASP E 79 -17.67 14.55 -22.87
C ASP E 79 -17.36 16.02 -23.02
N HIS E 80 -18.35 16.86 -22.70
CA HIS E 80 -18.17 18.29 -22.94
C HIS E 80 -17.19 18.94 -21.98
N TYR E 81 -17.29 18.59 -20.71
CA TYR E 81 -16.39 19.14 -19.71
C TYR E 81 -14.94 18.69 -19.98
N ALA E 82 -14.77 17.41 -20.29
CA ALA E 82 -13.44 16.86 -20.47
C ALA E 82 -12.73 17.55 -21.62
N GLY E 83 -13.50 17.90 -22.64
CA GLY E 83 -12.96 18.53 -23.84
C GLY E 83 -12.45 19.93 -23.57
N GLN E 84 -13.12 20.65 -22.67
CA GLN E 84 -12.63 21.96 -22.22
C GLN E 84 -11.29 21.84 -21.49
N LEU E 85 -11.20 20.91 -20.55
CA LEU E 85 -9.98 20.71 -19.77
C LEU E 85 -8.84 20.35 -20.70
N MET E 86 -9.13 19.61 -21.76
CA MET E 86 -8.11 19.17 -22.69
C MET E 86 -7.35 20.37 -23.25
N SER E 87 -8.02 21.53 -23.30
CA SER E 87 -7.40 22.74 -23.85
C SER E 87 -6.40 23.41 -22.91
N LEU E 88 -6.22 22.86 -21.72
CA LEU E 88 -5.28 23.41 -20.76
C LEU E 88 -3.92 22.71 -20.76
N ASP E 89 -3.83 21.61 -21.50
CA ASP E 89 -2.58 20.85 -21.65
C ASP E 89 -2.01 20.39 -20.31
N ILE E 90 -2.89 19.87 -19.47
CA ILE E 90 -2.51 19.47 -18.12
C ILE E 90 -1.51 18.33 -18.09
N ASN E 91 -0.36 18.59 -17.47
CA ASN E 91 0.64 17.57 -17.22
C ASN E 91 0.03 16.37 -16.49
N THR E 92 0.09 15.19 -17.11
CA THR E 92 -0.61 14.00 -16.62
C THR E 92 0.28 13.08 -15.80
N GLU E 93 1.50 13.51 -15.55
CA GLU E 93 2.47 12.67 -14.85
C GLU E 93 2.32 12.66 -13.34
N GLN E 94 2.66 11.53 -12.73
CA GLN E 94 2.78 11.47 -11.28
C GLN E 94 3.65 12.59 -10.83
N MET E 95 3.30 13.20 -9.70
CA MET E 95 4.19 14.16 -9.05
C MET E 95 5.12 13.39 -8.10
N CYS E 96 6.37 13.83 -8.02
CA CYS E 96 7.38 13.20 -7.19
C CYS E 96 7.07 13.44 -5.72
N LEU E 97 7.59 12.57 -4.87
CA LEU E 97 7.20 12.60 -3.48
C LEU E 97 7.62 13.93 -2.90
N GLU E 98 8.70 14.51 -3.41
CA GLU E 98 9.17 15.78 -2.86
C GLU E 98 8.19 16.93 -3.10
N ASP E 99 7.73 17.08 -4.33
CA ASP E 99 6.81 18.19 -4.66
C ASP E 99 5.49 17.92 -3.97
N ALA E 100 5.09 16.66 -3.96
CA ALA E 100 3.80 16.30 -3.39
C ALA E 100 3.81 16.66 -1.91
N MET E 101 4.93 16.39 -1.23
CA MET E 101 5.08 16.76 0.16
C MET E 101 5.29 18.26 0.37
N TYR E 102 6.18 18.85 -0.43
CA TYR E 102 6.70 20.20 -0.11
C TYR E 102 6.28 21.34 -1.04
N GLY E 103 5.57 21.02 -2.11
CA GLY E 103 5.04 22.05 -2.95
C GLY E 103 5.89 22.28 -4.18
N THR E 104 5.24 22.82 -5.20
CA THR E 104 5.86 23.12 -6.48
C THR E 104 5.13 24.37 -6.97
N ASP E 105 5.34 24.78 -8.20
CA ASP E 105 4.54 25.88 -8.72
C ASP E 105 3.10 25.43 -8.84
N GLY E 106 2.21 26.12 -8.13
CA GLY E 106 0.78 25.85 -8.18
C GLY E 106 0.21 24.92 -7.11
N LEU E 107 1.08 24.42 -6.23
CA LEU E 107 0.63 23.53 -5.16
C LEU E 107 1.47 23.84 -3.92
N GLU E 108 0.82 24.33 -2.88
CA GLU E 108 1.42 24.60 -1.58
C GLU E 108 1.89 23.33 -0.90
N ALA E 109 2.66 23.50 0.17
CA ALA E 109 3.16 22.38 0.93
C ALA E 109 2.07 21.90 1.83
N LEU E 110 2.16 20.64 2.28
CA LEU E 110 1.27 20.18 3.32
C LEU E 110 1.29 21.17 4.51
N ASP E 111 0.12 21.44 5.08
CA ASP E 111 -0.01 22.23 6.30
C ASP E 111 0.67 21.54 7.50
N LEU E 112 1.80 22.08 7.95
CA LEU E 112 2.46 21.55 9.15
C LEU E 112 1.72 21.82 10.45
N SER E 113 0.76 22.73 10.42
CA SER E 113 0.08 23.14 11.66
C SER E 113 -1.09 22.23 12.01
N THR E 114 -1.38 21.27 11.16
CA THR E 114 -2.56 20.46 11.36
C THR E 114 -2.15 19.03 11.74
N SER E 115 -3.13 18.25 12.20
CA SER E 115 -2.92 16.83 12.53
C SER E 115 -2.46 15.97 11.36
N ALA E 116 -1.77 14.88 11.67
CA ALA E 116 -1.35 13.92 10.67
C ALA E 116 -2.31 12.73 10.61
N GLY E 117 -3.24 12.70 11.55
CA GLY E 117 -4.34 11.75 11.51
C GLY E 117 -3.93 10.34 11.85
N TYR E 118 -4.79 9.38 11.53
CA TYR E 118 -4.55 7.95 11.81
C TYR E 118 -3.38 7.35 11.05
N PRO E 119 -2.51 6.60 11.75
CA PRO E 119 -2.50 6.26 13.17
C PRO E 119 -1.58 7.17 13.95
N TYR E 120 -0.97 8.09 13.22
CA TYR E 120 0.03 9.01 13.76
C TYR E 120 -0.52 9.76 14.95
N VAL E 121 -1.84 9.86 15.00
CA VAL E 121 -2.50 10.67 16.01
C VAL E 121 -2.65 9.87 17.29
N ALA E 122 -2.81 8.55 17.14
CA ALA E 122 -2.86 7.65 18.29
C ALA E 122 -1.46 7.19 18.70
N MET E 123 -0.43 7.74 18.07
CA MET E 123 0.95 7.44 18.45
C MET E 123 1.62 8.67 19.03
N GLY E 124 0.87 9.76 19.17
CA GLY E 124 1.44 11.05 19.57
C GLY E 124 2.53 11.54 18.63
N LYS E 125 2.30 11.37 17.34
CA LYS E 125 3.27 11.70 16.31
C LYS E 125 2.73 12.88 15.46
N LYS E 126 3.61 13.74 14.96
CA LYS E 126 3.16 14.98 14.30
C LYS E 126 3.78 15.24 12.93
N LYS E 127 3.11 16.05 12.11
CA LYS E 127 3.62 16.35 10.76
C LYS E 127 5.01 16.97 10.84
N ARG E 128 5.17 17.92 11.76
CA ARG E 128 6.47 18.55 12.00
C ARG E 128 7.55 17.53 12.33
N ASP E 129 7.17 16.43 12.99
CA ASP E 129 8.09 15.35 13.28
C ASP E 129 8.52 14.68 12.00
N ILE E 130 7.58 14.49 11.07
CA ILE E 130 7.88 13.77 9.83
C ILE E 130 8.48 14.64 8.72
N LEU E 131 7.97 15.87 8.59
CA LEU E 131 8.36 16.78 7.50
C LEU E 131 9.30 17.91 7.89
N ASN E 132 10.33 18.11 7.08
CA ASN E 132 11.24 19.24 7.25
C ASN E 132 11.25 20.12 5.99
N LYS E 133 10.61 21.28 6.08
CA LYS E 133 10.51 22.18 4.93
C LYS E 133 11.88 22.62 4.42
N GLN E 134 12.81 22.85 5.34
CA GLN E 134 14.11 23.39 4.98
C GLN E 134 14.92 22.45 4.12
N THR E 135 15.12 21.23 4.61
CA THR E 135 15.83 20.20 3.88
C THR E 135 14.97 19.48 2.83
N ARG E 136 13.65 19.52 2.99
CA ARG E 136 12.78 18.86 2.04
C ARG E 136 13.07 17.36 2.02
N ASP E 137 13.22 16.81 3.23
CA ASP E 137 13.58 15.42 3.43
C ASP E 137 12.39 14.50 3.19
N THR E 138 12.56 13.56 2.29
CA THR E 138 11.49 12.63 1.98
C THR E 138 11.67 11.25 2.62
N LYS E 139 12.90 10.92 3.02
CA LYS E 139 13.22 9.60 3.59
C LYS E 139 12.25 9.10 4.65
N GLU E 140 11.86 9.95 5.57
CA GLU E 140 10.95 9.52 6.62
C GLU E 140 9.51 9.23 6.13
N MET E 141 8.98 10.10 5.26
CA MET E 141 7.65 9.90 4.72
C MET E 141 7.57 8.57 3.96
N GLN E 142 8.63 8.27 3.22
CA GLN E 142 8.61 7.15 2.33
C GLN E 142 8.59 5.87 3.16
N LYS E 143 9.27 5.90 4.29
CA LYS E 143 9.29 4.78 5.19
C LYS E 143 7.92 4.57 5.80
N LEU E 144 7.27 5.65 6.18
CA LEU E 144 5.92 5.58 6.77
C LEU E 144 4.89 5.10 5.75
N LEU E 145 5.12 5.38 4.47
CA LEU E 145 4.23 4.93 3.40
C LEU E 145 4.42 3.44 3.20
N ASP E 146 5.68 3.06 3.05
CA ASP E 146 6.10 1.69 3.00
C ASP E 146 5.58 0.89 4.21
N THR E 147 5.49 1.54 5.35
CA THR E 147 5.13 0.83 6.56
C THR E 147 3.62 0.69 6.77
N TYR E 148 2.88 1.79 6.53
CA TYR E 148 1.45 1.85 6.83
C TYR E 148 0.57 1.93 5.61
N GLY E 149 1.17 2.17 4.46
CA GLY E 149 0.42 2.13 3.21
C GLY E 149 -0.57 3.27 3.08
N ILE E 150 -1.58 3.07 2.23
CA ILE E 150 -2.59 4.09 2.04
C ILE E 150 -3.96 3.56 2.40
N ASN E 151 -4.99 4.30 2.03
CA ASN E 151 -6.36 3.87 2.26
C ASN E 151 -6.65 3.60 3.74
N LEU E 152 -6.30 4.56 4.58
CA LEU E 152 -6.47 4.46 6.00
C LEU E 152 -7.80 5.05 6.48
N PRO E 153 -8.20 4.73 7.72
CA PRO E 153 -9.47 5.33 8.14
C PRO E 153 -9.25 6.82 8.40
N LEU E 154 -10.33 7.58 8.32
CA LEU E 154 -10.30 8.99 8.68
C LEU E 154 -10.63 9.15 10.15
N VAL E 155 -10.41 10.33 10.69
CA VAL E 155 -10.77 10.57 12.09
C VAL E 155 -11.75 11.72 12.15
N THR E 156 -12.93 11.42 12.65
CA THR E 156 -14.04 12.34 12.69
C THR E 156 -13.92 13.34 13.84
N TYR E 157 -14.06 14.62 13.51
CA TYR E 157 -14.08 15.67 14.51
C TYR E 157 -15.29 16.58 14.29
N VAL E 158 -15.69 17.32 15.32
CA VAL E 158 -16.72 18.32 15.12
C VAL E 158 -16.03 19.66 15.04
N LYS E 159 -16.37 20.44 14.02
CA LYS E 159 -15.68 21.70 13.81
C LYS E 159 -16.07 22.78 14.84
N ASP E 160 -15.05 23.38 15.46
CA ASP E 160 -15.25 24.54 16.33
C ASP E 160 -15.36 25.83 15.48
N GLU E 161 -16.55 26.39 15.38
CA GLU E 161 -16.81 27.50 14.49
C GLU E 161 -18.11 28.15 14.85
N LEU E 162 -18.28 29.42 14.46
CA LEU E 162 -19.52 30.12 14.76
C LEU E 162 -20.62 29.51 13.95
N ARG E 163 -21.80 29.42 14.55
CA ARG E 163 -22.96 28.82 13.93
C ARG E 163 -24.18 29.62 14.40
N SER E 164 -25.21 29.73 13.57
CA SER E 164 -26.42 30.49 13.96
C SER E 164 -27.18 29.87 15.13
N LYS E 165 -28.20 30.59 15.61
CA LYS E 165 -29.03 30.11 16.72
C LYS E 165 -29.75 28.77 16.42
N THR E 166 -30.49 28.71 15.33
CA THR E 166 -31.29 27.50 15.06
C THR E 166 -30.43 26.26 14.76
N LYS E 167 -29.18 26.44 14.33
CA LYS E 167 -28.31 25.31 14.05
C LYS E 167 -27.64 24.86 15.34
N VAL E 168 -27.66 25.73 16.34
CA VAL E 168 -27.13 25.34 17.63
C VAL E 168 -28.15 24.43 18.31
N GLU E 169 -29.40 24.89 18.36
CA GLU E 169 -30.48 24.12 18.95
C GLU E 169 -30.71 22.80 18.20
N GLN E 170 -30.64 22.83 16.87
CA GLN E 170 -30.86 21.62 16.07
C GLN E 170 -29.66 20.69 16.04
N GLY E 171 -28.58 21.07 16.70
CA GLY E 171 -27.35 20.28 16.63
C GLY E 171 -26.76 20.09 15.24
N LYS E 172 -27.05 21.01 14.33
CA LYS E 172 -26.40 21.04 13.01
C LYS E 172 -24.95 21.53 13.12
N SER E 173 -24.16 20.88 13.96
CA SER E 173 -22.73 21.14 14.03
C SER E 173 -22.13 20.37 12.87
N ARG E 174 -21.20 20.99 12.16
CA ARG E 174 -20.57 20.34 11.01
C ARG E 174 -19.41 19.42 11.36
N LEU E 175 -19.23 18.41 10.49
CA LEU E 175 -18.27 17.34 10.72
C LEU E 175 -17.02 17.42 9.84
N ILE E 176 -15.93 16.88 10.37
CA ILE E 176 -14.59 16.93 9.77
C ILE E 176 -13.94 15.55 9.76
N GLU E 177 -13.34 15.20 8.62
CA GLU E 177 -12.71 13.90 8.42
C GLU E 177 -11.19 14.04 8.31
N ALA E 178 -10.47 14.01 9.41
CA ALA E 178 -9.03 14.14 9.30
C ALA E 178 -8.47 13.08 8.37
N SER E 179 -8.12 13.50 7.16
CA SER E 179 -7.40 12.63 6.26
C SER E 179 -6.03 12.31 6.84
N SER E 180 -5.49 11.17 6.41
CA SER E 180 -4.22 10.67 6.90
C SER E 180 -3.12 11.28 6.06
N LEU E 181 -2.03 11.61 6.74
CA LEU E 181 -0.82 12.06 6.08
C LEU E 181 -0.48 11.19 4.88
N ASN E 182 -0.47 9.87 5.07
CA ASN E 182 -0.19 8.91 3.99
C ASN E 182 -1.08 9.10 2.77
N ASP E 183 -2.37 9.24 3.02
CA ASP E 183 -3.34 9.51 1.96
C ASP E 183 -3.22 10.89 1.28
N SER E 184 -3.04 11.97 2.06
CA SER E 184 -2.71 13.26 1.45
C SER E 184 -1.51 13.11 0.51
N VAL E 185 -0.47 12.45 0.98
CA VAL E 185 0.73 12.38 0.16
C VAL E 185 0.50 11.60 -1.13
N ALA E 186 -0.12 10.42 -1.01
CA ALA E 186 -0.50 9.62 -2.18
C ALA E 186 -1.44 10.38 -3.14
N MET E 187 -2.43 11.05 -2.59
CA MET E 187 -3.34 11.82 -3.42
C MET E 187 -2.61 12.91 -4.19
N ARG E 188 -1.68 13.60 -3.53
CA ARG E 188 -0.91 14.65 -4.23
C ARG E 188 0.10 14.11 -5.25
N MET E 189 0.70 12.97 -4.96
CA MET E 189 1.58 12.33 -5.93
C MET E 189 0.78 12.02 -7.19
N ALA E 190 -0.45 11.55 -7.03
CA ALA E 190 -1.23 11.13 -8.19
C ALA E 190 -1.80 12.32 -8.92
N PHE E 191 -2.26 13.32 -8.16
CA PHE E 191 -3.14 14.33 -8.71
C PHE E 191 -2.55 15.72 -8.71
N GLY E 192 -1.33 15.83 -8.24
CA GLY E 192 -0.69 17.12 -8.02
C GLY E 192 -0.66 18.04 -9.22
N ASN E 193 -0.39 17.47 -10.38
CA ASN E 193 -0.36 18.28 -11.59
C ASN E 193 -1.76 18.74 -11.99
N LEU E 194 -2.77 17.95 -11.67
CA LEU E 194 -4.14 18.40 -11.81
C LEU E 194 -4.42 19.62 -10.93
N TYR E 195 -4.20 19.49 -9.61
CA TYR E 195 -4.47 20.61 -8.71
C TYR E 195 -3.73 21.88 -9.16
N ALA E 196 -2.52 21.69 -9.65
CA ALA E 196 -1.70 22.82 -10.01
C ALA E 196 -2.32 23.53 -11.20
N ALA E 197 -2.78 22.75 -12.19
CA ALA E 197 -3.38 23.31 -13.39
C ALA E 197 -4.62 24.11 -13.04
N PHE E 198 -5.43 23.56 -12.13
CA PHE E 198 -6.61 24.28 -11.70
C PHE E 198 -6.26 25.56 -10.97
N HIS E 199 -5.25 25.52 -10.09
CA HIS E 199 -4.93 26.71 -9.31
C HIS E 199 -4.38 27.83 -10.20
N LYS E 200 -3.72 27.44 -11.26
CA LYS E 200 -3.15 28.44 -12.14
C LYS E 200 -4.19 29.02 -13.11
N ASN E 201 -5.34 28.36 -13.23
CA ASN E 201 -6.32 28.79 -14.24
C ASN E 201 -7.72 28.94 -13.76
N PRO E 202 -7.93 29.82 -12.78
CA PRO E 202 -9.30 30.13 -12.41
C PRO E 202 -9.91 30.85 -13.59
N GLY E 203 -11.19 30.61 -13.87
CA GLY E 203 -11.82 31.13 -15.07
C GLY E 203 -12.89 30.18 -15.56
N VAL E 204 -13.28 30.34 -16.83
CA VAL E 204 -14.42 29.60 -17.37
C VAL E 204 -13.99 28.35 -18.14
N ILE E 205 -12.68 28.12 -18.27
CA ILE E 205 -12.21 26.90 -18.93
C ILE E 205 -12.22 25.73 -17.96
N THR E 206 -11.62 25.93 -16.79
CA THR E 206 -11.68 24.96 -15.71
C THR E 206 -13.06 24.95 -15.07
N GLY E 207 -13.81 26.06 -15.25
CA GLY E 207 -15.07 26.27 -14.56
C GLY E 207 -14.95 26.30 -13.04
N SER E 208 -13.79 26.75 -12.55
CA SER E 208 -13.55 26.81 -11.11
C SER E 208 -12.93 28.14 -10.68
N ALA E 209 -13.27 28.58 -9.46
CA ALA E 209 -12.72 29.81 -8.89
C ALA E 209 -11.54 29.61 -7.93
N VAL E 210 -11.26 28.35 -7.57
CA VAL E 210 -10.11 28.01 -6.73
C VAL E 210 -8.86 28.63 -7.34
N GLY E 211 -8.11 29.38 -6.52
CA GLY E 211 -6.97 30.12 -7.02
C GLY E 211 -7.21 31.59 -7.37
N CYS E 212 -8.43 32.08 -7.22
CA CYS E 212 -8.70 33.48 -7.54
C CYS E 212 -8.57 34.41 -6.35
N ASP E 213 -8.40 35.70 -6.64
CA ASP E 213 -8.42 36.76 -5.64
C ASP E 213 -9.62 37.65 -5.94
N PRO E 214 -10.71 37.47 -5.21
CA PRO E 214 -11.92 38.29 -5.42
C PRO E 214 -11.65 39.80 -5.68
N ASP E 215 -10.74 40.44 -4.97
CA ASP E 215 -10.51 41.88 -5.17
C ASP E 215 -10.21 42.20 -6.62
N LEU E 216 -9.72 41.21 -7.36
CA LEU E 216 -9.26 41.40 -8.73
C LEU E 216 -10.07 40.62 -9.77
N PHE E 217 -10.54 39.46 -9.36
CA PHE E 217 -11.20 38.49 -10.22
C PHE E 217 -12.55 39.05 -10.56
N TRP E 218 -13.16 39.72 -9.58
CA TRP E 218 -14.49 40.27 -9.75
C TRP E 218 -14.61 41.16 -10.99
N SER E 219 -13.53 41.86 -11.34
CA SER E 219 -13.54 42.71 -12.53
C SER E 219 -13.44 41.88 -13.82
N LYS E 220 -13.04 40.62 -13.69
CA LYS E 220 -12.88 39.69 -14.82
C LYS E 220 -14.12 38.89 -15.09
N ILE E 221 -14.97 38.73 -14.07
CA ILE E 221 -16.07 37.77 -14.16
C ILE E 221 -17.22 38.16 -15.07
N PRO E 222 -17.68 39.41 -15.00
CA PRO E 222 -18.83 39.79 -15.82
C PRO E 222 -18.53 39.74 -17.32
N VAL E 223 -17.27 39.96 -17.66
CA VAL E 223 -16.79 39.89 -19.03
C VAL E 223 -16.66 38.44 -19.49
N LEU E 224 -16.64 37.51 -18.55
CA LEU E 224 -16.49 36.13 -18.90
C LEU E 224 -17.85 35.49 -19.00
N MET E 225 -18.81 36.02 -18.23
CA MET E 225 -20.17 35.52 -18.33
C MET E 225 -20.83 35.89 -19.66
N GLU E 226 -21.79 35.06 -20.04
CA GLU E 226 -22.62 35.29 -21.19
C GLU E 226 -23.68 36.27 -20.75
N GLU E 227 -24.60 36.60 -21.66
CA GLU E 227 -25.53 37.69 -21.43
C GLU E 227 -26.44 37.51 -20.22
N LYS E 228 -26.74 36.27 -19.86
CA LYS E 228 -27.80 35.99 -18.89
C LYS E 228 -27.39 35.03 -17.76
N LEU E 229 -27.60 35.47 -16.52
CA LEU E 229 -27.11 34.76 -15.36
C LEU E 229 -28.12 33.82 -14.79
N PHE E 230 -27.65 32.74 -14.19
CA PHE E 230 -28.50 31.95 -13.34
C PHE E 230 -27.67 31.29 -12.26
N ALA E 231 -28.33 30.84 -11.22
CA ALA E 231 -27.65 30.31 -10.06
C ALA E 231 -28.69 29.72 -9.15
N PHE E 232 -28.23 28.95 -8.17
CA PHE E 232 -29.09 28.34 -7.15
C PHE E 232 -28.24 27.84 -5.98
N ASP E 233 -28.89 27.43 -4.90
CA ASP E 233 -28.20 26.75 -3.83
C ASP E 233 -28.42 25.24 -3.89
N TYR E 234 -27.48 24.49 -3.32
CA TYR E 234 -27.74 23.11 -2.92
C TYR E 234 -28.00 23.05 -1.42
N THR E 235 -28.66 21.99 -1.00
CA THR E 235 -28.75 21.67 0.40
C THR E 235 -27.99 20.36 0.56
N GLY E 236 -26.97 20.37 1.41
CA GLY E 236 -26.15 19.20 1.62
C GLY E 236 -25.61 18.61 0.33
N TYR E 237 -24.58 19.26 -0.21
CA TYR E 237 -24.07 18.93 -1.53
C TYR E 237 -23.22 17.67 -1.55
N ASP E 238 -22.31 17.57 -0.59
CA ASP E 238 -21.43 16.41 -0.49
C ASP E 238 -22.23 15.17 -0.12
N ALA E 239 -23.07 15.31 0.88
CA ALA E 239 -23.94 14.24 1.33
C ALA E 239 -24.83 13.68 0.22
N SER E 240 -25.22 14.54 -0.70
CA SER E 240 -26.21 14.18 -1.70
C SER E 240 -25.60 13.67 -3.00
N LEU E 241 -24.27 13.60 -3.07
CA LEU E 241 -23.63 13.10 -4.29
C LEU E 241 -23.68 11.58 -4.34
N SER E 242 -24.35 11.08 -5.36
CA SER E 242 -24.53 9.64 -5.53
C SER E 242 -23.40 9.09 -6.37
N PRO E 243 -23.17 7.77 -6.27
CA PRO E 243 -22.03 7.13 -6.96
C PRO E 243 -21.91 7.50 -8.44
N ALA E 244 -23.03 7.80 -9.09
CA ALA E 244 -23.03 8.14 -10.52
C ALA E 244 -22.10 9.33 -10.79
N TRP E 245 -22.15 10.31 -9.90
CA TRP E 245 -21.31 11.49 -10.05
C TRP E 245 -19.83 11.12 -9.96
N PHE E 246 -19.48 10.19 -9.06
CA PHE E 246 -18.09 9.78 -8.93
C PHE E 246 -17.61 8.98 -10.13
N GLU E 247 -18.46 8.14 -10.70
CA GLU E 247 -18.14 7.50 -11.98
C GLU E 247 -17.94 8.54 -13.08
N ALA E 248 -18.85 9.51 -13.17
CA ALA E 248 -18.72 10.51 -14.24
C ALA E 248 -17.40 11.24 -14.10
N LEU E 249 -17.00 11.52 -12.85
CA LEU E 249 -15.72 12.18 -12.53
C LEU E 249 -14.53 11.35 -13.02
N LYS E 250 -14.50 10.09 -12.59
CA LYS E 250 -13.55 9.11 -13.12
C LYS E 250 -13.44 9.15 -14.64
N MET E 251 -14.58 9.11 -15.32
CA MET E 251 -14.61 9.27 -16.77
C MET E 251 -13.90 10.53 -17.29
N VAL E 252 -14.08 11.67 -16.60
CA VAL E 252 -13.43 12.89 -17.01
C VAL E 252 -11.95 12.67 -16.84
N LEU E 253 -11.57 12.10 -15.69
CA LEU E 253 -10.16 11.83 -15.43
C LEU E 253 -9.54 10.89 -16.48
N GLU E 254 -10.17 9.76 -16.80
CA GLU E 254 -9.68 8.97 -17.93
C GLU E 254 -9.50 9.86 -19.18
N LYS E 255 -10.53 10.63 -19.53
CA LYS E 255 -10.50 11.47 -20.73
C LYS E 255 -9.37 12.49 -20.83
N ILE E 256 -8.97 13.09 -19.72
CA ILE E 256 -7.82 14.00 -19.79
C ILE E 256 -6.48 13.40 -19.41
N GLY E 257 -6.42 12.11 -19.15
CA GLY E 257 -5.13 11.46 -19.03
C GLY E 257 -4.70 10.86 -17.72
N PHE E 258 -5.59 10.82 -16.73
CA PHE E 258 -5.32 10.23 -15.42
C PHE E 258 -5.87 8.83 -15.24
N GLY E 259 -6.04 8.10 -16.34
CA GLY E 259 -6.77 6.84 -16.32
C GLY E 259 -6.26 5.88 -15.27
N ASP E 260 -4.94 5.78 -15.16
CA ASP E 260 -4.27 4.87 -14.25
C ASP E 260 -4.53 5.08 -12.75
N ARG E 261 -4.93 6.29 -12.33
CA ARG E 261 -5.22 6.48 -10.91
C ARG E 261 -6.65 6.87 -10.52
N VAL E 262 -7.64 6.47 -11.32
CA VAL E 262 -9.04 6.68 -10.95
C VAL E 262 -9.49 5.72 -9.84
N ASP E 263 -8.66 4.72 -9.55
CA ASP E 263 -8.91 3.85 -8.42
C ASP E 263 -8.84 4.64 -7.12
N TYR E 264 -8.08 5.74 -7.13
CA TYR E 264 -8.05 6.61 -5.97
C TYR E 264 -9.43 7.17 -5.69
N ILE E 265 -10.24 7.31 -6.73
CA ILE E 265 -11.58 7.86 -6.53
C ILE E 265 -12.51 6.85 -5.86
N ASP E 266 -12.35 5.58 -6.23
CA ASP E 266 -13.11 4.52 -5.57
C ASP E 266 -12.77 4.50 -4.10
N TYR E 267 -11.48 4.60 -3.79
CA TYR E 267 -11.04 4.51 -2.39
C TYR E 267 -11.74 5.59 -1.57
N LEU E 268 -11.84 6.79 -2.15
CA LEU E 268 -12.55 7.91 -1.54
C LEU E 268 -14.01 7.56 -1.25
N ASN E 269 -14.60 6.71 -2.11
CA ASN E 269 -16.02 6.31 -2.02
C ASN E 269 -16.37 5.24 -0.99
N HIS E 270 -15.40 4.44 -0.60
CA HIS E 270 -15.63 3.53 0.49
C HIS E 270 -14.60 3.86 1.55
N SER E 271 -15.08 4.38 2.67
CA SER E 271 -14.19 4.94 3.67
C SER E 271 -14.65 4.61 5.07
N HIS E 272 -13.70 4.25 5.93
CA HIS E 272 -14.01 4.01 7.32
C HIS E 272 -13.58 5.23 8.12
N HIS E 273 -14.42 5.62 9.07
CA HIS E 273 -14.17 6.75 9.92
C HIS E 273 -14.20 6.27 11.36
N LEU E 274 -13.27 6.72 12.19
CA LEU E 274 -13.33 6.50 13.63
C LEU E 274 -13.76 7.78 14.33
N TYR E 275 -14.94 7.76 14.95
CA TYR E 275 -15.41 8.87 15.77
C TYR E 275 -15.50 8.46 17.23
N LYS E 276 -14.77 9.18 18.08
CA LYS E 276 -14.78 8.91 19.50
C LYS E 276 -14.50 7.44 19.81
N ASN E 277 -15.50 6.74 20.32
CA ASN E 277 -15.34 5.36 20.81
C ASN E 277 -15.86 4.33 19.82
N LYS E 278 -16.27 4.78 18.64
CA LYS E 278 -16.79 3.86 17.65
C LYS E 278 -16.08 3.97 16.30
N THR E 279 -16.69 3.37 15.28
CA THR E 279 -16.11 3.25 13.94
C THR E 279 -17.19 3.00 12.94
N TYR E 280 -17.39 3.91 12.00
CA TYR E 280 -18.36 3.66 10.95
C TYR E 280 -17.79 3.44 9.57
N CYS E 281 -18.68 3.18 8.61
CA CYS E 281 -18.29 2.91 7.25
C CYS E 281 -19.30 3.52 6.31
N VAL E 282 -18.84 4.46 5.51
CA VAL E 282 -19.72 5.14 4.61
C VAL E 282 -19.42 4.50 3.28
N LYS E 283 -20.43 4.40 2.44
CA LYS E 283 -20.27 3.94 1.07
C LYS E 283 -20.87 5.03 0.21
N GLY E 284 -20.14 5.44 -0.83
CA GLY E 284 -20.50 6.64 -1.58
C GLY E 284 -20.02 7.90 -0.87
N GLY E 285 -20.06 9.02 -1.57
CA GLY E 285 -19.58 10.26 -0.98
C GLY E 285 -18.07 10.34 -0.82
N MET E 286 -17.57 11.57 -0.75
CA MET E 286 -16.15 11.86 -0.66
C MET E 286 -15.90 12.59 0.66
N PRO E 287 -14.98 12.10 1.50
CA PRO E 287 -14.77 12.86 2.74
C PRO E 287 -14.20 14.26 2.45
N SER E 288 -14.67 15.27 3.15
CA SER E 288 -14.27 16.65 2.89
C SER E 288 -12.85 16.96 3.40
N GLY E 289 -12.38 16.15 4.34
CA GLY E 289 -11.04 16.34 4.87
C GLY E 289 -10.01 15.66 4.01
N CYS E 290 -10.41 15.23 2.82
CA CYS E 290 -9.44 14.60 1.90
C CYS E 290 -8.81 15.56 0.86
N SER E 291 -7.69 15.13 0.29
CA SER E 291 -6.96 15.92 -0.68
C SER E 291 -7.75 16.02 -1.96
N GLY E 292 -7.75 17.22 -2.55
CA GLY E 292 -8.43 17.45 -3.81
C GLY E 292 -9.94 17.56 -3.74
N THR E 293 -10.53 17.40 -2.56
CA THR E 293 -11.97 17.55 -2.46
C THR E 293 -12.40 18.83 -3.11
N SER E 294 -11.80 19.94 -2.70
CA SER E 294 -12.21 21.22 -3.26
C SER E 294 -12.26 21.28 -4.78
N ILE E 295 -11.23 20.75 -5.43
CA ILE E 295 -11.21 20.69 -6.88
C ILE E 295 -12.22 19.66 -7.44
N PHE E 296 -12.27 18.46 -6.86
CA PHE E 296 -13.18 17.42 -7.34
C PHE E 296 -14.63 17.86 -7.24
N ASN E 297 -15.00 18.49 -6.13
CA ASN E 297 -16.34 19.03 -5.99
C ASN E 297 -16.66 20.10 -7.05
N SER E 298 -15.68 20.95 -7.39
CA SER E 298 -15.91 21.96 -8.42
C SER E 298 -16.09 21.29 -9.77
N MET E 299 -15.31 20.26 -10.01
CA MET E 299 -15.43 19.45 -11.21
C MET E 299 -16.82 18.81 -11.30
N ILE E 300 -17.32 18.29 -10.19
CA ILE E 300 -18.61 17.61 -10.25
C ILE E 300 -19.72 18.64 -10.57
N ASN E 301 -19.68 19.79 -9.91
CA ASN E 301 -20.58 20.89 -10.21
C ASN E 301 -20.67 21.17 -11.69
N ASN E 302 -19.54 21.09 -12.39
CA ASN E 302 -19.54 21.43 -13.81
C ASN E 302 -20.24 20.38 -14.64
N LEU E 303 -20.22 19.14 -14.14
CA LEU E 303 -20.88 18.02 -14.76
C LEU E 303 -22.36 18.09 -14.42
N ILE E 304 -22.65 18.31 -13.15
CA ILE E 304 -24.04 18.40 -12.68
C ILE E 304 -24.81 19.46 -13.46
N ILE E 305 -24.24 20.64 -13.61
CA ILE E 305 -24.92 21.67 -14.34
C ILE E 305 -25.10 21.29 -15.80
N ARG E 306 -24.02 21.04 -16.53
CA ARG E 306 -24.14 20.52 -17.90
C ARG E 306 -25.25 19.46 -17.98
N THR E 307 -25.32 18.54 -17.01
CA THR E 307 -26.27 17.43 -17.11
C THR E 307 -27.68 18.00 -17.18
N LEU E 308 -27.97 18.91 -16.26
CA LEU E 308 -29.32 19.46 -16.12
C LEU E 308 -29.72 20.38 -17.25
N LEU E 309 -28.75 21.06 -17.86
CA LEU E 309 -29.11 21.94 -18.96
C LEU E 309 -29.51 21.09 -20.18
N LEU E 310 -28.78 20.00 -20.39
CA LEU E 310 -29.02 19.11 -21.53
C LEU E 310 -30.36 18.41 -21.38
N LYS E 311 -30.65 17.96 -20.16
CA LYS E 311 -31.93 17.33 -19.86
C LYS E 311 -33.12 18.30 -20.03
N THR E 312 -32.96 19.52 -19.51
CA THR E 312 -34.06 20.47 -19.43
C THR E 312 -34.29 21.21 -20.75
N TYR E 313 -33.21 21.64 -21.39
CA TYR E 313 -33.38 22.38 -22.63
C TYR E 313 -32.89 21.60 -23.85
N LYS E 314 -33.83 21.28 -24.72
CA LYS E 314 -33.52 20.55 -25.94
C LYS E 314 -32.66 21.40 -26.87
N GLY E 315 -31.49 20.87 -27.25
CA GLY E 315 -30.61 21.52 -28.20
C GLY E 315 -29.85 22.72 -27.66
N ILE E 316 -29.76 22.83 -26.35
CA ILE E 316 -28.92 23.85 -25.72
C ILE E 316 -27.47 23.62 -26.13
N ASP E 317 -26.78 24.68 -26.54
CA ASP E 317 -25.38 24.56 -26.94
C ASP E 317 -24.47 24.77 -25.75
N LEU E 318 -23.90 23.69 -25.23
CA LEU E 318 -23.04 23.80 -24.06
C LEU E 318 -21.83 24.67 -24.34
N ASP E 319 -21.50 24.85 -25.62
CA ASP E 319 -20.40 25.76 -25.97
C ASP E 319 -20.63 27.22 -25.59
N HIS E 320 -21.87 27.56 -25.23
CA HIS E 320 -22.19 28.92 -24.80
C HIS E 320 -22.51 28.93 -23.32
N LEU E 321 -22.12 27.86 -22.65
CA LEU E 321 -22.19 27.81 -21.21
C LEU E 321 -20.93 28.47 -20.64
N LYS E 322 -21.13 29.36 -19.68
CA LYS E 322 -20.03 29.97 -18.97
C LYS E 322 -20.36 29.92 -17.49
N MET E 323 -19.64 29.08 -16.75
CA MET E 323 -19.81 28.97 -15.30
C MET E 323 -18.48 28.88 -14.53
N ILE E 324 -18.49 29.36 -13.31
CA ILE E 324 -17.33 29.26 -12.48
C ILE E 324 -17.84 28.73 -11.17
N ALA E 325 -17.28 27.59 -10.74
CA ALA E 325 -17.68 27.03 -9.46
C ALA E 325 -16.54 27.10 -8.43
N TYR E 326 -16.92 27.16 -7.18
CA TYR E 326 -16.01 26.94 -6.08
C TYR E 326 -16.69 25.91 -5.18
N GLY E 327 -16.45 24.63 -5.47
CA GLY E 327 -17.15 23.54 -4.78
C GLY E 327 -18.61 23.51 -5.17
N ASP E 328 -19.52 23.56 -4.21
CA ASP E 328 -20.92 23.67 -4.63
C ASP E 328 -21.28 25.11 -5.10
N ASP E 329 -20.67 26.11 -4.50
CA ASP E 329 -20.95 27.46 -4.89
C ASP E 329 -20.68 27.58 -6.38
N VAL E 330 -21.61 28.20 -7.09
CA VAL E 330 -21.49 28.43 -8.52
C VAL E 330 -22.11 29.77 -8.93
N ILE E 331 -21.58 30.37 -9.98
CA ILE E 331 -22.25 31.43 -10.75
C ILE E 331 -22.19 31.01 -12.22
N ALA E 332 -23.33 31.07 -12.91
CA ALA E 332 -23.41 30.52 -14.26
C ALA E 332 -24.12 31.47 -15.24
N SER E 333 -23.74 31.39 -16.51
CA SER E 333 -24.34 32.22 -17.54
C SER E 333 -24.61 31.48 -18.86
N TYR E 334 -25.52 32.01 -19.66
CA TYR E 334 -25.88 31.47 -20.97
C TYR E 334 -26.49 32.62 -21.78
N PRO E 335 -26.38 32.57 -23.12
CA PRO E 335 -26.74 33.75 -23.93
C PRO E 335 -28.22 34.08 -23.88
N HIS E 336 -29.04 33.06 -23.60
CA HIS E 336 -30.47 33.25 -23.40
C HIS E 336 -30.81 32.76 -22.01
N GLU E 337 -31.96 33.18 -21.48
CA GLU E 337 -32.26 32.97 -20.07
C GLU E 337 -32.73 31.56 -19.72
N VAL E 338 -32.19 31.02 -18.62
CA VAL E 338 -32.59 29.71 -18.12
C VAL E 338 -33.24 29.80 -16.74
N ASP E 339 -34.19 28.91 -16.53
CA ASP E 339 -35.09 28.91 -15.41
C ASP E 339 -34.51 27.92 -14.40
N ALA E 340 -34.01 28.41 -13.28
CA ALA E 340 -33.35 27.53 -12.30
C ALA E 340 -34.35 26.64 -11.57
N SER E 341 -35.59 27.07 -11.54
CA SER E 341 -36.64 26.25 -10.95
C SER E 341 -36.80 24.98 -11.82
N LEU E 342 -36.68 25.15 -13.14
CA LEU E 342 -36.75 24.04 -14.07
C LEU E 342 -35.49 23.21 -13.96
N LEU E 343 -34.36 23.89 -13.75
CA LEU E 343 -33.11 23.18 -13.52
C LEU E 343 -33.19 22.40 -12.21
N ALA E 344 -33.69 23.06 -11.17
CA ALA E 344 -33.90 22.41 -9.89
C ALA E 344 -34.84 21.24 -10.03
N GLN E 345 -35.73 21.32 -11.01
CA GLN E 345 -36.70 20.27 -11.28
C GLN E 345 -36.03 18.91 -11.55
N SER E 346 -35.25 18.86 -12.63
CA SER E 346 -34.53 17.66 -13.03
C SER E 346 -33.51 17.21 -11.99
N GLY E 347 -33.01 18.15 -11.20
CA GLY E 347 -32.06 17.84 -10.16
C GLY E 347 -32.69 16.96 -9.09
N LYS E 348 -34.00 17.03 -8.99
CA LYS E 348 -34.73 16.18 -8.05
C LYS E 348 -34.44 14.73 -8.39
N ASP E 349 -34.38 14.45 -9.69
CA ASP E 349 -34.23 13.08 -10.17
C ASP E 349 -32.84 12.50 -9.98
N TYR E 350 -31.87 13.34 -9.64
CA TYR E 350 -30.51 12.87 -9.45
C TYR E 350 -30.04 12.91 -7.98
N GLY E 351 -30.95 13.11 -7.04
CA GLY E 351 -30.60 13.22 -5.63
C GLY E 351 -30.25 14.65 -5.19
N LEU E 352 -30.28 15.59 -6.12
CA LEU E 352 -29.89 16.99 -5.87
C LEU E 352 -31.02 17.86 -5.32
N THR E 353 -30.78 18.46 -4.16
CA THR E 353 -31.71 19.41 -3.56
C THR E 353 -31.30 20.84 -3.92
N MET E 354 -31.97 21.45 -4.90
CA MET E 354 -31.58 22.76 -5.39
C MET E 354 -32.60 23.85 -5.04
N THR E 355 -32.17 24.84 -4.27
CA THR E 355 -33.07 25.88 -3.78
C THR E 355 -32.67 27.27 -4.29
N PRO E 356 -33.66 28.17 -4.40
CA PRO E 356 -33.33 29.52 -4.86
C PRO E 356 -32.03 29.99 -4.27
N ALA E 357 -31.26 30.74 -5.05
CA ALA E 357 -29.98 31.24 -4.58
C ALA E 357 -30.19 32.33 -3.53
N ASP E 358 -29.37 32.32 -2.49
CA ASP E 358 -29.43 33.35 -1.46
C ASP E 358 -30.72 33.29 -0.63
N LYS E 359 -31.06 32.06 -0.23
CA LYS E 359 -32.13 31.82 0.75
C LYS E 359 -33.46 32.47 0.42
N SER E 360 -33.62 32.95 -0.81
CA SER E 360 -34.87 33.55 -1.25
C SER E 360 -36.03 32.56 -1.18
N ALA E 361 -37.22 33.07 -0.91
CA ALA E 361 -38.41 32.23 -0.88
C ALA E 361 -38.66 31.62 -2.25
N THR E 362 -38.47 32.42 -3.28
CA THR E 362 -38.79 32.00 -4.64
C THR E 362 -37.59 32.07 -5.55
N PHE E 363 -37.65 31.28 -6.61
CA PHE E 363 -36.68 31.37 -7.68
C PHE E 363 -36.99 32.65 -8.41
N GLU E 364 -36.00 33.52 -8.53
CA GLU E 364 -36.22 34.81 -9.17
C GLU E 364 -35.13 35.09 -10.18
N THR E 365 -35.39 36.02 -11.09
CA THR E 365 -34.40 36.31 -12.10
C THR E 365 -33.13 36.72 -11.38
N VAL E 366 -32.03 36.08 -11.75
CA VAL E 366 -30.72 36.43 -11.21
C VAL E 366 -30.17 37.57 -12.01
N THR E 367 -29.83 38.64 -11.30
CA THR E 367 -29.40 39.89 -11.89
C THR E 367 -28.03 40.30 -11.32
N TRP E 368 -27.34 41.17 -12.06
CA TRP E 368 -26.04 41.66 -11.59
C TRP E 368 -26.13 42.40 -10.25
N GLU E 369 -27.35 42.72 -9.81
CA GLU E 369 -27.54 43.43 -8.56
C GLU E 369 -27.88 42.47 -7.42
N ASN E 370 -28.23 41.24 -7.77
CA ASN E 370 -28.61 40.29 -6.75
C ASN E 370 -27.75 39.00 -6.68
N VAL E 371 -27.01 38.71 -7.75
CA VAL E 371 -26.18 37.51 -7.76
C VAL E 371 -25.08 37.57 -6.71
N THR E 372 -24.80 36.47 -6.04
CA THR E 372 -23.66 36.44 -5.14
C THR E 372 -22.82 35.19 -5.34
N PHE E 373 -21.51 35.36 -5.21
CA PHE E 373 -20.56 34.26 -5.36
C PHE E 373 -19.58 34.39 -4.19
N LEU E 374 -19.19 33.28 -3.59
CA LEU E 374 -18.28 33.34 -2.45
C LEU E 374 -18.78 34.37 -1.44
N LYS E 375 -20.09 34.44 -1.30
CA LYS E 375 -20.72 35.31 -0.29
C LYS E 375 -20.68 36.80 -0.58
N ARG E 376 -20.12 37.19 -1.73
CA ARG E 376 -19.97 38.62 -2.05
C ARG E 376 -20.84 39.11 -3.22
N PHE E 377 -21.14 40.40 -3.22
CA PHE E 377 -21.92 40.99 -4.29
C PHE E 377 -21.02 41.61 -5.33
N PHE E 378 -21.59 41.99 -6.47
CA PHE E 378 -20.85 42.67 -7.54
C PHE E 378 -21.39 44.09 -7.66
N ARG E 379 -20.51 45.09 -7.61
CA ARG E 379 -20.92 46.50 -7.69
C ARG E 379 -19.84 47.28 -8.36
N ALA E 380 -20.14 47.86 -9.51
CA ALA E 380 -19.16 48.68 -10.21
C ALA E 380 -18.74 49.86 -9.36
N ASP E 381 -17.45 50.16 -9.43
CA ASP E 381 -16.95 51.36 -8.84
C ASP E 381 -17.71 52.56 -9.42
N GLU E 382 -17.84 53.63 -8.65
CA GLU E 382 -18.64 54.78 -9.09
C GLU E 382 -17.87 55.58 -10.12
N LYS E 383 -16.55 55.57 -10.00
CA LYS E 383 -15.71 56.35 -10.88
C LYS E 383 -15.15 55.52 -12.04
N TYR E 384 -14.75 54.29 -11.77
CA TYR E 384 -14.25 53.39 -12.80
C TYR E 384 -15.17 52.19 -12.98
N PRO E 385 -16.23 52.33 -13.78
CA PRO E 385 -17.30 51.33 -13.88
C PRO E 385 -16.83 49.95 -14.31
N PHE E 386 -15.71 49.85 -15.01
CA PHE E 386 -15.23 48.52 -15.42
C PHE E 386 -14.61 47.71 -14.27
N LEU E 387 -14.24 48.42 -13.20
CA LEU E 387 -13.71 47.80 -11.99
C LEU E 387 -14.82 47.46 -11.01
N ILE E 388 -14.93 46.19 -10.66
CA ILE E 388 -16.05 45.72 -9.84
C ILE E 388 -15.55 45.36 -8.45
N HIS E 389 -16.23 45.86 -7.41
CA HIS E 389 -15.93 45.52 -6.03
C HIS E 389 -16.62 44.22 -5.68
N PRO E 390 -15.92 43.33 -4.97
CA PRO E 390 -16.61 42.18 -4.37
C PRO E 390 -17.18 42.64 -3.04
N VAL E 391 -18.50 42.71 -2.91
CA VAL E 391 -19.07 43.35 -1.73
C VAL E 391 -19.63 42.37 -0.72
N MET E 392 -18.87 42.12 0.33
CA MET E 392 -19.39 41.35 1.44
C MET E 392 -20.22 42.22 2.37
N PRO E 393 -21.37 41.70 2.81
CA PRO E 393 -22.22 42.56 3.63
C PRO E 393 -21.77 42.62 5.09
N MET E 394 -21.90 43.81 5.66
CA MET E 394 -21.46 44.13 7.02
C MET E 394 -21.99 43.19 8.10
N LYS E 395 -23.18 42.65 7.88
CA LYS E 395 -23.77 41.67 8.79
C LYS E 395 -22.78 40.58 9.17
N GLU E 396 -22.07 40.09 8.17
CA GLU E 396 -21.17 38.95 8.31
C GLU E 396 -19.89 39.36 9.01
N ILE E 397 -19.40 40.55 8.66
CA ILE E 397 -18.22 41.11 9.28
C ILE E 397 -18.53 41.38 10.76
N HIS E 398 -19.77 41.77 11.02
CA HIS E 398 -20.23 42.01 12.38
C HIS E 398 -20.20 40.73 13.19
N GLU E 399 -20.71 39.64 12.60
CA GLU E 399 -20.68 38.33 13.27
C GLU E 399 -19.23 37.96 13.65
N SER E 400 -18.31 38.10 12.69
CA SER E 400 -16.95 37.68 12.96
C SER E 400 -16.31 38.45 14.09
N ILE E 401 -16.57 39.75 14.16
CA ILE E 401 -15.74 40.59 15.00
C ILE E 401 -16.01 40.39 16.48
N ARG E 402 -17.18 39.85 16.78
CA ARG E 402 -17.71 39.74 18.14
C ARG E 402 -17.10 38.54 18.83
N TRP E 403 -16.20 37.86 18.14
CA TRP E 403 -15.57 36.65 18.67
C TRP E 403 -14.06 36.58 18.40
N THR E 404 -13.37 35.75 19.16
CA THR E 404 -11.92 35.57 19.01
C THR E 404 -11.51 34.19 19.53
N LYS E 405 -10.41 33.65 19.02
CA LYS E 405 -9.88 32.36 19.50
C LYS E 405 -8.61 32.63 20.26
N ASP E 406 -8.37 33.90 20.54
CA ASP E 406 -7.14 34.34 21.20
C ASP E 406 -7.00 35.84 20.97
N PRO E 407 -7.18 36.63 22.02
CA PRO E 407 -7.21 38.10 21.92
C PRO E 407 -5.88 38.66 21.43
N ARG E 408 -4.81 37.86 21.54
CA ARG E 408 -3.52 38.24 20.97
C ARG E 408 -3.67 38.58 19.49
N ASN E 409 -4.79 38.17 18.90
CA ASN E 409 -4.98 38.28 17.46
C ASN E 409 -5.84 39.45 17.01
N THR E 410 -6.42 40.18 17.97
CA THR E 410 -7.31 41.29 17.70
C THR E 410 -6.91 42.23 16.54
N GLN E 411 -5.64 42.59 16.49
CA GLN E 411 -5.19 43.54 15.48
C GLN E 411 -5.18 42.89 14.08
N ASP E 412 -4.58 41.71 13.98
CA ASP E 412 -4.58 40.96 12.73
C ASP E 412 -6.01 40.71 12.26
N HIS E 413 -6.84 40.23 13.18
CA HIS E 413 -8.22 39.87 12.90
C HIS E 413 -8.93 41.06 12.30
N VAL E 414 -9.21 42.07 13.13
CA VAL E 414 -9.89 43.30 12.75
C VAL E 414 -9.36 43.98 11.48
N ARG E 415 -8.06 44.00 11.33
CA ARG E 415 -7.49 44.59 10.14
C ARG E 415 -7.96 43.80 8.93
N SER E 416 -8.07 42.47 9.08
CA SER E 416 -8.47 41.62 7.96
C SER E 416 -9.91 41.89 7.55
N LEU E 417 -10.79 41.96 8.53
CA LEU E 417 -12.16 42.41 8.30
C LEU E 417 -12.26 43.78 7.61
N CYS E 418 -11.29 44.68 7.79
CA CYS E 418 -11.35 45.99 7.12
C CYS E 418 -11.14 45.85 5.63
N LEU E 419 -10.32 44.87 5.25
CA LEU E 419 -10.02 44.64 3.84
C LEU E 419 -11.25 44.07 3.12
N LEU E 420 -12.19 43.56 3.93
CA LEU E 420 -13.42 43.02 3.38
C LEU E 420 -14.49 44.09 3.32
N ALA E 421 -14.46 45.01 4.29
CA ALA E 421 -15.60 45.88 4.56
C ALA E 421 -15.63 47.19 3.77
N TRP E 422 -14.48 47.67 3.33
CA TRP E 422 -14.42 48.99 2.70
C TRP E 422 -15.09 48.95 1.34
N HIS E 423 -15.31 47.76 0.82
CA HIS E 423 -15.99 47.64 -0.46
C HIS E 423 -17.44 48.07 -0.33
N ASN E 424 -17.96 48.05 0.90
CA ASN E 424 -19.31 48.53 1.17
C ASN E 424 -19.38 50.04 1.00
N GLY E 425 -18.23 50.69 0.87
CA GLY E 425 -18.18 52.11 0.62
C GLY E 425 -17.75 53.01 1.78
N GLU E 426 -17.20 54.16 1.42
CA GLU E 426 -16.65 55.13 2.37
C GLU E 426 -17.56 55.49 3.56
N GLU E 427 -18.80 55.82 3.27
CA GLU E 427 -19.74 56.13 4.34
C GLU E 427 -19.98 54.96 5.30
N GLU E 428 -20.08 53.75 4.77
CA GLU E 428 -20.33 52.57 5.60
C GLU E 428 -19.04 52.09 6.30
N TYR E 429 -17.91 52.17 5.60
CA TYR E 429 -16.61 51.84 6.17
C TYR E 429 -16.24 52.71 7.36
N ASN E 430 -16.34 54.04 7.19
CA ASN E 430 -16.12 55.00 8.29
C ASN E 430 -17.01 54.76 9.52
N LYS E 431 -18.28 54.44 9.31
CA LYS E 431 -19.16 54.05 10.41
C LYS E 431 -18.52 52.88 11.16
N PHE E 432 -17.96 51.94 10.40
CA PHE E 432 -17.33 50.75 10.97
C PHE E 432 -16.20 51.15 11.91
N LEU E 433 -15.34 52.03 11.43
CA LEU E 433 -14.22 52.51 12.22
C LEU E 433 -14.72 53.31 13.43
N ALA E 434 -15.90 53.90 13.30
CA ALA E 434 -16.52 54.59 14.43
C ALA E 434 -16.67 53.62 15.57
N LYS E 435 -17.58 52.68 15.40
CA LYS E 435 -17.82 51.63 16.38
C LYS E 435 -16.54 50.98 16.93
N ILE E 436 -15.69 50.47 16.05
CA ILE E 436 -14.46 49.81 16.50
C ILE E 436 -13.78 50.72 17.51
N ARG E 437 -13.73 52.00 17.17
CA ARG E 437 -13.08 53.00 18.00
C ARG E 437 -13.93 53.44 19.21
N SER E 438 -15.17 52.97 19.28
CA SER E 438 -16.07 53.37 20.35
C SER E 438 -15.65 52.71 21.67
N VAL E 439 -14.65 51.83 21.58
CA VAL E 439 -14.10 51.20 22.78
C VAL E 439 -12.60 51.40 22.80
N PRO E 440 -11.98 51.37 23.99
CA PRO E 440 -10.56 51.69 24.16
C PRO E 440 -9.63 50.81 23.35
N ILE E 441 -9.77 49.48 23.43
CA ILE E 441 -8.90 48.58 22.67
C ILE E 441 -8.89 48.86 21.17
N GLY E 442 -10.05 49.24 20.62
CA GLY E 442 -10.16 49.72 19.25
C GLY E 442 -9.19 50.86 18.90
N ARG E 443 -9.09 51.83 19.79
CA ARG E 443 -8.20 52.96 19.58
C ARG E 443 -6.75 52.56 19.73
N ALA E 444 -6.48 51.29 19.99
CA ALA E 444 -5.10 50.84 20.07
C ALA E 444 -4.71 50.25 18.72
N LEU E 445 -5.71 50.12 17.86
CA LEU E 445 -5.52 49.34 16.64
C LEU E 445 -5.26 50.23 15.44
N ASP E 446 -4.16 49.99 14.76
CA ASP E 446 -3.89 50.68 13.52
C ASP E 446 -4.76 50.16 12.36
N LEU E 447 -5.74 50.96 11.97
CA LEU E 447 -6.68 50.61 10.92
C LEU E 447 -6.54 51.55 9.72
N PRO E 448 -6.44 50.97 8.50
CA PRO E 448 -6.31 51.74 7.24
C PRO E 448 -7.50 52.64 6.94
N GLU E 449 -7.25 53.74 6.24
CA GLU E 449 -8.34 54.65 5.89
C GLU E 449 -8.90 54.34 4.49
N TYR E 450 -10.20 54.56 4.32
CA TYR E 450 -10.85 54.30 3.04
C TYR E 450 -9.99 54.64 1.82
N SER E 451 -9.43 55.83 1.85
CA SER E 451 -8.62 56.32 0.74
C SER E 451 -7.37 55.47 0.54
N THR E 452 -6.76 55.02 1.62
CA THR E 452 -5.59 54.16 1.47
C THR E 452 -6.03 52.86 0.79
N LEU E 453 -7.13 52.29 1.28
CA LEU E 453 -7.61 51.02 0.75
C LEU E 453 -7.99 51.16 -0.72
N TYR E 454 -8.58 52.30 -1.05
CA TYR E 454 -9.05 52.61 -2.40
C TYR E 454 -7.90 52.79 -3.42
N ARG E 455 -6.87 53.50 -3.02
CA ARG E 455 -5.76 53.66 -3.89
C ARG E 455 -5.07 52.35 -4.16
N ARG E 456 -4.98 51.52 -3.12
CA ARG E 456 -4.29 50.24 -3.14
C ARG E 456 -5.01 49.35 -4.12
N TRP E 457 -6.33 49.44 -4.08
CA TRP E 457 -7.18 48.69 -4.98
C TRP E 457 -6.91 49.12 -6.41
N LEU E 458 -7.11 50.40 -6.73
CA LEU E 458 -6.86 50.90 -8.08
C LEU E 458 -5.46 50.56 -8.57
N ASP E 459 -4.49 50.71 -7.69
CA ASP E 459 -3.13 50.37 -8.04
C ASP E 459 -2.95 48.88 -8.34
N SER E 460 -3.59 48.02 -7.56
CA SER E 460 -3.40 46.59 -7.77
C SER E 460 -3.81 46.11 -9.17
N PHE E 461 -4.49 46.97 -9.92
CA PHE E 461 -4.94 46.63 -11.27
C PHE E 461 -3.89 46.94 -12.34
N GLY I 1 22.92 -9.35 -3.41
CA GLY I 1 22.40 -8.12 -2.82
C GLY I 1 23.42 -7.41 -1.96
N GLU I 2 23.76 -6.17 -2.35
CA GLU I 2 24.72 -5.40 -1.59
C GLU I 2 24.18 -4.75 -0.33
N ILE I 3 25.00 -4.77 0.72
CA ILE I 3 24.73 -4.01 1.92
C ILE I 3 24.99 -2.52 1.68
N GLN I 4 23.96 -1.69 1.79
CA GLN I 4 24.10 -0.24 1.60
C GLN I 4 24.72 0.40 2.84
N TRP I 5 24.17 0.15 4.01
CA TRP I 5 24.83 0.63 5.22
C TRP I 5 24.97 -0.39 6.37
N MET I 6 25.03 0.12 7.60
CA MET I 6 25.41 -0.64 8.78
C MET I 6 25.64 0.33 9.92
N ARG I 7 24.62 0.53 10.74
CA ARG I 7 24.70 1.46 11.87
C ARG I 7 24.11 0.82 13.13
N PRO I 8 24.74 1.04 14.29
CA PRO I 8 24.21 0.47 15.53
C PRO I 8 22.70 0.67 15.64
N SER I 9 21.98 -0.34 16.13
CA SER I 9 20.52 -0.35 16.14
C SER I 9 19.88 0.74 16.98
N LYS I 10 20.42 0.95 18.17
CA LYS I 10 19.87 1.94 19.10
C LYS I 10 19.96 3.35 18.52
N GLU I 11 20.89 3.58 17.61
CA GLU I 11 20.89 4.82 16.86
C GLU I 11 19.58 4.98 16.06
N VAL I 12 19.22 3.92 15.34
CA VAL I 12 18.07 3.98 14.43
C VAL I 12 16.75 3.58 15.11
N GLY I 13 16.78 3.37 16.42
CA GLY I 13 15.57 3.15 17.18
C GLY I 13 15.21 1.70 17.40
N TYR I 14 15.91 0.81 16.71
CA TYR I 14 15.67 -0.62 16.80
C TYR I 14 16.27 -1.20 18.08
N PRO I 15 15.89 -2.43 18.42
CA PRO I 15 16.43 -3.00 19.66
C PRO I 15 17.60 -3.94 19.39
N ILE I 16 18.27 -4.33 20.46
CA ILE I 16 19.32 -5.32 20.39
C ILE I 16 18.69 -6.69 20.57
N ILE I 17 19.05 -7.62 19.68
CA ILE I 17 18.63 -9.01 19.80
C ILE I 17 19.86 -9.89 19.92
N ASN I 18 20.00 -10.59 21.04
CA ASN I 18 21.13 -11.49 21.15
C ASN I 18 20.77 -12.97 20.99
N ALA I 19 21.27 -13.56 19.92
CA ALA I 19 21.00 -14.95 19.61
C ALA I 19 21.81 -15.83 20.55
N PRO I 20 21.30 -17.05 20.82
CA PRO I 20 22.04 -17.99 21.65
C PRO I 20 23.44 -18.19 21.10
N SER I 21 24.37 -18.59 21.95
CA SER I 21 25.75 -18.73 21.52
C SER I 21 26.21 -20.17 21.59
N LYS I 22 25.25 -21.10 21.63
CA LYS I 22 25.61 -22.50 21.77
C LYS I 22 24.75 -23.47 20.93
N THR I 23 25.45 -24.28 20.15
CA THR I 23 24.86 -25.41 19.46
C THR I 23 23.90 -26.19 20.36
N LYS I 24 22.84 -26.71 19.77
CA LYS I 24 21.93 -27.60 20.49
C LYS I 24 22.28 -29.03 20.10
N LEU I 25 23.18 -29.15 19.14
CA LEU I 25 23.64 -30.43 18.65
C LEU I 25 24.62 -31.11 19.60
N GLU I 26 24.43 -32.40 19.83
CA GLU I 26 25.25 -33.17 20.75
C GLU I 26 25.42 -34.56 20.17
N PRO I 27 26.57 -35.19 20.38
CA PRO I 27 26.76 -36.53 19.86
C PRO I 27 25.69 -37.52 20.32
N SER I 28 25.42 -38.47 19.44
CA SER I 28 24.33 -39.42 19.60
C SER I 28 24.81 -40.69 20.30
N ALA I 29 23.88 -41.53 20.77
CA ALA I 29 24.28 -42.88 21.16
C ALA I 29 25.14 -43.50 20.06
N PHE I 30 24.89 -43.06 18.83
CA PHE I 30 25.45 -43.72 17.66
C PHE I 30 26.66 -42.99 17.06
N HIS I 31 27.23 -42.04 17.81
CA HIS I 31 28.34 -41.22 17.31
C HIS I 31 29.57 -42.05 16.90
N TYR I 32 29.78 -43.17 17.58
CA TYR I 32 30.96 -43.98 17.29
C TYR I 32 30.62 -45.21 16.48
N VAL I 33 29.35 -45.56 16.44
CA VAL I 33 28.92 -46.67 15.60
C VAL I 33 29.17 -46.33 14.15
N PHE I 34 28.83 -45.12 13.76
CA PHE I 34 28.99 -44.70 12.37
C PHE I 34 30.06 -43.65 12.18
N GLU I 35 30.64 -43.70 10.99
CA GLU I 35 31.63 -42.76 10.49
C GLU I 35 30.92 -41.46 10.08
N GLY I 36 31.68 -40.37 9.96
CA GLY I 36 31.13 -39.13 9.45
C GLY I 36 32.11 -37.98 9.54
N VAL I 37 31.96 -36.99 8.66
CA VAL I 37 32.91 -35.87 8.62
C VAL I 37 32.31 -34.50 9.00
N LYS I 38 31.09 -34.50 9.50
CA LYS I 38 30.38 -33.25 9.76
C LYS I 38 30.21 -32.92 11.23
N GLU I 39 30.13 -31.62 11.53
CA GLU I 39 30.00 -31.15 12.89
C GLU I 39 29.16 -29.88 12.94
N PRO I 40 28.68 -29.50 14.13
CA PRO I 40 27.92 -28.27 14.31
C PRO I 40 28.64 -27.06 13.70
N ALA I 41 27.86 -26.11 13.22
CA ALA I 41 28.40 -24.97 12.52
C ALA I 41 28.86 -23.92 13.51
N VAL I 42 29.74 -23.04 13.04
CA VAL I 42 30.22 -21.94 13.87
C VAL I 42 29.08 -20.99 14.20
N LEU I 43 28.89 -20.71 15.48
CA LEU I 43 27.82 -19.82 15.92
C LEU I 43 28.29 -18.43 16.36
N THR I 44 29.59 -18.26 16.63
CA THR I 44 30.13 -17.01 17.16
C THR I 44 31.53 -16.70 16.71
N LYS I 45 31.97 -15.48 17.00
CA LYS I 45 33.34 -15.01 16.78
C LYS I 45 34.38 -15.92 17.41
N ASN I 46 34.17 -16.15 18.70
CA ASN I 46 35.12 -16.82 19.56
C ASN I 46 35.00 -18.33 19.48
N ASP I 47 35.40 -18.90 18.34
CA ASP I 47 35.30 -20.34 18.15
C ASP I 47 36.63 -20.91 17.70
N PRO I 48 37.27 -21.69 18.59
CA PRO I 48 38.62 -22.21 18.37
C PRO I 48 38.76 -22.91 17.02
N ARG I 49 37.64 -23.32 16.42
CA ARG I 49 37.71 -24.07 15.18
C ARG I 49 37.95 -23.19 13.96
N LEU I 50 37.81 -21.87 14.12
CA LEU I 50 37.95 -20.94 13.00
C LEU I 50 39.37 -20.80 12.48
N LYS I 51 39.52 -20.93 11.16
CA LYS I 51 40.81 -20.72 10.52
C LYS I 51 40.74 -19.42 9.70
N THR I 52 39.85 -18.52 10.10
CA THR I 52 39.60 -17.29 9.36
C THR I 52 38.69 -16.36 10.16
N ASP I 53 38.37 -15.19 9.61
CA ASP I 53 37.53 -14.22 10.33
C ASP I 53 36.04 -14.46 10.10
N PHE I 54 35.26 -14.45 11.17
CA PHE I 54 33.82 -14.74 11.07
C PHE I 54 33.03 -13.75 10.22
N GLU I 55 32.77 -12.56 10.78
CA GLU I 55 31.99 -11.52 10.10
C GLU I 55 32.37 -11.46 8.63
N GLU I 56 33.66 -11.37 8.34
CA GLU I 56 34.09 -11.33 6.96
C GLU I 56 33.51 -12.52 6.21
N ALA I 57 33.46 -13.66 6.90
CA ALA I 57 33.08 -14.91 6.26
C ALA I 57 31.57 -15.04 6.03
N ILE I 58 30.77 -14.73 7.05
CA ILE I 58 29.31 -14.89 6.94
C ILE I 58 28.63 -13.82 6.07
N PHE I 59 29.21 -12.62 6.02
CA PHE I 59 28.68 -11.54 5.20
C PHE I 59 29.33 -11.40 3.83
N SER I 60 30.24 -12.31 3.50
CA SER I 60 31.00 -12.19 2.26
C SER I 60 30.12 -12.45 1.04
N LYS I 61 28.90 -12.93 1.27
CA LYS I 61 27.99 -13.23 0.16
C LYS I 61 27.39 -11.94 -0.43
N TYR I 62 27.17 -10.94 0.42
CA TYR I 62 26.54 -9.70 -0.03
C TYR I 62 27.41 -8.91 -1.04
N VAL I 63 27.34 -9.31 -2.31
CA VAL I 63 28.12 -8.68 -3.38
C VAL I 63 27.30 -7.67 -4.20
N GLY I 64 28.00 -6.79 -4.91
CA GLY I 64 27.39 -5.78 -5.75
C GLY I 64 26.57 -6.34 -6.89
N ASN I 65 25.39 -5.77 -7.08
CA ASN I 65 24.34 -6.38 -7.92
C ASN I 65 24.75 -6.77 -9.31
N LYS I 66 25.02 -5.76 -10.15
CA LYS I 66 25.36 -5.91 -11.57
C LYS I 66 24.16 -5.65 -12.51
N ILE I 67 23.91 -6.58 -13.44
CA ILE I 67 22.91 -6.39 -14.50
C ILE I 67 21.52 -6.05 -13.98
N THR I 68 20.84 -5.18 -14.71
CA THR I 68 19.56 -4.66 -14.28
C THR I 68 18.53 -4.74 -15.39
N GLU I 69 18.98 -5.08 -16.59
CA GLU I 69 18.07 -5.01 -17.72
C GLU I 69 17.63 -6.36 -18.24
N VAL I 70 16.32 -6.54 -18.25
CA VAL I 70 15.72 -7.69 -18.87
C VAL I 70 15.96 -7.59 -20.37
N ASP I 71 17.01 -8.24 -20.86
CA ASP I 71 17.19 -8.37 -22.31
C ASP I 71 16.07 -9.21 -22.93
N GLU I 72 16.24 -9.60 -24.20
CA GLU I 72 15.12 -10.20 -24.92
C GLU I 72 15.11 -11.73 -24.88
N TYR I 73 16.20 -12.31 -24.41
CA TYR I 73 16.19 -13.74 -24.13
C TYR I 73 15.32 -13.94 -22.88
N MET I 74 15.60 -13.17 -21.83
CA MET I 74 14.74 -13.16 -20.67
C MET I 74 13.28 -12.89 -21.05
N LYS I 75 13.04 -11.84 -21.84
CA LYS I 75 11.68 -11.46 -22.24
C LYS I 75 10.89 -12.64 -22.81
N GLU I 76 11.56 -13.46 -23.62
CA GLU I 76 10.93 -14.60 -24.26
C GLU I 76 10.73 -15.76 -23.26
N ALA I 77 11.74 -16.01 -22.44
CA ALA I 77 11.62 -16.90 -21.29
C ALA I 77 10.34 -16.55 -20.51
N VAL I 78 10.27 -15.31 -20.04
CA VAL I 78 9.11 -14.78 -19.34
C VAL I 78 7.76 -15.11 -20.00
N ASP I 79 7.67 -14.95 -21.32
CA ASP I 79 6.43 -15.19 -22.06
C ASP I 79 6.09 -16.66 -22.09
N HIS I 80 7.12 -17.47 -22.28
CA HIS I 80 6.94 -18.90 -22.39
C HIS I 80 6.53 -19.52 -21.03
N TYR I 81 7.24 -19.12 -19.99
CA TYR I 81 6.94 -19.61 -18.66
C TYR I 81 5.57 -19.10 -18.23
N ALA I 82 5.33 -17.81 -18.44
CA ALA I 82 4.07 -17.22 -18.02
C ALA I 82 2.88 -17.94 -18.65
N GLY I 83 3.04 -18.38 -19.91
CA GLY I 83 2.01 -19.08 -20.65
C GLY I 83 1.77 -20.51 -20.18
N GLN I 84 2.80 -21.11 -19.58
CA GLN I 84 2.64 -22.42 -18.94
C GLN I 84 1.73 -22.29 -17.71
N LEU I 85 2.02 -21.29 -16.88
CA LEU I 85 1.24 -21.07 -15.68
C LEU I 85 -0.22 -20.75 -15.98
N MET I 86 -0.45 -20.06 -17.10
CA MET I 86 -1.81 -19.64 -17.48
C MET I 86 -2.75 -20.83 -17.54
N SER I 87 -2.20 -21.99 -17.87
CA SER I 87 -3.00 -23.19 -18.03
C SER I 87 -3.48 -23.79 -16.71
N LEU I 88 -2.85 -23.40 -15.60
CA LEU I 88 -3.24 -23.95 -14.30
C LEU I 88 -4.50 -23.28 -13.76
N ASP I 89 -4.88 -22.18 -14.43
CA ASP I 89 -5.99 -21.31 -14.02
C ASP I 89 -5.95 -20.89 -12.56
N ILE I 90 -4.87 -20.21 -12.19
CA ILE I 90 -4.60 -19.85 -10.79
C ILE I 90 -5.49 -18.73 -10.29
N ASN I 91 -6.12 -18.96 -9.14
CA ASN I 91 -6.92 -17.91 -8.48
C ASN I 91 -6.06 -16.71 -8.13
N THR I 92 -6.50 -15.54 -8.56
CA THR I 92 -5.67 -14.33 -8.50
C THR I 92 -6.16 -13.39 -7.40
N GLU I 93 -7.12 -13.88 -6.63
CA GLU I 93 -7.71 -13.04 -5.60
C GLU I 93 -6.84 -12.99 -4.36
N GLN I 94 -6.90 -11.87 -3.66
CA GLN I 94 -6.35 -11.77 -2.32
C GLN I 94 -6.91 -12.91 -1.47
N MET I 95 -6.05 -13.63 -0.79
CA MET I 95 -6.49 -14.58 0.24
C MET I 95 -6.87 -13.76 1.48
N CYS I 96 -7.90 -14.21 2.19
CA CYS I 96 -8.44 -13.48 3.33
C CYS I 96 -7.60 -13.75 4.58
N LEU I 97 -7.62 -12.83 5.51
CA LEU I 97 -6.69 -12.87 6.63
C LEU I 97 -6.74 -14.18 7.36
N GLU I 98 -7.90 -14.82 7.37
CA GLU I 98 -8.07 -16.05 8.11
C GLU I 98 -7.38 -17.26 7.45
N ASP I 99 -7.62 -17.48 6.16
CA ASP I 99 -6.96 -18.54 5.42
C ASP I 99 -5.44 -18.29 5.35
N ALA I 100 -5.04 -17.03 5.42
CA ALA I 100 -3.64 -16.71 5.26
C ALA I 100 -2.92 -17.01 6.56
N MET I 101 -3.61 -16.84 7.69
CA MET I 101 -3.01 -17.12 8.98
C MET I 101 -3.12 -18.61 9.26
N TYR I 102 -4.29 -19.20 8.97
CA TYR I 102 -4.61 -20.51 9.53
C TYR I 102 -4.60 -21.59 8.49
N GLY I 103 -4.47 -21.16 7.24
CA GLY I 103 -4.30 -22.10 6.17
C GLY I 103 -5.62 -22.49 5.57
N THR I 104 -5.56 -23.02 4.36
CA THR I 104 -6.73 -23.43 3.61
C THR I 104 -6.23 -24.56 2.73
N ASP I 105 -7.01 -25.02 1.76
CA ASP I 105 -6.53 -26.16 0.97
C ASP I 105 -5.30 -25.81 0.14
N GLY I 106 -4.18 -26.45 0.45
CA GLY I 106 -2.98 -26.23 -0.31
C GLY I 106 -2.00 -25.29 0.37
N LEU I 107 -2.37 -24.81 1.56
CA LEU I 107 -1.47 -23.89 2.24
C LEU I 107 -1.52 -24.07 3.74
N GLU I 108 -0.53 -24.76 4.30
CA GLU I 108 -0.39 -24.95 5.75
C GLU I 108 -0.50 -23.62 6.50
N ALA I 109 -0.81 -23.69 7.79
CA ALA I 109 -0.95 -22.49 8.58
C ALA I 109 0.44 -22.00 8.93
N LEU I 110 0.53 -20.79 9.46
CA LEU I 110 1.81 -20.30 9.95
C LEU I 110 2.37 -21.21 11.03
N ASP I 111 3.67 -21.43 11.01
CA ASP I 111 4.32 -22.26 12.00
C ASP I 111 4.30 -21.60 13.38
N LEU I 112 3.47 -22.11 14.29
CA LEU I 112 3.39 -21.55 15.63
C LEU I 112 4.59 -21.88 16.48
N SER I 113 5.48 -22.73 15.99
CA SER I 113 6.61 -23.12 16.82
C SER I 113 7.80 -22.23 16.57
N THR I 114 7.68 -21.29 15.66
CA THR I 114 8.80 -20.44 15.30
C THR I 114 8.55 -19.04 15.75
N SER I 115 9.63 -18.25 15.82
CA SER I 115 9.58 -16.87 16.28
C SER I 115 8.64 -15.96 15.48
N ALA I 116 8.04 -14.98 16.16
CA ALA I 116 7.24 -13.98 15.47
C ALA I 116 8.07 -12.83 14.87
N GLY I 117 9.40 -12.88 15.01
CA GLY I 117 10.26 -11.82 14.47
C GLY I 117 10.04 -10.44 15.08
N TYR I 118 10.62 -9.41 14.46
CA TYR I 118 10.40 -8.03 14.89
C TYR I 118 8.95 -7.52 14.70
N PRO I 119 8.41 -6.78 15.68
CA PRO I 119 8.99 -6.36 16.96
C PRO I 119 8.72 -7.34 18.11
N TYR I 120 7.90 -8.37 17.86
CA TYR I 120 7.39 -9.25 18.91
C TYR I 120 8.52 -9.94 19.68
N VAL I 121 9.62 -10.17 19.00
CA VAL I 121 10.77 -10.84 19.58
C VAL I 121 11.32 -10.03 20.74
N ALA I 122 10.99 -8.74 20.77
CA ALA I 122 11.59 -7.82 21.72
C ALA I 122 10.66 -7.53 22.88
N MET I 123 9.38 -7.74 22.64
CA MET I 123 8.34 -7.51 23.63
C MET I 123 8.09 -8.76 24.47
N GLY I 124 8.73 -9.87 24.10
CA GLY I 124 8.47 -11.13 24.74
C GLY I 124 7.23 -11.83 24.18
N LYS I 125 6.71 -11.31 23.07
CA LYS I 125 5.50 -11.83 22.44
C LYS I 125 5.81 -13.00 21.48
N LYS I 126 4.87 -13.94 21.37
CA LYS I 126 5.04 -15.16 20.56
C LYS I 126 3.91 -15.35 19.57
N LYS I 127 4.11 -16.18 18.55
CA LYS I 127 3.04 -16.41 17.59
C LYS I 127 1.83 -16.94 18.34
N ARG I 128 2.08 -17.90 19.25
CA ARG I 128 1.03 -18.49 20.09
C ARG I 128 0.24 -17.48 20.92
N ASP I 129 0.86 -16.36 21.28
CA ASP I 129 0.13 -15.32 21.97
C ASP I 129 -0.83 -14.58 21.03
N ILE I 130 -0.66 -14.78 19.73
CA ILE I 130 -1.44 -14.00 18.76
C ILE I 130 -2.42 -14.87 17.99
N LEU I 131 -2.00 -16.08 17.62
CA LEU I 131 -2.85 -16.98 16.84
C LEU I 131 -3.48 -18.06 17.69
N ASN I 132 -4.65 -18.52 17.24
CA ASN I 132 -5.39 -19.54 17.94
C ASN I 132 -5.99 -20.51 16.93
N LYS I 133 -5.29 -21.60 16.67
CA LYS I 133 -5.76 -22.51 15.63
C LYS I 133 -7.18 -22.95 15.90
N GLN I 134 -7.54 -23.01 17.17
CA GLN I 134 -8.86 -23.52 17.53
C GLN I 134 -9.99 -22.57 17.13
N THR I 135 -9.86 -21.29 17.53
CA THR I 135 -10.85 -20.27 17.17
C THR I 135 -10.65 -19.72 15.78
N ARG I 136 -9.41 -19.71 15.29
CA ARG I 136 -9.09 -19.14 13.98
C ARG I 136 -9.43 -17.66 14.02
N ASP I 137 -9.08 -17.07 15.15
CA ASP I 137 -9.37 -15.68 15.45
C ASP I 137 -8.36 -14.77 14.77
N THR I 138 -8.87 -13.70 14.14
CA THR I 138 -8.00 -12.78 13.43
C THR I 138 -8.02 -11.35 14.00
N LYS I 139 -8.96 -11.06 14.89
CA LYS I 139 -9.01 -9.70 15.40
C LYS I 139 -7.69 -9.22 16.05
N GLU I 140 -6.96 -10.10 16.70
CA GLU I 140 -5.68 -9.68 17.29
C GLU I 140 -4.60 -9.43 16.23
N MET I 141 -4.51 -10.30 15.23
CA MET I 141 -3.56 -10.11 14.13
C MET I 141 -3.76 -8.77 13.43
N GLN I 142 -5.02 -8.50 13.06
CA GLN I 142 -5.40 -7.28 12.38
C GLN I 142 -4.95 -6.04 13.16
N LYS I 143 -5.29 -5.98 14.43
CA LYS I 143 -4.88 -4.85 15.25
C LYS I 143 -3.37 -4.72 15.26
N LEU I 144 -2.67 -5.83 15.38
CA LEU I 144 -1.21 -5.77 15.28
C LEU I 144 -0.73 -5.26 13.92
N LEU I 145 -1.46 -5.61 12.84
CA LEU I 145 -1.13 -5.14 11.47
C LEU I 145 -1.38 -3.62 11.37
N ASP I 146 -2.55 -3.20 11.82
CA ASP I 146 -2.89 -1.80 11.95
C ASP I 146 -1.93 -1.04 12.84
N THR I 147 -1.33 -1.72 13.82
CA THR I 147 -0.40 -1.04 14.73
C THR I 147 1.04 -0.90 14.21
N TYR I 148 1.58 -1.94 13.60
CA TYR I 148 2.99 -1.94 13.27
C TYR I 148 3.21 -1.94 11.77
N GLY I 149 2.16 -2.26 11.04
CA GLY I 149 2.21 -2.32 9.59
C GLY I 149 3.16 -3.34 9.01
N ILE I 150 3.70 -3.05 7.83
CA ILE I 150 4.55 -4.03 7.18
C ILE I 150 5.88 -3.46 6.78
N ASN I 151 6.65 -4.22 6.02
CA ASN I 151 8.02 -3.85 5.73
C ASN I 151 8.82 -3.56 7.00
N LEU I 152 8.79 -4.51 7.94
CA LEU I 152 9.53 -4.44 9.19
C LEU I 152 10.89 -5.06 8.97
N PRO I 153 11.88 -4.73 9.80
CA PRO I 153 13.20 -5.34 9.57
C PRO I 153 13.14 -6.82 9.97
N LEU I 154 14.02 -7.64 9.39
CA LEU I 154 14.07 -9.05 9.73
C LEU I 154 15.20 -9.30 10.71
N VAL I 155 15.02 -10.23 11.64
CA VAL I 155 16.07 -10.55 12.59
C VAL I 155 17.05 -11.63 12.09
N THR I 156 18.33 -11.28 12.03
CA THR I 156 19.38 -12.18 11.56
C THR I 156 19.89 -13.15 12.64
N TYR I 157 19.81 -14.44 12.36
CA TYR I 157 20.35 -15.44 13.25
C TYR I 157 21.31 -16.29 12.43
N VAL I 158 22.20 -17.03 13.10
CA VAL I 158 23.02 -18.01 12.38
C VAL I 158 22.43 -19.38 12.64
N LYS I 159 22.43 -20.21 11.61
CA LYS I 159 21.70 -21.48 11.70
C LYS I 159 22.46 -22.59 12.37
N ASP I 160 21.91 -23.09 13.46
CA ASP I 160 22.44 -24.28 14.12
C ASP I 160 22.21 -25.57 13.31
N GLU I 161 23.21 -26.02 12.57
CA GLU I 161 23.05 -27.21 11.76
C GLU I 161 24.38 -27.88 11.52
N LEU I 162 24.37 -29.16 11.14
CA LEU I 162 25.61 -29.87 10.81
C LEU I 162 26.17 -29.29 9.53
N ARG I 163 27.49 -29.11 9.50
CA ARG I 163 28.14 -28.45 8.38
C ARG I 163 29.48 -29.17 8.17
N SER I 164 29.97 -29.24 6.93
CA SER I 164 31.23 -29.94 6.67
C SER I 164 32.42 -29.34 7.43
N LYS I 165 33.57 -30.00 7.36
CA LYS I 165 34.78 -29.51 8.02
C LYS I 165 35.30 -28.21 7.40
N THR I 166 35.55 -28.22 6.09
CA THR I 166 36.09 -27.04 5.41
C THR I 166 35.27 -25.77 5.65
N LYS I 167 33.99 -25.91 5.98
CA LYS I 167 33.10 -24.77 6.17
C LYS I 167 32.96 -24.41 7.64
N VAL I 168 33.57 -25.21 8.51
CA VAL I 168 33.68 -24.81 9.90
C VAL I 168 34.93 -23.94 10.01
N GLU I 169 36.03 -24.43 9.43
CA GLU I 169 37.26 -23.68 9.38
C GLU I 169 37.08 -22.39 8.60
N GLN I 170 36.50 -22.51 7.40
CA GLN I 170 36.28 -21.35 6.54
C GLN I 170 35.18 -20.45 7.12
N GLY I 171 34.66 -20.78 8.29
CA GLY I 171 33.64 -19.95 8.95
C GLY I 171 32.35 -19.74 8.17
N LYS I 172 32.11 -20.62 7.21
CA LYS I 172 30.93 -20.54 6.35
C LYS I 172 29.62 -21.08 6.94
N SER I 173 29.25 -20.64 8.14
CA SER I 173 27.92 -20.95 8.66
C SER I 173 26.85 -20.25 7.81
N ARG I 174 25.62 -20.74 7.87
CA ARG I 174 24.54 -20.17 7.06
C ARG I 174 23.67 -19.21 7.86
N LEU I 175 23.18 -18.19 7.17
CA LEU I 175 22.46 -17.08 7.79
C LEU I 175 20.94 -17.12 7.56
N ILE I 176 20.20 -16.67 8.57
CA ILE I 176 18.76 -16.72 8.58
C ILE I 176 18.15 -15.32 8.80
N GLU I 177 17.17 -14.97 7.97
CA GLU I 177 16.45 -13.73 8.12
C GLU I 177 15.06 -14.00 8.65
N ALA I 178 14.92 -13.93 9.96
CA ALA I 178 13.63 -14.13 10.58
C ALA I 178 12.63 -13.07 10.09
N SER I 179 11.79 -13.42 9.12
CA SER I 179 10.71 -12.53 8.74
C SER I 179 9.71 -12.25 9.89
N SER I 180 9.16 -11.04 9.90
CA SER I 180 8.18 -10.64 10.91
C SER I 180 6.83 -11.30 10.64
N LEU I 181 6.04 -11.48 11.69
CA LEU I 181 4.72 -12.06 11.57
C LEU I 181 3.93 -11.26 10.54
N ASN I 182 3.93 -9.95 10.74
CA ASN I 182 3.15 -8.99 9.95
C ASN I 182 3.43 -9.11 8.47
N ASP I 183 4.70 -9.23 8.14
CA ASP I 183 5.12 -9.46 6.74
C ASP I 183 4.77 -10.86 6.19
N SER I 184 4.96 -11.91 6.99
CA SER I 184 4.46 -13.23 6.56
C SER I 184 2.97 -13.18 6.33
N VAL I 185 2.22 -12.52 7.20
CA VAL I 185 0.78 -12.46 6.95
C VAL I 185 0.46 -11.72 5.64
N ALA I 186 1.09 -10.57 5.43
CA ALA I 186 0.84 -9.78 4.24
C ALA I 186 1.21 -10.52 2.97
N MET I 187 2.34 -11.22 3.01
CA MET I 187 2.76 -12.01 1.85
C MET I 187 1.74 -13.08 1.52
N ARG I 188 1.19 -13.77 2.52
CA ARG I 188 0.23 -14.85 2.25
C ARG I 188 -1.14 -14.33 1.81
N MET I 189 -1.52 -13.16 2.30
CA MET I 189 -2.72 -12.51 1.79
C MET I 189 -2.58 -12.14 0.30
N ALA I 190 -1.41 -11.72 -0.13
CA ALA I 190 -1.19 -11.34 -1.53
C ALA I 190 -1.05 -12.54 -2.47
N PHE I 191 -0.27 -13.53 -1.99
CA PHE I 191 0.20 -14.60 -2.86
C PHE I 191 -0.30 -16.00 -2.45
N GLY I 192 -1.16 -16.09 -1.45
CA GLY I 192 -1.60 -17.39 -0.97
C GLY I 192 -2.18 -18.31 -2.03
N ASN I 193 -3.01 -17.75 -2.90
CA ASN I 193 -3.66 -18.51 -3.98
C ASN I 193 -2.65 -18.93 -5.04
N LEU I 194 -1.55 -18.22 -5.16
CA LEU I 194 -0.45 -18.65 -6.02
C LEU I 194 0.34 -19.81 -5.39
N TYR I 195 0.69 -19.69 -4.10
CA TYR I 195 1.39 -20.76 -3.41
C TYR I 195 0.54 -22.03 -3.42
N ALA I 196 -0.77 -21.86 -3.22
CA ALA I 196 -1.63 -23.01 -3.18
C ALA I 196 -1.55 -23.77 -4.50
N ALA I 197 -1.75 -23.08 -5.62
CA ALA I 197 -1.61 -23.67 -6.94
C ALA I 197 -0.28 -24.39 -7.13
N PHE I 198 0.82 -23.72 -6.81
CA PHE I 198 2.08 -24.43 -6.95
C PHE I 198 2.12 -25.70 -6.08
N HIS I 199 1.59 -25.66 -4.87
CA HIS I 199 1.62 -26.85 -4.00
C HIS I 199 0.75 -27.98 -4.51
N LYS I 200 -0.37 -27.65 -5.12
CA LYS I 200 -1.25 -28.69 -5.60
C LYS I 200 -0.73 -29.25 -6.93
N ASN I 201 0.25 -28.58 -7.53
CA ASN I 201 0.65 -29.00 -8.89
C ASN I 201 2.14 -29.20 -9.13
N PRO I 202 2.78 -30.05 -8.32
CA PRO I 202 4.19 -30.32 -8.60
C PRO I 202 4.26 -31.02 -9.94
N GLY I 203 5.27 -30.73 -10.75
CA GLY I 203 5.31 -31.25 -12.10
C GLY I 203 6.01 -30.35 -13.11
N VAL I 204 5.77 -30.60 -14.38
CA VAL I 204 6.51 -29.87 -15.40
C VAL I 204 5.72 -28.69 -15.97
N ILE I 205 4.52 -28.47 -15.43
CA ILE I 205 3.77 -27.29 -15.77
C ILE I 205 4.16 -26.12 -14.86
N THR I 206 4.04 -26.30 -13.55
CA THR I 206 4.63 -25.31 -12.65
C THR I 206 6.15 -25.32 -12.77
N GLY I 207 6.70 -26.45 -13.21
CA GLY I 207 8.15 -26.64 -13.25
C GLY I 207 8.77 -26.54 -11.87
N SER I 208 8.06 -27.07 -10.87
CA SER I 208 8.53 -27.04 -9.49
C SER I 208 8.21 -28.36 -8.74
N ALA I 209 9.05 -28.77 -7.80
CA ALA I 209 8.81 -29.99 -7.00
C ALA I 209 8.16 -29.75 -5.63
N VAL I 210 7.92 -28.49 -5.29
CA VAL I 210 7.40 -28.11 -4.00
C VAL I 210 6.04 -28.74 -3.83
N GLY I 211 5.81 -29.40 -2.71
CA GLY I 211 4.59 -30.16 -2.58
C GLY I 211 4.69 -31.61 -3.03
N CYS I 212 5.85 -32.07 -3.48
CA CYS I 212 5.94 -33.47 -3.88
C CYS I 212 6.36 -34.41 -2.72
N ASP I 213 5.92 -35.66 -2.83
CA ASP I 213 6.41 -36.72 -1.96
C ASP I 213 7.34 -37.59 -2.78
N PRO I 214 8.64 -37.40 -2.60
CA PRO I 214 9.61 -38.19 -3.36
C PRO I 214 9.24 -39.67 -3.52
N ASP I 215 8.95 -40.38 -2.43
CA ASP I 215 8.62 -41.83 -2.53
C ASP I 215 7.63 -42.16 -3.65
N LEU I 216 6.80 -41.20 -4.03
CA LEU I 216 5.77 -41.42 -5.03
C LEU I 216 6.08 -40.70 -6.33
N PHE I 217 6.58 -39.48 -6.19
CA PHE I 217 6.86 -38.57 -7.29
C PHE I 217 7.94 -39.10 -8.22
N TRP I 218 8.95 -39.74 -7.62
CA TRP I 218 10.06 -40.26 -8.40
C TRP I 218 9.58 -41.12 -9.55
N SER I 219 8.60 -41.96 -9.30
CA SER I 219 8.12 -42.84 -10.36
C SER I 219 7.34 -42.09 -11.44
N LYS I 220 7.01 -40.82 -11.16
CA LYS I 220 6.27 -39.94 -12.10
C LYS I 220 7.23 -39.16 -12.97
N ILE I 221 8.45 -38.98 -12.50
CA ILE I 221 9.40 -38.07 -13.12
C ILE I 221 9.95 -38.48 -14.52
N PRO I 222 10.50 -39.69 -14.65
CA PRO I 222 11.10 -40.09 -15.94
C PRO I 222 10.09 -40.10 -17.08
N VAL I 223 8.83 -40.29 -16.75
CA VAL I 223 7.75 -40.26 -17.72
C VAL I 223 7.57 -38.85 -18.23
N LEU I 224 7.87 -37.89 -17.38
CA LEU I 224 7.62 -36.48 -17.70
C LEU I 224 8.81 -35.84 -18.41
N MET I 225 10.02 -36.32 -18.16
CA MET I 225 11.19 -35.74 -18.83
C MET I 225 11.26 -36.09 -20.32
N GLU I 226 12.03 -35.31 -21.06
CA GLU I 226 12.34 -35.66 -22.44
C GLU I 226 13.54 -36.60 -22.45
N GLU I 227 13.71 -37.33 -23.55
CA GLU I 227 14.80 -38.29 -23.73
C GLU I 227 16.16 -37.96 -23.10
N LYS I 228 16.54 -36.69 -23.06
CA LYS I 228 17.92 -36.38 -22.72
C LYS I 228 18.03 -35.39 -21.58
N LEU I 229 18.82 -35.73 -20.57
CA LEU I 229 18.81 -34.97 -19.33
C LEU I 229 20.01 -34.08 -19.29
N PHE I 230 19.88 -33.00 -18.52
CA PHE I 230 21.01 -32.17 -18.17
C PHE I 230 20.73 -31.51 -16.84
N ALA I 231 21.75 -30.95 -16.22
CA ALA I 231 21.59 -30.39 -14.91
C ALA I 231 22.93 -29.88 -14.48
N PHE I 232 22.93 -29.07 -13.43
CA PHE I 232 24.12 -28.43 -12.94
C PHE I 232 23.82 -27.86 -11.55
N ASP I 233 24.87 -27.40 -10.87
CA ASP I 233 24.74 -26.68 -9.61
C ASP I 233 24.76 -25.17 -9.84
N TYR I 234 24.49 -24.41 -8.77
CA TYR I 234 24.80 -22.97 -8.70
C TYR I 234 25.63 -22.76 -7.45
N THR I 235 26.44 -21.70 -7.45
CA THR I 235 27.13 -21.28 -6.24
C THR I 235 26.48 -20.01 -5.73
N GLY I 236 25.98 -20.05 -4.51
CA GLY I 236 25.34 -18.90 -3.92
C GLY I 236 24.20 -18.37 -4.77
N TYR I 237 23.28 -19.25 -5.15
CA TYR I 237 22.18 -18.91 -6.07
C TYR I 237 21.50 -17.60 -5.69
N ASP I 238 21.03 -17.57 -4.45
CA ASP I 238 20.43 -16.38 -3.88
C ASP I 238 21.31 -15.15 -4.08
N ALA I 239 22.49 -15.19 -3.49
CA ALA I 239 23.34 -14.00 -3.43
C ALA I 239 23.63 -13.44 -4.81
N SER I 240 23.64 -14.33 -5.81
CA SER I 240 23.94 -13.94 -7.17
C SER I 240 22.71 -13.52 -7.99
N LEU I 241 21.53 -13.49 -7.38
CA LEU I 241 20.36 -13.08 -8.16
C LEU I 241 20.37 -11.56 -8.39
N SER I 242 20.57 -11.18 -9.65
CA SER I 242 20.67 -9.80 -10.05
C SER I 242 19.29 -9.22 -10.28
N PRO I 243 19.16 -7.88 -10.16
CA PRO I 243 17.87 -7.19 -10.28
C PRO I 243 17.04 -7.60 -11.50
N ALA I 244 17.67 -7.93 -12.61
CA ALA I 244 16.86 -8.27 -13.78
C ALA I 244 15.93 -9.45 -13.49
N TRP I 245 16.45 -10.46 -12.82
CA TRP I 245 15.66 -11.64 -12.54
C TRP I 245 14.41 -11.30 -11.74
N PHE I 246 14.56 -10.43 -10.74
CA PHE I 246 13.43 -10.01 -9.96
C PHE I 246 12.41 -9.27 -10.81
N GLU I 247 12.91 -8.38 -11.67
CA GLU I 247 12.07 -7.77 -12.71
C GLU I 247 11.38 -8.79 -13.62
N ALA I 248 12.13 -9.76 -14.16
CA ALA I 248 11.48 -10.83 -14.93
C ALA I 248 10.34 -11.53 -14.17
N LEU I 249 10.59 -11.81 -12.89
CA LEU I 249 9.62 -12.39 -11.97
C LEU I 249 8.33 -11.57 -11.99
N LYS I 250 8.46 -10.32 -11.55
CA LYS I 250 7.37 -9.35 -11.66
C LYS I 250 6.64 -9.41 -13.03
N MET I 251 7.39 -9.36 -14.13
CA MET I 251 6.77 -9.55 -15.43
C MET I 251 5.94 -10.86 -15.54
N VAL I 252 6.40 -11.97 -14.94
CA VAL I 252 5.57 -13.18 -14.96
C VAL I 252 4.34 -12.97 -14.11
N LEU I 253 4.55 -12.38 -12.93
CA LEU I 253 3.46 -12.09 -12.02
C LEU I 253 2.40 -11.19 -12.68
N GLU I 254 2.75 -10.14 -13.42
CA GLU I 254 1.69 -9.38 -14.13
C GLU I 254 1.00 -10.24 -15.19
N LYS I 255 1.76 -11.07 -15.89
CA LYS I 255 1.13 -11.91 -16.90
C LYS I 255 0.12 -12.93 -16.38
N ILE I 256 0.28 -13.46 -15.17
CA ILE I 256 -0.72 -14.41 -14.64
C ILE I 256 -1.78 -13.83 -13.71
N GLY I 257 -1.76 -12.52 -13.50
CA GLY I 257 -2.93 -11.91 -12.87
C GLY I 257 -2.71 -11.21 -11.55
N PHE I 258 -1.45 -11.08 -11.13
CA PHE I 258 -1.08 -10.55 -9.83
C PHE I 258 -0.42 -9.19 -9.95
N GLY I 259 -0.68 -8.49 -11.05
CA GLY I 259 0.01 -7.23 -11.36
C GLY I 259 -0.05 -6.21 -10.24
N ASP I 260 -1.16 -6.22 -9.53
CA ASP I 260 -1.38 -5.29 -8.43
C ASP I 260 -0.53 -5.50 -7.16
N ARG I 261 0.21 -6.61 -7.06
CA ARG I 261 1.12 -6.77 -5.91
C ARG I 261 2.59 -7.12 -6.20
N VAL I 262 3.05 -6.73 -7.39
CA VAL I 262 4.45 -6.87 -7.76
C VAL I 262 5.29 -5.93 -6.93
N ASP I 263 4.65 -4.90 -6.40
CA ASP I 263 5.32 -3.99 -5.47
C ASP I 263 5.84 -4.75 -4.26
N TYR I 264 5.17 -5.84 -3.90
CA TYR I 264 5.65 -6.66 -2.80
C TYR I 264 7.01 -7.20 -3.17
N ILE I 265 7.26 -7.38 -4.47
CA ILE I 265 8.58 -7.83 -4.87
C ILE I 265 9.64 -6.77 -4.63
N ASP I 266 9.37 -5.51 -4.98
CA ASP I 266 10.35 -4.47 -4.73
C ASP I 266 10.61 -4.41 -3.26
N TYR I 267 9.55 -4.39 -2.47
CA TYR I 267 9.69 -4.42 -1.00
C TYR I 267 10.70 -5.47 -0.55
N LEU I 268 10.58 -6.70 -1.08
CA LEU I 268 11.53 -7.76 -0.76
C LEU I 268 12.97 -7.39 -1.14
N ASN I 269 13.13 -6.73 -2.28
CA ASN I 269 14.43 -6.27 -2.80
C ASN I 269 15.11 -5.13 -2.05
N HIS I 270 14.46 -4.58 -1.02
CA HIS I 270 15.09 -3.56 -0.23
C HIS I 270 14.72 -3.83 1.19
N SER I 271 15.65 -4.44 1.93
CA SER I 271 15.31 -4.97 3.25
C SER I 271 16.28 -4.55 4.32
N HIS I 272 15.76 -4.41 5.54
CA HIS I 272 16.59 -4.09 6.69
C HIS I 272 16.66 -5.26 7.63
N HIS I 273 17.88 -5.61 8.02
CA HIS I 273 18.14 -6.72 8.93
C HIS I 273 18.81 -6.27 10.22
N LEU I 274 18.30 -6.75 11.35
CA LEU I 274 18.93 -6.53 12.66
C LEU I 274 19.84 -7.69 13.04
N TYR I 275 21.13 -7.43 13.17
CA TYR I 275 22.07 -8.46 13.63
C TYR I 275 22.75 -8.05 14.93
N LYS I 276 22.20 -8.52 16.04
CA LYS I 276 22.74 -8.22 17.37
C LYS I 276 22.51 -6.77 17.73
N ASN I 277 23.56 -5.98 17.63
CA ASN I 277 23.53 -4.57 18.00
C ASN I 277 23.50 -3.67 16.77
N LYS I 278 23.82 -4.25 15.61
CA LYS I 278 23.83 -3.55 14.33
C LYS I 278 22.50 -3.57 13.62
N THR I 279 22.46 -2.91 12.46
CA THR I 279 21.30 -2.84 11.58
C THR I 279 21.72 -2.52 10.16
N TYR I 280 21.77 -3.50 9.27
CA TYR I 280 22.16 -3.17 7.90
C TYR I 280 20.98 -2.99 6.96
N CYS I 281 21.29 -2.52 5.76
CA CYS I 281 20.31 -2.36 4.70
C CYS I 281 20.87 -3.07 3.50
N VAL I 282 19.99 -3.76 2.77
CA VAL I 282 20.43 -4.55 1.65
C VAL I 282 19.60 -4.12 0.47
N LYS I 283 20.20 -4.06 -0.71
CA LYS I 283 19.41 -3.81 -1.91
C LYS I 283 19.69 -4.84 -2.98
N GLY I 284 18.64 -5.29 -3.66
CA GLY I 284 18.78 -6.48 -4.50
C GLY I 284 18.70 -7.71 -3.61
N GLY I 285 18.47 -8.87 -4.20
CA GLY I 285 18.29 -10.08 -3.42
C GLY I 285 16.95 -10.17 -2.70
N MET I 286 16.60 -11.39 -2.31
CA MET I 286 15.38 -11.66 -1.56
C MET I 286 15.84 -12.49 -0.38
N PRO I 287 15.51 -12.06 0.84
CA PRO I 287 15.89 -12.83 2.04
C PRO I 287 15.14 -14.18 2.14
N SER I 288 15.86 -15.25 2.44
CA SER I 288 15.30 -16.60 2.41
C SER I 288 14.22 -16.82 3.48
N GLY I 289 14.25 -16.00 4.53
CA GLY I 289 13.29 -16.07 5.60
C GLY I 289 11.92 -15.44 5.30
N CYS I 290 11.74 -14.96 4.09
CA CYS I 290 10.46 -14.36 3.71
C CYS I 290 9.46 -15.39 3.16
N SER I 291 8.17 -15.15 3.37
CA SER I 291 7.12 -15.95 2.72
C SER I 291 7.31 -16.00 1.19
N GLY I 292 7.07 -17.20 0.63
CA GLY I 292 7.14 -17.46 -0.80
C GLY I 292 8.52 -17.64 -1.43
N THR I 293 9.58 -17.51 -0.64
CA THR I 293 10.92 -17.52 -1.23
C THR I 293 11.10 -18.80 -2.00
N SER I 294 10.81 -19.93 -1.37
CA SER I 294 10.96 -21.22 -2.01
C SER I 294 10.31 -21.33 -3.40
N ILE I 295 9.09 -20.82 -3.53
CA ILE I 295 8.37 -20.80 -4.80
C ILE I 295 8.86 -19.73 -5.81
N PHE I 296 9.27 -18.54 -5.33
CA PHE I 296 9.78 -17.48 -6.21
C PHE I 296 11.13 -17.85 -6.82
N ASN I 297 11.99 -18.42 -5.98
CA ASN I 297 13.25 -18.98 -6.43
C ASN I 297 13.08 -20.12 -7.41
N SER I 298 11.96 -20.83 -7.34
CA SER I 298 11.72 -21.93 -8.27
C SER I 298 11.23 -21.38 -9.58
N MET I 299 10.39 -20.35 -9.49
CA MET I 299 9.95 -19.63 -10.66
C MET I 299 11.14 -18.97 -11.37
N ILE I 300 12.03 -18.35 -10.61
CA ILE I 300 13.20 -17.76 -11.22
C ILE I 300 14.04 -18.80 -11.99
N ASN I 301 14.44 -19.88 -11.31
CA ASN I 301 15.07 -21.01 -12.00
C ASN I 301 14.45 -21.32 -13.35
N ASN I 302 13.13 -21.40 -13.39
CA ASN I 302 12.45 -21.68 -14.65
C ASN I 302 12.73 -20.64 -15.73
N LEU I 303 12.82 -19.37 -15.33
CA LEU I 303 13.15 -18.32 -16.28
C LEU I 303 14.63 -18.39 -16.61
N ILE I 304 15.47 -18.66 -15.61
CA ILE I 304 16.92 -18.71 -15.81
C ILE I 304 17.33 -19.76 -16.83
N ILE I 305 16.76 -20.95 -16.72
CA ILE I 305 17.09 -22.01 -17.67
C ILE I 305 16.62 -21.55 -19.04
N ARG I 306 15.33 -21.37 -19.23
CA ARG I 306 14.78 -20.92 -20.49
C ARG I 306 15.69 -19.85 -21.11
N THR I 307 16.21 -18.96 -20.28
CA THR I 307 16.93 -17.81 -20.80
C THR I 307 18.23 -18.24 -21.47
N LEU I 308 18.79 -19.36 -21.02
CA LEU I 308 20.08 -19.85 -21.52
C LEU I 308 19.87 -20.80 -22.73
N LEU I 309 18.85 -21.62 -22.66
CA LEU I 309 18.54 -22.43 -23.82
C LEU I 309 18.14 -21.57 -25.02
N LEU I 310 17.82 -20.30 -24.78
CA LEU I 310 17.40 -19.39 -25.85
C LEU I 310 18.61 -18.70 -26.43
N LYS I 311 19.48 -18.23 -25.54
CA LYS I 311 20.77 -17.73 -25.92
C LYS I 311 21.45 -18.72 -26.84
N THR I 312 21.80 -19.87 -26.29
CA THR I 312 22.69 -20.82 -26.94
C THR I 312 22.04 -21.57 -28.10
N TYR I 313 21.09 -22.41 -27.79
CA TYR I 313 20.52 -23.28 -28.80
C TYR I 313 19.48 -22.55 -29.67
N LYS I 314 20.00 -21.79 -30.63
CA LYS I 314 19.16 -21.07 -31.57
C LYS I 314 18.10 -21.98 -32.16
N GLY I 315 16.87 -21.48 -32.20
CA GLY I 315 15.75 -22.24 -32.73
C GLY I 315 15.46 -23.52 -31.96
N ILE I 316 15.47 -23.43 -30.63
CA ILE I 316 15.03 -24.53 -29.80
C ILE I 316 13.57 -24.30 -29.39
N ASP I 317 12.80 -25.39 -29.31
CA ASP I 317 11.39 -25.28 -28.98
C ASP I 317 11.16 -25.51 -27.49
N LEU I 318 10.73 -24.48 -26.80
CA LEU I 318 10.62 -24.54 -25.36
C LEU I 318 9.49 -25.47 -24.92
N ASP I 319 8.60 -25.80 -25.85
CA ASP I 319 7.55 -26.80 -25.57
C ASP I 319 8.11 -28.22 -25.44
N HIS I 320 9.42 -28.33 -25.51
CA HIS I 320 10.11 -29.60 -25.33
C HIS I 320 11.18 -29.39 -24.27
N LEU I 321 11.02 -28.33 -23.51
CA LEU I 321 11.71 -28.21 -22.24
C LEU I 321 10.84 -28.88 -21.19
N LYS I 322 11.41 -29.85 -20.48
CA LYS I 322 10.75 -30.51 -19.36
C LYS I 322 11.63 -30.36 -18.14
N MET I 323 11.33 -29.39 -17.28
CA MET I 323 12.14 -29.18 -16.09
C MET I 323 11.31 -29.15 -14.82
N ILE I 324 11.97 -29.46 -13.71
CA ILE I 324 11.34 -29.39 -12.41
C ILE I 324 12.33 -28.79 -11.45
N ALA I 325 12.00 -27.65 -10.87
CA ALA I 325 12.91 -27.04 -9.92
C ALA I 325 12.38 -27.11 -8.48
N TYR I 326 13.29 -27.10 -7.53
CA TYR I 326 12.98 -26.91 -6.12
C TYR I 326 14.00 -25.89 -5.70
N GLY I 327 13.63 -24.63 -5.71
CA GLY I 327 14.59 -23.56 -5.44
C GLY I 327 15.67 -23.60 -6.51
N ASP I 328 16.93 -23.52 -6.09
CA ASP I 328 18.06 -23.62 -7.02
C ASP I 328 18.29 -25.06 -7.52
N ASP I 329 17.86 -26.04 -6.76
CA ASP I 329 18.00 -27.42 -7.18
C ASP I 329 17.12 -27.62 -8.41
N VAL I 330 17.60 -28.41 -9.38
CA VAL I 330 16.89 -28.59 -10.65
C VAL I 330 17.31 -29.88 -11.34
N ILE I 331 16.35 -30.48 -12.04
CA ILE I 331 16.65 -31.54 -12.98
C ILE I 331 15.89 -31.18 -14.26
N ALA I 332 16.55 -31.33 -15.41
CA ALA I 332 15.96 -30.80 -16.64
C ALA I 332 16.16 -31.72 -17.84
N SER I 333 15.35 -31.52 -18.86
CA SER I 333 15.42 -32.37 -20.02
C SER I 333 14.93 -31.72 -21.34
N TYR I 334 15.49 -32.19 -22.44
CA TYR I 334 15.16 -31.76 -23.80
C TYR I 334 15.46 -32.96 -24.70
N PRO I 335 14.69 -33.12 -25.80
CA PRO I 335 14.72 -34.36 -26.59
C PRO I 335 16.05 -34.62 -27.30
N HIS I 336 16.88 -33.60 -27.44
CA HIS I 336 18.22 -33.78 -28.01
C HIS I 336 19.15 -33.20 -26.98
N GLU I 337 20.34 -33.78 -26.81
CA GLU I 337 21.18 -33.36 -25.70
C GLU I 337 21.49 -31.89 -25.73
N VAL I 338 21.48 -31.27 -24.55
CA VAL I 338 22.07 -29.95 -24.42
C VAL I 338 23.32 -30.05 -23.58
N ASP I 339 24.28 -29.22 -23.92
CA ASP I 339 25.59 -29.25 -23.32
C ASP I 339 25.56 -28.26 -22.17
N ALA I 340 25.82 -28.72 -20.95
CA ALA I 340 25.72 -27.86 -19.79
C ALA I 340 26.97 -27.02 -19.57
N SER I 341 28.07 -27.45 -20.18
CA SER I 341 29.28 -26.61 -20.23
C SER I 341 28.95 -25.29 -20.95
N LEU I 342 28.25 -25.41 -22.07
CA LEU I 342 27.78 -24.26 -22.79
C LEU I 342 26.87 -23.43 -21.89
N LEU I 343 25.72 -24.00 -21.51
CA LEU I 343 24.75 -23.28 -20.67
C LEU I 343 25.42 -22.51 -19.53
N ALA I 344 26.38 -23.14 -18.86
CA ALA I 344 27.04 -22.49 -17.74
C ALA I 344 27.78 -21.27 -18.24
N GLN I 345 28.03 -21.24 -19.55
CA GLN I 345 28.88 -20.23 -20.18
C GLN I 345 28.11 -18.92 -20.35
N SER I 346 26.96 -19.00 -21.01
CA SER I 346 26.05 -17.86 -21.07
C SER I 346 25.73 -17.40 -19.66
N GLY I 347 25.72 -18.34 -18.73
CA GLY I 347 25.44 -18.05 -17.33
C GLY I 347 26.42 -17.09 -16.68
N LYS I 348 27.59 -16.92 -17.29
CA LYS I 348 28.55 -15.96 -16.77
C LYS I 348 28.04 -14.56 -17.11
N ASP I 349 27.47 -14.44 -18.31
CA ASP I 349 26.94 -13.17 -18.79
C ASP I 349 25.98 -12.49 -17.80
N TYR I 350 25.37 -13.29 -16.91
CA TYR I 350 24.34 -12.77 -16.03
C TYR I 350 24.69 -12.87 -14.54
N GLY I 351 25.96 -13.05 -14.20
CA GLY I 351 26.35 -13.16 -12.81
C GLY I 351 26.25 -14.57 -12.22
N LEU I 352 25.66 -15.48 -12.98
CA LEU I 352 25.41 -16.84 -12.49
C LEU I 352 26.65 -17.75 -12.51
N THR I 353 27.03 -18.25 -11.34
CA THR I 353 28.13 -19.20 -11.19
C THR I 353 27.69 -20.68 -11.28
N MET I 354 27.46 -21.18 -12.50
CA MET I 354 27.00 -22.54 -12.74
C MET I 354 28.14 -23.56 -12.90
N THR I 355 28.17 -24.58 -12.03
CA THR I 355 29.22 -25.60 -12.04
C THR I 355 28.66 -27.00 -12.32
N PRO I 356 29.53 -28.03 -12.39
CA PRO I 356 28.94 -29.26 -12.89
C PRO I 356 28.13 -29.93 -11.80
N ALA I 357 27.14 -30.72 -12.17
CA ALA I 357 26.23 -31.27 -11.18
C ALA I 357 26.89 -32.31 -10.27
N ASP I 358 26.68 -32.17 -8.97
CA ASP I 358 27.17 -33.16 -8.00
C ASP I 358 28.63 -32.98 -7.63
N LYS I 359 29.08 -31.73 -7.59
CA LYS I 359 30.47 -31.43 -7.20
C LYS I 359 31.49 -32.22 -8.03
N SER I 360 31.03 -32.73 -9.17
CA SER I 360 31.90 -33.47 -10.07
C SER I 360 32.91 -32.49 -10.67
N ALA I 361 33.92 -33.03 -11.34
CA ALA I 361 35.01 -32.19 -11.84
C ALA I 361 34.66 -31.59 -13.20
N THR I 362 34.07 -32.42 -14.06
CA THR I 362 33.84 -32.03 -15.43
C THR I 362 32.37 -32.19 -15.76
N PHE I 363 31.91 -31.39 -16.71
CA PHE I 363 30.53 -31.53 -17.15
C PHE I 363 30.38 -32.87 -17.87
N GLU I 364 30.14 -33.93 -17.10
CA GLU I 364 29.87 -35.24 -17.69
C GLU I 364 28.46 -35.25 -18.24
N THR I 365 28.15 -36.20 -19.10
CA THR I 365 26.77 -36.35 -19.52
C THR I 365 25.99 -36.76 -18.27
N VAL I 366 24.75 -36.28 -18.18
CA VAL I 366 23.86 -36.66 -17.08
C VAL I 366 22.97 -37.78 -17.56
N THR I 367 22.93 -38.85 -16.76
CA THR I 367 22.22 -40.06 -17.10
C THR I 367 21.29 -40.44 -15.96
N TRP I 368 20.27 -41.24 -16.26
CA TRP I 368 19.40 -41.73 -15.20
C TRP I 368 20.18 -42.35 -14.04
N GLU I 369 21.42 -42.74 -14.29
CA GLU I 369 22.23 -43.41 -13.27
C GLU I 369 22.99 -42.45 -12.39
N ASN I 370 23.37 -41.30 -12.91
CA ASN I 370 24.13 -40.35 -12.11
C ASN I 370 23.38 -39.09 -11.67
N VAL I 371 22.19 -38.87 -12.24
CA VAL I 371 21.41 -37.67 -11.89
C VAL I 371 20.85 -37.74 -10.49
N THR I 372 21.00 -36.65 -9.73
CA THR I 372 20.30 -36.51 -8.45
C THR I 372 19.42 -35.27 -8.39
N PHE I 373 18.42 -35.32 -7.52
CA PHE I 373 17.47 -34.24 -7.32
C PHE I 373 17.05 -34.40 -5.86
N LEU I 374 16.89 -33.31 -5.13
CA LEU I 374 16.54 -33.42 -3.71
C LEU I 374 17.49 -34.39 -2.97
N LYS I 375 18.72 -34.46 -3.46
CA LYS I 375 19.79 -35.27 -2.85
C LYS I 375 19.60 -36.78 -2.99
N ARG I 376 18.70 -37.17 -3.88
CA ARG I 376 18.38 -38.58 -4.04
C ARG I 376 18.64 -39.06 -5.47
N PHE I 377 18.95 -40.34 -5.62
CA PHE I 377 19.17 -40.93 -6.92
C PHE I 377 17.90 -41.59 -7.43
N PHE I 378 17.94 -42.07 -8.68
CA PHE I 378 16.81 -42.77 -9.28
C PHE I 378 17.23 -44.21 -9.59
N ARG I 379 16.40 -45.18 -9.22
CA ARG I 379 16.72 -46.60 -9.43
C ARG I 379 15.46 -47.37 -9.59
N ALA I 380 15.26 -48.01 -10.74
CA ALA I 380 14.06 -48.80 -10.86
C ALA I 380 14.11 -49.93 -9.84
N ASP I 381 12.95 -50.33 -9.37
CA ASP I 381 12.81 -51.52 -8.58
C ASP I 381 13.11 -52.76 -9.46
N GLU I 382 13.86 -53.73 -8.94
CA GLU I 382 14.18 -54.97 -9.66
C GLU I 382 12.96 -55.73 -10.13
N LYS I 383 11.94 -55.76 -9.29
CA LYS I 383 10.75 -56.54 -9.54
C LYS I 383 9.77 -55.75 -10.40
N TYR I 384 9.47 -54.53 -9.98
CA TYR I 384 8.53 -53.67 -10.70
C TYR I 384 9.23 -52.49 -11.33
N PRO I 385 9.86 -52.70 -12.48
CA PRO I 385 10.84 -51.76 -13.03
C PRO I 385 10.28 -50.36 -13.28
N PHE I 386 8.96 -50.21 -13.39
CA PHE I 386 8.37 -48.88 -13.57
C PHE I 386 8.15 -48.11 -12.27
N LEU I 387 8.32 -48.79 -11.13
CA LEU I 387 8.41 -48.11 -9.84
C LEU I 387 9.87 -47.74 -9.58
N ILE I 388 10.09 -46.46 -9.31
CA ILE I 388 11.42 -45.90 -9.08
C ILE I 388 11.64 -45.49 -7.61
N HIS I 389 12.74 -45.98 -7.02
CA HIS I 389 13.14 -45.63 -5.66
C HIS I 389 13.90 -44.31 -5.67
N PRO I 390 13.55 -43.40 -4.74
CA PRO I 390 14.45 -42.27 -4.50
C PRO I 390 15.59 -42.71 -3.59
N VAL I 391 16.81 -42.77 -4.11
CA VAL I 391 17.89 -43.31 -3.30
C VAL I 391 18.81 -42.25 -2.69
N MET I 392 18.57 -41.95 -1.44
CA MET I 392 19.54 -41.20 -0.68
C MET I 392 20.67 -42.12 -0.28
N PRO I 393 21.90 -41.63 -0.41
CA PRO I 393 23.13 -42.32 -0.04
C PRO I 393 23.35 -42.39 1.48
N MET I 394 23.81 -43.56 1.95
CA MET I 394 23.90 -43.83 3.38
C MET I 394 24.86 -42.89 4.06
N LYS I 395 25.87 -42.45 3.33
CA LYS I 395 26.77 -41.39 3.80
C LYS I 395 26.02 -40.35 4.64
N GLU I 396 24.96 -39.80 4.08
CA GLU I 396 24.27 -38.64 4.66
C GLU I 396 23.43 -39.00 5.86
N ILE I 397 22.80 -40.17 5.78
CA ILE I 397 22.07 -40.79 6.89
C ILE I 397 22.98 -41.08 8.08
N HIS I 398 24.17 -41.58 7.78
CA HIS I 398 25.20 -41.77 8.79
C HIS I 398 25.60 -40.47 9.42
N GLU I 399 25.75 -39.40 8.61
CA GLU I 399 25.99 -38.05 9.16
C GLU I 399 24.90 -37.66 10.16
N SER I 400 23.65 -37.82 9.76
CA SER I 400 22.55 -37.37 10.59
C SER I 400 22.46 -38.11 11.92
N ILE I 401 22.67 -39.43 11.89
CA ILE I 401 22.39 -40.27 13.05
C ILE I 401 23.40 -40.10 14.17
N ARG I 402 24.60 -39.65 13.82
CA ARG I 402 25.67 -39.43 14.78
C ARG I 402 25.42 -38.21 15.68
N TRP I 403 24.30 -37.52 15.47
CA TRP I 403 24.00 -36.29 16.23
C TRP I 403 22.55 -36.23 16.70
N THR I 404 22.29 -35.43 17.71
CA THR I 404 20.96 -35.29 18.28
C THR I 404 20.82 -33.91 18.96
N LYS I 405 19.59 -33.39 19.09
CA LYS I 405 19.36 -32.13 19.79
C LYS I 405 18.50 -32.34 21.02
N ASP I 406 18.33 -33.59 21.40
CA ASP I 406 17.55 -33.97 22.55
C ASP I 406 17.33 -35.46 22.41
N PRO I 407 18.04 -36.24 23.21
CA PRO I 407 18.05 -37.69 23.09
C PRO I 407 16.66 -38.23 23.29
N ARG I 408 15.76 -37.41 23.85
CA ARG I 408 14.35 -37.79 24.00
C ARG I 408 13.73 -38.12 22.66
N ASN I 409 14.39 -37.73 21.57
CA ASN I 409 13.87 -37.88 20.20
C ASN I 409 14.42 -39.09 19.46
N THR I 410 15.32 -39.83 20.09
CA THR I 410 16.16 -40.79 19.40
C THR I 410 15.36 -41.80 18.55
N GLN I 411 14.24 -42.24 19.09
CA GLN I 411 13.38 -43.17 18.38
C GLN I 411 12.74 -42.56 17.11
N ASP I 412 12.19 -41.36 17.22
CA ASP I 412 11.57 -40.67 16.06
C ASP I 412 12.59 -40.40 14.97
N HIS I 413 13.72 -39.86 15.39
CA HIS I 413 14.87 -39.63 14.52
C HIS I 413 15.25 -40.89 13.74
N VAL I 414 15.77 -41.92 14.42
CA VAL I 414 16.24 -43.15 13.75
C VAL I 414 15.22 -43.81 12.82
N ARG I 415 14.00 -43.96 13.29
CA ARG I 415 12.94 -44.40 12.41
C ARG I 415 12.84 -43.56 11.14
N SER I 416 12.86 -42.24 11.27
CA SER I 416 12.81 -41.36 10.11
C SER I 416 13.91 -41.68 9.14
N LEU I 417 15.09 -41.92 9.67
CA LEU I 417 16.23 -42.27 8.84
C LEU I 417 16.02 -43.62 8.13
N CYS I 418 15.40 -44.60 8.78
CA CYS I 418 15.03 -45.89 8.14
C CYS I 418 14.11 -45.75 6.93
N LEU I 419 13.24 -44.74 6.96
CA LEU I 419 12.37 -44.43 5.83
C LEU I 419 13.17 -43.92 4.63
N LEU I 420 14.36 -43.39 4.90
CA LEU I 420 15.21 -42.89 3.82
C LEU I 420 16.14 -44.00 3.34
N ALA I 421 16.61 -44.81 4.28
CA ALA I 421 17.71 -45.75 4.03
C ALA I 421 17.31 -47.00 3.29
N TRP I 422 16.10 -47.50 3.49
CA TRP I 422 15.76 -48.83 2.99
C TRP I 422 15.82 -48.88 1.46
N HIS I 423 15.65 -47.72 0.80
CA HIS I 423 15.68 -47.61 -0.66
C HIS I 423 17.05 -47.98 -1.22
N ASN I 424 18.08 -47.91 -0.38
CA ASN I 424 19.41 -48.38 -0.73
C ASN I 424 19.51 -49.88 -0.91
N GLY I 425 18.40 -50.59 -0.67
CA GLY I 425 18.35 -52.03 -0.87
C GLY I 425 18.47 -52.87 0.39
N GLU I 426 17.81 -54.02 0.34
CA GLU I 426 17.73 -54.97 1.46
C GLU I 426 19.07 -55.30 2.13
N GLU I 427 20.07 -55.66 1.34
CA GLU I 427 21.35 -56.01 1.92
C GLU I 427 21.96 -54.84 2.67
N GLU I 428 21.78 -53.63 2.14
CA GLU I 428 22.34 -52.44 2.77
C GLU I 428 21.52 -52.01 3.98
N TYR I 429 20.19 -52.07 3.86
CA TYR I 429 19.30 -51.77 4.97
C TYR I 429 19.58 -52.67 6.18
N ASN I 430 19.62 -53.98 5.96
CA ASN I 430 19.85 -54.93 7.05
C ASN I 430 21.19 -54.69 7.76
N LYS I 431 22.21 -54.30 7.00
CA LYS I 431 23.52 -53.95 7.56
C LYS I 431 23.36 -52.70 8.43
N PHE I 432 22.58 -51.75 7.95
CA PHE I 432 22.30 -50.54 8.70
C PHE I 432 21.61 -50.86 10.03
N LEU I 433 20.53 -51.64 9.99
CA LEU I 433 19.85 -52.05 11.22
C LEU I 433 20.79 -52.79 12.19
N ALA I 434 21.76 -53.54 11.65
CA ALA I 434 22.74 -54.25 12.46
C ALA I 434 23.59 -53.31 13.32
N LYS I 435 24.23 -52.35 12.67
CA LYS I 435 24.99 -51.34 13.40
C LYS I 435 24.17 -50.58 14.47
N ILE I 436 22.99 -50.10 14.12
CA ILE I 436 22.13 -49.45 15.11
C ILE I 436 22.00 -50.39 16.27
N ARG I 437 21.83 -51.66 15.94
CA ARG I 437 21.65 -52.68 16.96
C ARG I 437 22.94 -53.14 17.64
N SER I 438 24.08 -52.67 17.15
CA SER I 438 25.34 -52.99 17.81
C SER I 438 25.53 -52.12 19.05
N VAL I 439 24.43 -51.63 19.63
CA VAL I 439 24.53 -50.91 20.90
C VAL I 439 23.23 -51.05 21.70
N PRO I 440 23.32 -50.91 23.03
CA PRO I 440 22.14 -51.13 23.87
C PRO I 440 20.96 -50.28 23.43
N ILE I 441 21.14 -48.96 23.35
CA ILE I 441 20.02 -48.06 23.04
C ILE I 441 19.33 -48.45 21.73
N GLY I 442 20.12 -48.69 20.68
CA GLY I 442 19.62 -49.29 19.46
C GLY I 442 18.67 -50.50 19.63
N ARG I 443 18.99 -51.42 20.54
CA ARG I 443 18.16 -52.60 20.69
C ARG I 443 16.87 -52.22 21.40
N ALA I 444 16.79 -51.00 21.87
CA ALA I 444 15.54 -50.52 22.47
C ALA I 444 14.59 -49.91 21.42
N LEU I 445 15.07 -49.73 20.20
CA LEU I 445 14.24 -49.04 19.20
C LEU I 445 13.39 -50.00 18.39
N ASP I 446 12.11 -49.66 18.24
CA ASP I 446 11.23 -50.35 17.30
C ASP I 446 11.50 -49.88 15.87
N LEU I 447 12.19 -50.71 15.11
CA LEU I 447 12.61 -50.40 13.76
C LEU I 447 11.88 -51.27 12.72
N PRO I 448 11.46 -50.67 11.60
CA PRO I 448 10.74 -51.44 10.56
C PRO I 448 11.64 -52.43 9.83
N GLU I 449 11.07 -53.56 9.45
CA GLU I 449 11.81 -54.53 8.65
C GLU I 449 11.66 -54.22 7.16
N TYR I 450 12.76 -54.38 6.42
CA TYR I 450 12.78 -54.15 4.98
C TYR I 450 11.51 -54.57 4.24
N SER I 451 11.06 -55.78 4.50
CA SER I 451 9.87 -56.29 3.85
C SER I 451 8.65 -55.46 4.22
N THR I 452 8.62 -54.92 5.44
CA THR I 452 7.47 -54.11 5.86
C THR I 452 7.51 -52.84 5.03
N LEU I 453 8.71 -52.26 4.95
CA LEU I 453 8.92 -50.98 4.30
C LEU I 453 8.59 -51.08 2.83
N TYR I 454 8.99 -52.20 2.23
CA TYR I 454 8.80 -52.48 0.80
C TYR I 454 7.33 -52.73 0.47
N ARG I 455 6.66 -53.45 1.34
CA ARG I 455 5.27 -53.72 1.14
C ARG I 455 4.48 -52.44 1.19
N ARG I 456 4.81 -51.59 2.15
CA ARG I 456 4.12 -50.31 2.34
C ARG I 456 4.33 -49.40 1.14
N TRP I 457 5.55 -49.40 0.62
CA TRP I 457 5.87 -48.66 -0.58
C TRP I 457 4.95 -49.09 -1.74
N LEU I 458 4.93 -50.39 -2.05
CA LEU I 458 4.08 -50.91 -3.14
C LEU I 458 2.62 -50.56 -2.95
N ASP I 459 2.11 -50.74 -1.74
CA ASP I 459 0.72 -50.40 -1.45
C ASP I 459 0.46 -48.90 -1.63
N SER I 460 1.47 -48.07 -1.38
CA SER I 460 1.25 -46.62 -1.49
C SER I 460 0.95 -46.21 -2.94
N PHE I 461 1.22 -47.13 -3.88
CA PHE I 461 0.89 -46.89 -5.28
C PHE I 461 -0.53 -47.38 -5.62
N GLY M 1 -50.91 -87.09 15.77
CA GLY M 1 -50.15 -88.29 16.09
C GLY M 1 -50.65 -89.00 17.35
N GLU M 2 -51.13 -90.22 17.18
CA GLU M 2 -51.63 -90.98 18.32
C GLU M 2 -50.55 -91.61 19.19
N ILE M 3 -50.79 -91.58 20.49
CA ILE M 3 -49.97 -92.31 21.44
C ILE M 3 -50.30 -93.79 21.37
N GLN M 4 -49.34 -94.63 21.01
CA GLN M 4 -49.54 -96.07 20.94
C GLN M 4 -49.51 -96.70 22.31
N TRP M 5 -48.47 -96.43 23.08
CA TRP M 5 -48.47 -96.88 24.47
C TRP M 5 -48.08 -95.85 25.54
N MET M 6 -47.54 -96.34 26.66
CA MET M 6 -47.33 -95.54 27.87
C MET M 6 -46.98 -96.48 28.99
N ARG M 7 -45.69 -96.69 29.25
CA ARG M 7 -45.23 -97.59 30.30
C ARG M 7 -44.13 -96.94 31.13
N PRO M 8 -44.13 -97.15 32.45
CA PRO M 8 -43.09 -96.55 33.27
C PRO M 8 -41.71 -96.75 32.66
N SER M 9 -40.85 -95.74 32.76
CA SER M 9 -39.56 -95.72 32.07
C SER M 9 -38.59 -96.80 32.53
N LYS M 10 -38.51 -96.98 33.84
CA LYS M 10 -37.58 -97.95 34.42
C LYS M 10 -37.91 -99.39 33.98
N GLU M 11 -39.16 -99.63 33.62
CA GLU M 11 -39.51 -100.89 32.98
C GLU M 11 -38.74 -101.06 31.67
N VAL M 12 -38.76 -100.03 30.84
CA VAL M 12 -38.18 -100.10 29.50
C VAL M 12 -36.69 -99.69 29.45
N GLY M 13 -36.12 -99.45 30.63
CA GLY M 13 -34.69 -99.22 30.74
C GLY M 13 -34.27 -97.76 30.74
N TYR M 14 -35.21 -96.89 30.41
CA TYR M 14 -34.97 -95.46 30.36
C TYR M 14 -34.90 -94.85 31.77
N PRO M 15 -34.41 -93.61 31.87
CA PRO M 15 -34.31 -93.03 33.20
C PRO M 15 -35.48 -92.09 33.51
N ILE M 16 -35.57 -91.67 34.76
CA ILE M 16 -36.54 -90.67 35.16
C ILE M 16 -35.90 -89.31 34.99
N ILE M 17 -36.64 -88.39 34.36
CA ILE M 17 -36.23 -87.00 34.24
C ILE M 17 -37.24 -86.11 34.92
N ASN M 18 -36.84 -85.41 35.96
CA ASN M 18 -37.79 -84.49 36.58
C ASN M 18 -37.54 -83.02 36.24
N ALA M 19 -38.50 -82.44 35.53
CA ALA M 19 -38.42 -81.06 35.10
C ALA M 19 -38.70 -80.16 36.28
N PRO M 20 -38.12 -78.94 36.26
CA PRO M 20 -38.39 -77.97 37.33
C PRO M 20 -39.88 -77.77 37.48
N SER M 21 -40.31 -77.36 38.66
CA SER M 21 -41.74 -77.23 38.93
C SER M 21 -42.12 -75.77 39.18
N LYS M 22 -41.26 -74.85 38.75
CA LYS M 22 -41.51 -73.45 39.03
C LYS M 22 -41.15 -72.51 37.89
N THR M 23 -42.13 -71.69 37.51
CA THR M 23 -41.96 -70.58 36.60
C THR M 23 -40.68 -69.80 36.91
N LYS M 24 -40.02 -69.30 35.88
CA LYS M 24 -38.88 -68.40 36.08
C LYS M 24 -39.37 -66.97 35.88
N LEU M 25 -40.63 -66.86 35.48
CA LEU M 25 -41.27 -65.58 35.21
C LEU M 25 -41.69 -64.90 36.50
N GLU M 26 -41.41 -63.60 36.58
CA GLU M 26 -41.73 -62.80 37.76
C GLU M 26 -42.14 -61.42 37.29
N PRO M 27 -43.06 -60.78 38.02
CA PRO M 27 -43.48 -59.44 37.63
C PRO M 27 -42.33 -58.45 37.53
N SER M 28 -42.49 -57.53 36.61
CA SER M 28 -41.47 -56.58 36.19
C SER M 28 -41.58 -55.29 37.01
N ALA M 29 -40.54 -54.47 36.99
CA ALA M 29 -40.70 -53.09 37.48
C ALA M 29 -41.98 -52.48 36.91
N PHE M 30 -42.35 -52.95 35.72
CA PHE M 30 -43.41 -52.32 34.93
C PHE M 30 -44.76 -53.06 34.97
N HIS M 31 -44.89 -53.99 35.91
CA HIS M 31 -46.10 -54.81 36.01
C HIS M 31 -47.37 -53.97 36.20
N TYR M 32 -47.26 -52.86 36.91
CA TYR M 32 -48.44 -52.04 37.19
C TYR M 32 -48.53 -50.81 36.31
N VAL M 33 -47.42 -50.45 35.68
CA VAL M 33 -47.43 -49.37 34.71
C VAL M 33 -48.35 -49.73 33.54
N PHE M 34 -48.23 -50.96 33.06
CA PHE M 34 -49.03 -51.41 31.92
C PHE M 34 -50.05 -52.46 32.26
N GLU M 35 -51.12 -52.43 31.47
CA GLU M 35 -52.22 -53.37 31.52
C GLU M 35 -51.79 -54.67 30.85
N GLY M 36 -52.50 -55.76 31.11
CA GLY M 36 -52.26 -57.02 30.42
C GLY M 36 -53.08 -58.17 30.98
N VAL M 37 -53.34 -59.19 30.18
CA VAL M 37 -54.19 -60.29 30.60
C VAL M 37 -53.48 -61.65 30.68
N LYS M 38 -52.15 -61.65 30.56
CA LYS M 38 -51.41 -62.89 30.47
C LYS M 38 -50.57 -63.19 31.70
N GLU M 39 -50.36 -64.49 31.95
CA GLU M 39 -49.59 -64.95 33.09
C GLU M 39 -48.83 -66.22 32.77
N PRO M 40 -47.84 -66.59 33.60
CA PRO M 40 -47.07 -67.82 33.42
C PRO M 40 -47.98 -69.02 33.23
N ALA M 41 -47.51 -69.99 32.46
CA ALA M 41 -48.33 -71.14 32.13
C ALA M 41 -48.25 -72.17 33.24
N VAL M 42 -49.25 -73.04 33.28
CA VAL M 42 -49.29 -74.12 34.25
C VAL M 42 -48.11 -75.07 34.00
N LEU M 43 -47.34 -75.33 35.06
CA LEU M 43 -46.19 -76.23 34.95
C LEU M 43 -46.39 -77.62 35.58
N THR M 44 -47.40 -77.77 36.44
CA THR M 44 -47.61 -79.01 37.18
C THR M 44 -49.09 -79.31 37.45
N LYS M 45 -49.34 -80.53 37.93
CA LYS M 45 -50.66 -80.98 38.37
C LYS M 45 -51.27 -80.05 39.40
N ASN M 46 -50.48 -79.82 40.44
CA ASN M 46 -50.90 -79.12 41.64
C ASN M 46 -50.84 -77.62 41.48
N ASP M 47 -51.73 -77.06 40.66
CA ASP M 47 -51.74 -75.63 40.42
C ASP M 47 -53.13 -75.08 40.65
N PRO M 48 -53.29 -74.27 41.71
CA PRO M 48 -54.59 -73.75 42.13
C PRO M 48 -55.34 -73.08 41.01
N ARG M 49 -54.64 -72.68 39.95
CA ARG M 49 -55.29 -71.95 38.86
C ARG M 49 -56.09 -72.86 37.93
N LEU M 50 -55.88 -74.18 38.03
CA LEU M 50 -56.52 -75.12 37.12
C LEU M 50 -58.02 -75.26 37.33
N LYS M 51 -58.76 -75.16 36.24
CA LYS M 51 -60.21 -75.38 36.27
C LYS M 51 -60.52 -76.68 35.55
N THR M 52 -59.54 -77.58 35.50
CA THR M 52 -59.66 -78.83 34.74
C THR M 52 -58.48 -79.74 35.03
N ASP M 53 -58.45 -80.92 34.41
CA ASP M 53 -57.37 -81.87 34.68
C ASP M 53 -56.16 -81.63 33.77
N PHE M 54 -54.97 -81.63 34.36
CA PHE M 54 -53.75 -81.37 33.58
C PHE M 54 -53.45 -82.39 32.48
N GLU M 55 -52.94 -83.56 32.87
CA GLU M 55 -52.57 -84.61 31.92
C GLU M 55 -53.60 -84.70 30.81
N GLU M 56 -54.87 -84.78 31.17
CA GLU M 56 -55.90 -84.85 30.15
C GLU M 56 -55.74 -83.66 29.20
N ALA M 57 -55.38 -82.52 29.76
CA ALA M 57 -55.34 -81.28 29.00
C ALA M 57 -54.13 -81.17 28.08
N ILE M 58 -52.94 -81.47 28.60
CA ILE M 58 -51.71 -81.31 27.82
C ILE M 58 -51.51 -82.40 26.75
N PHE M 59 -52.04 -83.60 27.01
CA PHE M 59 -51.95 -84.70 26.05
C PHE M 59 -53.17 -84.86 25.15
N SER M 60 -54.14 -83.97 25.28
CA SER M 60 -55.38 -84.09 24.53
C SER M 60 -55.20 -83.85 23.03
N LYS M 61 -54.00 -83.38 22.65
CA LYS M 61 -53.71 -83.11 21.24
C LYS M 61 -53.46 -84.42 20.46
N TYR M 62 -52.86 -85.41 21.13
CA TYR M 62 -52.52 -86.65 20.47
C TYR M 62 -53.76 -87.45 19.99
N VAL M 63 -54.29 -87.08 18.83
CA VAL M 63 -55.48 -87.72 18.26
C VAL M 63 -55.14 -88.74 17.17
N GLY M 64 -56.08 -89.64 16.91
CA GLY M 64 -55.94 -90.66 15.88
C GLY M 64 -55.75 -90.12 14.48
N ASN M 65 -54.78 -90.70 13.77
CA ASN M 65 -54.25 -90.12 12.53
C ASN M 65 -55.29 -89.75 11.48
N LYS M 66 -55.91 -90.77 10.89
CA LYS M 66 -56.88 -90.66 9.79
C LYS M 66 -56.27 -90.95 8.41
N ILE M 67 -56.47 -90.03 7.46
CA ILE M 67 -56.10 -90.24 6.05
C ILE M 67 -54.62 -90.57 5.86
N THR M 68 -54.36 -91.47 4.92
CA THR M 68 -53.02 -91.98 4.70
C THR M 68 -52.65 -91.94 3.23
N GLU M 69 -53.61 -91.62 2.38
CA GLU M 69 -53.33 -91.71 0.96
C GLU M 69 -53.19 -90.36 0.27
N VAL M 70 -52.04 -90.18 -0.37
CA VAL M 70 -51.80 -89.04 -1.21
C VAL M 70 -52.71 -89.17 -2.43
N ASP M 71 -53.87 -88.50 -2.39
CA ASP M 71 -54.71 -88.44 -3.57
C ASP M 71 -54.04 -87.59 -4.64
N GLU M 72 -54.77 -87.23 -5.69
CA GLU M 72 -54.12 -86.64 -6.87
C GLU M 72 -54.11 -85.12 -6.87
N TYR M 73 -54.86 -84.51 -5.97
CA TYR M 73 -54.72 -83.09 -5.76
C TYR M 73 -53.37 -82.86 -5.07
N MET M 74 -53.11 -83.63 -4.01
CA MET M 74 -51.80 -83.63 -3.36
C MET M 74 -50.69 -83.92 -4.37
N LYS M 75 -50.84 -84.99 -5.14
CA LYS M 75 -49.82 -85.36 -6.13
C LYS M 75 -49.42 -84.19 -7.03
N GLU M 76 -50.40 -83.38 -7.44
CA GLU M 76 -50.15 -82.25 -8.34
C GLU M 76 -49.52 -81.08 -7.58
N ALA M 77 -50.06 -80.77 -6.41
CA ALA M 77 -49.37 -79.90 -5.47
C ALA M 77 -47.87 -80.25 -5.38
N VAL M 78 -47.59 -81.47 -4.94
CA VAL M 78 -46.23 -82.00 -4.88
C VAL M 78 -45.36 -81.69 -6.10
N ASP M 79 -45.91 -81.87 -7.31
CA ASP M 79 -45.14 -81.64 -8.54
C ASP M 79 -44.87 -80.18 -8.75
N HIS M 80 -45.87 -79.36 -8.43
CA HIS M 80 -45.77 -77.93 -8.65
C HIS M 80 -44.78 -77.29 -7.67
N TYR M 81 -44.89 -77.68 -6.40
CA TYR M 81 -44.00 -77.16 -5.38
C TYR M 81 -42.58 -77.66 -5.62
N ALA M 82 -42.47 -78.96 -5.90
CA ALA M 82 -41.16 -79.56 -6.12
C ALA M 82 -40.42 -78.86 -7.25
N GLY M 83 -41.16 -78.43 -8.28
CA GLY M 83 -40.59 -77.75 -9.43
C GLY M 83 -40.15 -76.32 -9.15
N GLN M 84 -40.80 -75.69 -8.16
CA GLN M 84 -40.35 -74.38 -7.69
C GLN M 84 -38.99 -74.49 -7.02
N LEU M 85 -38.86 -75.46 -6.12
CA LEU M 85 -37.60 -75.67 -5.43
C LEU M 85 -36.45 -76.01 -6.39
N MET M 86 -36.77 -76.72 -7.48
CA MET M 86 -35.74 -77.15 -8.43
C MET M 86 -34.95 -75.96 -8.95
N SER M 87 -35.59 -74.81 -9.01
CA SER M 87 -34.97 -73.62 -9.56
C SER M 87 -33.93 -73.01 -8.64
N LEU M 88 -33.95 -73.37 -7.36
CA LEU M 88 -33.00 -72.80 -6.41
C LEU M 88 -31.65 -73.48 -6.50
N ASP M 89 -31.62 -74.59 -7.22
CA ASP M 89 -30.43 -75.44 -7.39
C ASP M 89 -29.78 -75.82 -6.06
N ILE M 90 -30.56 -76.49 -5.21
CA ILE M 90 -30.15 -76.83 -3.86
C ILE M 90 -29.12 -77.96 -3.80
N ASN M 91 -28.01 -77.71 -3.10
CA ASN M 91 -27.00 -78.74 -2.88
C ASN M 91 -27.57 -79.94 -2.14
N THR M 92 -27.40 -81.12 -2.70
CA THR M 92 -28.08 -82.31 -2.23
C THR M 92 -27.14 -83.22 -1.47
N GLU M 93 -25.94 -82.73 -1.24
CA GLU M 93 -24.93 -83.54 -0.62
C GLU M 93 -25.12 -83.59 0.89
N GLN M 94 -24.72 -84.70 1.51
CA GLN M 94 -24.57 -84.75 2.95
C GLN M 94 -23.68 -83.59 3.39
N MET M 95 -24.12 -82.84 4.39
CA MET M 95 -23.26 -81.91 5.09
C MET M 95 -22.33 -82.71 6.02
N CYS M 96 -21.09 -82.24 6.16
CA CYS M 96 -20.07 -82.96 6.91
C CYS M 96 -20.24 -82.67 8.40
N LEU M 97 -19.77 -83.58 9.24
CA LEU M 97 -20.07 -83.51 10.66
C LEU M 97 -19.69 -82.17 11.27
N GLU M 98 -18.66 -81.54 10.69
CA GLU M 98 -18.17 -80.29 11.25
C GLU M 98 -19.09 -79.09 10.98
N ASP M 99 -19.48 -78.89 9.73
CA ASP M 99 -20.44 -77.86 9.35
C ASP M 99 -21.80 -78.10 10.01
N ALA M 100 -22.12 -79.36 10.28
CA ALA M 100 -23.41 -79.69 10.82
C ALA M 100 -23.44 -79.34 12.30
N MET M 101 -22.30 -79.47 12.98
CA MET M 101 -22.24 -79.17 14.40
C MET M 101 -22.00 -77.69 14.58
N TYR M 102 -21.11 -77.12 13.77
CA TYR M 102 -20.57 -75.80 14.07
C TYR M 102 -21.08 -74.72 13.15
N GLY M 103 -21.80 -75.16 12.12
CA GLY M 103 -22.45 -74.23 11.22
C GLY M 103 -21.58 -73.89 10.05
N THR M 104 -22.20 -73.41 8.99
CA THR M 104 -21.53 -73.01 7.78
C THR M 104 -22.38 -71.88 7.23
N ASP M 105 -22.14 -71.42 6.01
CA ASP M 105 -22.94 -70.31 5.52
C ASP M 105 -24.41 -70.66 5.36
N GLY M 106 -25.26 -70.01 6.14
CA GLY M 106 -26.69 -70.24 6.03
C GLY M 106 -27.21 -71.18 7.11
N LEU M 107 -26.33 -71.65 7.98
CA LEU M 107 -26.80 -72.53 9.03
C LEU M 107 -26.05 -72.32 10.33
N GLU M 108 -26.66 -71.60 11.28
CA GLU M 108 -26.11 -71.41 12.63
C GLU M 108 -25.65 -72.72 13.25
N ALA M 109 -24.76 -72.63 14.22
CA ALA M 109 -24.25 -73.80 14.89
C ALA M 109 -25.32 -74.29 15.85
N LEU M 110 -25.16 -75.48 16.39
CA LEU M 110 -26.05 -75.97 17.43
C LEU M 110 -26.02 -75.02 18.63
N ASP M 111 -27.19 -74.79 19.23
CA ASP M 111 -27.29 -73.94 20.40
C ASP M 111 -26.64 -74.60 21.62
N LEU M 112 -25.48 -74.07 22.03
CA LEU M 112 -24.77 -74.62 23.19
C LEU M 112 -25.43 -74.25 24.50
N SER M 113 -26.47 -73.42 24.46
CA SER M 113 -27.07 -73.00 25.71
C SER M 113 -28.24 -73.90 26.08
N THR M 114 -28.54 -74.88 25.23
CA THR M 114 -29.71 -75.70 25.47
C THR M 114 -29.27 -77.09 25.81
N SER M 115 -30.18 -77.87 26.37
CA SER M 115 -29.91 -79.26 26.76
C SER M 115 -29.46 -80.17 25.61
N ALA M 116 -28.63 -81.15 25.95
CA ALA M 116 -28.23 -82.18 24.98
C ALA M 116 -29.23 -83.34 24.89
N GLY M 117 -30.34 -83.26 25.61
CA GLY M 117 -31.34 -84.33 25.58
C GLY M 117 -30.84 -85.70 26.03
N TYR M 118 -31.65 -86.74 25.78
CA TYR M 118 -31.24 -88.12 26.08
C TYR M 118 -30.06 -88.63 25.24
N PRO M 119 -29.12 -89.34 25.86
CA PRO M 119 -29.03 -89.75 27.28
C PRO M 119 -28.25 -88.75 28.13
N TYR M 120 -27.65 -87.73 27.51
CA TYR M 120 -26.72 -86.83 28.19
C TYR M 120 -27.35 -86.12 29.38
N VAL M 121 -28.64 -85.87 29.28
CA VAL M 121 -29.39 -85.21 30.34
C VAL M 121 -29.33 -86.00 31.64
N ALA M 122 -29.02 -87.29 31.53
CA ALA M 122 -29.09 -88.20 32.67
C ALA M 122 -27.71 -88.46 33.25
N MET M 123 -26.69 -88.25 32.43
CA MET M 123 -25.31 -88.48 32.81
C MET M 123 -24.70 -87.21 33.43
N GLY M 124 -25.46 -86.12 33.38
CA GLY M 124 -24.93 -84.83 33.79
C GLY M 124 -24.11 -84.15 32.71
N LYS M 125 -24.18 -84.69 31.49
CA LYS M 125 -23.41 -84.19 30.37
C LYS M 125 -24.11 -83.01 29.63
N LYS M 126 -23.33 -82.09 29.09
CA LYS M 126 -23.88 -80.90 28.42
C LYS M 126 -23.33 -80.74 27.02
N LYS M 127 -23.99 -79.91 26.21
CA LYS M 127 -23.53 -79.72 24.84
C LYS M 127 -22.10 -79.16 24.92
N ARG M 128 -21.90 -78.21 25.83
CA ARG M 128 -20.58 -77.60 26.06
C ARG M 128 -19.49 -78.61 26.44
N ASP M 129 -19.86 -79.71 27.07
CA ASP M 129 -18.88 -80.74 27.36
C ASP M 129 -18.48 -81.49 26.10
N ILE M 130 -19.26 -81.35 25.03
CA ILE M 130 -19.01 -82.11 23.81
C ILE M 130 -18.50 -81.27 22.67
N LEU M 131 -19.06 -80.07 22.51
CA LEU M 131 -18.67 -79.19 21.40
C LEU M 131 -17.72 -78.08 21.83
N ASN M 132 -16.89 -77.65 20.89
CA ASN M 132 -15.93 -76.60 21.13
C ASN M 132 -15.89 -75.67 19.94
N LYS M 133 -16.62 -74.56 20.03
CA LYS M 133 -16.70 -73.69 18.87
C LYS M 133 -15.32 -73.25 18.42
N GLN M 134 -14.40 -73.15 19.38
CA GLN M 134 -13.08 -72.66 19.06
C GLN M 134 -12.27 -73.64 18.20
N THR M 135 -12.19 -74.89 18.65
CA THR M 135 -11.48 -75.93 17.89
C THR M 135 -12.31 -76.52 16.75
N ARG M 136 -13.64 -76.54 16.91
CA ARG M 136 -14.53 -77.11 15.89
C ARG M 136 -14.21 -78.60 15.80
N ASP M 137 -14.00 -79.17 16.97
CA ASP M 137 -13.58 -80.54 17.13
C ASP M 137 -14.77 -81.48 17.04
N THR M 138 -14.63 -82.54 16.26
CA THR M 138 -15.72 -83.47 16.05
C THR M 138 -15.42 -84.87 16.58
N LYS M 139 -14.18 -85.16 16.95
CA LYS M 139 -13.88 -86.52 17.37
C LYS M 139 -14.73 -86.98 18.56
N GLU M 140 -15.08 -86.07 19.47
CA GLU M 140 -15.93 -86.48 20.59
C GLU M 140 -17.38 -86.73 20.18
N MET M 141 -17.92 -85.89 19.30
CA MET M 141 -19.29 -86.09 18.81
C MET M 141 -19.43 -87.45 18.12
N GLN M 142 -18.48 -87.73 17.22
CA GLN M 142 -18.47 -88.97 16.46
C GLN M 142 -18.48 -90.19 17.36
N LYS M 143 -17.60 -90.24 18.33
CA LYS M 143 -17.57 -91.35 19.25
C LYS M 143 -18.91 -91.48 19.95
N LEU M 144 -19.48 -90.37 20.37
CA LEU M 144 -20.80 -90.41 20.98
C LEU M 144 -21.87 -90.94 20.02
N LEU M 145 -21.76 -90.60 18.73
CA LEU M 145 -22.66 -91.11 17.70
C LEU M 145 -22.49 -92.64 17.56
N ASP M 146 -21.25 -93.05 17.36
CA ASP M 146 -20.88 -94.44 17.36
C ASP M 146 -21.29 -95.19 18.62
N THR M 147 -21.40 -94.47 19.74
CA THR M 147 -21.76 -95.15 20.97
C THR M 147 -23.27 -95.30 21.22
N TYR M 148 -24.05 -94.28 20.90
CA TYR M 148 -25.46 -94.26 21.25
C TYR M 148 -26.34 -94.26 20.03
N GLY M 149 -25.74 -93.93 18.89
CA GLY M 149 -26.47 -93.95 17.64
C GLY M 149 -27.60 -92.94 17.58
N ILE M 150 -28.63 -93.24 16.79
CA ILE M 150 -29.68 -92.27 16.59
C ILE M 150 -31.05 -92.86 16.87
N ASN M 151 -32.08 -92.11 16.56
CA ASN M 151 -33.42 -92.47 16.95
C ASN M 151 -33.54 -92.72 18.45
N LEU M 152 -33.07 -91.76 19.24
CA LEU M 152 -33.15 -91.80 20.68
C LEU M 152 -34.47 -91.19 21.10
N PRO M 153 -34.94 -91.49 22.33
CA PRO M 153 -36.20 -90.88 22.74
C PRO M 153 -35.98 -89.41 23.05
N LEU M 154 -37.01 -88.60 22.94
CA LEU M 154 -36.91 -87.17 23.23
C LEU M 154 -37.43 -86.90 24.62
N VAL M 155 -36.85 -85.93 25.32
CA VAL M 155 -37.35 -85.61 26.66
C VAL M 155 -38.45 -84.52 26.64
N THR M 156 -39.61 -84.87 27.20
CA THR M 156 -40.76 -83.98 27.29
C THR M 156 -40.71 -82.99 28.46
N TYR M 157 -40.77 -81.70 28.14
CA TYR M 157 -40.84 -80.67 29.17
C TYR M 157 -42.07 -79.84 28.89
N VAL M 158 -42.55 -79.09 29.87
CA VAL M 158 -43.62 -78.12 29.60
C VAL M 158 -42.99 -76.75 29.53
N LYS M 159 -43.48 -75.93 28.61
CA LYS M 159 -42.79 -74.68 28.31
C LYS M 159 -43.16 -73.54 29.24
N ASP M 160 -42.17 -73.01 29.93
CA ASP M 160 -42.33 -71.82 30.76
C ASP M 160 -42.50 -70.55 29.92
N GLU M 161 -43.74 -70.08 29.76
CA GLU M 161 -43.99 -68.93 28.91
C GLU M 161 -45.29 -68.28 29.32
N LEU M 162 -45.45 -67.00 28.96
CA LEU M 162 -46.70 -66.29 29.23
C LEU M 162 -47.79 -66.88 28.38
N ARG M 163 -48.97 -67.05 28.97
CA ARG M 163 -50.08 -67.73 28.32
C ARG M 163 -51.36 -67.01 28.74
N SER M 164 -52.36 -66.95 27.86
CA SER M 164 -53.61 -66.24 28.21
C SER M 164 -54.30 -66.84 29.44
N LYS M 165 -55.37 -66.18 29.90
CA LYS M 165 -56.10 -66.65 31.07
C LYS M 165 -56.85 -67.96 30.81
N THR M 166 -57.68 -67.97 29.76
CA THR M 166 -58.47 -69.16 29.44
C THR M 166 -57.62 -70.44 29.28
N LYS M 167 -56.33 -70.29 28.98
CA LYS M 167 -55.46 -71.44 28.74
C LYS M 167 -54.64 -71.76 29.98
N VAL M 168 -54.79 -70.95 31.02
CA VAL M 168 -54.23 -71.31 32.31
C VAL M 168 -55.27 -72.18 33.00
N GLU M 169 -56.50 -71.70 32.99
CA GLU M 169 -57.62 -72.44 33.56
C GLU M 169 -57.81 -73.75 32.79
N GLN M 170 -57.85 -73.65 31.47
CA GLN M 170 -58.07 -74.82 30.63
C GLN M 170 -56.83 -75.73 30.63
N GLY M 171 -55.82 -75.37 31.42
CA GLY M 171 -54.62 -76.20 31.54
C GLY M 171 -53.84 -76.43 30.25
N LYS M 172 -54.07 -75.56 29.27
CA LYS M 172 -53.44 -75.67 27.96
C LYS M 172 -52.00 -75.12 27.86
N SER M 173 -51.11 -75.54 28.75
CA SER M 173 -49.69 -75.23 28.58
C SER M 173 -49.16 -75.96 27.34
N ARG M 174 -48.04 -75.47 26.80
CA ARG M 174 -47.47 -76.06 25.59
C ARG M 174 -46.34 -77.00 25.91
N LEU M 175 -46.22 -78.05 25.08
CA LEU M 175 -45.28 -79.14 25.29
C LEU M 175 -44.05 -79.10 24.37
N ILE M 176 -42.93 -79.55 24.94
CA ILE M 176 -41.63 -79.51 24.27
C ILE M 176 -40.97 -80.90 24.21
N GLU M 177 -40.51 -81.28 23.03
CA GLU M 177 -39.81 -82.53 22.84
C GLU M 177 -38.33 -82.26 22.66
N ALA M 178 -37.58 -82.28 23.75
CA ALA M 178 -36.15 -82.07 23.67
C ALA M 178 -35.50 -83.14 22.79
N SER M 179 -35.18 -82.80 21.56
CA SER M 179 -34.42 -83.73 20.72
C SER M 179 -33.01 -83.99 21.26
N SER M 180 -32.52 -85.21 21.05
CA SER M 180 -31.18 -85.59 21.50
C SER M 180 -30.10 -84.94 20.61
N LEU M 181 -28.92 -84.73 21.15
CA LEU M 181 -27.81 -84.17 20.41
C LEU M 181 -27.58 -85.01 19.16
N ASN M 182 -27.48 -86.31 19.36
CA ASN M 182 -27.16 -87.26 18.30
C ASN M 182 -28.12 -87.16 17.14
N ASP M 183 -29.42 -87.05 17.43
CA ASP M 183 -30.43 -86.86 16.40
C ASP M 183 -30.39 -85.46 15.71
N SER M 184 -30.17 -84.39 16.46
CA SER M 184 -29.96 -83.08 15.82
C SER M 184 -28.75 -83.16 14.91
N VAL M 185 -27.68 -83.79 15.35
CA VAL M 185 -26.52 -83.85 14.47
C VAL M 185 -26.85 -84.62 13.17
N ALA M 186 -27.46 -85.79 13.30
CA ALA M 186 -27.80 -86.60 12.14
C ALA M 186 -28.75 -85.87 11.18
N MET M 187 -29.74 -85.18 11.73
CA MET M 187 -30.65 -84.41 10.90
C MET M 187 -29.90 -83.34 10.11
N ARG M 188 -28.94 -82.65 10.73
CA ARG M 188 -28.24 -81.57 10.01
C ARG M 188 -27.26 -82.10 8.97
N MET M 189 -26.69 -83.27 9.23
CA MET M 189 -25.85 -83.93 8.24
C MET M 189 -26.66 -84.33 7.02
N ALA M 190 -27.87 -84.83 7.21
CA ALA M 190 -28.74 -85.18 6.08
C ALA M 190 -29.30 -83.97 5.33
N PHE M 191 -29.79 -82.98 6.08
CA PHE M 191 -30.60 -81.92 5.48
C PHE M 191 -29.97 -80.52 5.57
N GLY M 192 -28.76 -80.41 6.07
CA GLY M 192 -28.17 -79.09 6.27
C GLY M 192 -28.13 -78.21 5.03
N ASN M 193 -27.80 -78.80 3.88
CA ASN M 193 -27.76 -78.07 2.63
C ASN M 193 -29.15 -77.63 2.15
N LEU M 194 -30.18 -78.35 2.58
CA LEU M 194 -31.55 -77.93 2.31
C LEU M 194 -31.93 -76.76 3.22
N TYR M 195 -31.65 -76.87 4.52
CA TYR M 195 -31.95 -75.77 5.44
C TYR M 195 -31.21 -74.50 5.01
N ALA M 196 -29.98 -74.67 4.55
CA ALA M 196 -29.19 -73.53 4.19
C ALA M 196 -29.88 -72.78 3.05
N ALA M 197 -30.23 -73.51 1.99
CA ALA M 197 -30.98 -72.93 0.87
C ALA M 197 -32.26 -72.22 1.31
N PHE M 198 -33.05 -72.88 2.14
CA PHE M 198 -34.24 -72.17 2.59
C PHE M 198 -33.87 -70.87 3.32
N HIS M 199 -32.83 -70.89 4.15
CA HIS M 199 -32.45 -69.70 4.92
C HIS M 199 -31.93 -68.57 4.05
N LYS M 200 -31.19 -68.92 3.01
CA LYS M 200 -30.68 -67.90 2.13
C LYS M 200 -31.76 -67.37 1.19
N ASN M 201 -32.92 -68.04 1.14
CA ASN M 201 -33.90 -67.63 0.14
C ASN M 201 -35.32 -67.46 0.61
N PRO M 202 -35.53 -66.58 1.60
CA PRO M 202 -36.90 -66.30 2.02
C PRO M 202 -37.60 -65.63 0.85
N GLY M 203 -38.87 -65.92 0.63
CA GLY M 203 -39.55 -65.41 -0.54
C GLY M 203 -40.63 -66.33 -1.09
N VAL M 204 -40.99 -66.14 -2.36
CA VAL M 204 -42.14 -66.86 -2.88
C VAL M 204 -41.70 -68.04 -3.73
N ILE M 205 -40.39 -68.25 -3.80
CA ILE M 205 -39.88 -69.45 -4.44
C ILE M 205 -39.80 -70.60 -3.44
N THR M 206 -39.08 -70.42 -2.36
CA THR M 206 -39.18 -71.37 -1.25
C THR M 206 -40.59 -71.33 -0.64
N GLY M 207 -41.27 -70.20 -0.80
CA GLY M 207 -42.56 -70.00 -0.16
C GLY M 207 -42.45 -70.09 1.36
N SER M 208 -41.38 -69.53 1.90
CA SER M 208 -41.13 -69.55 3.35
C SER M 208 -40.52 -68.24 3.83
N ALA M 209 -40.86 -67.80 5.03
CA ALA M 209 -40.26 -66.58 5.61
C ALA M 209 -39.03 -66.79 6.50
N VAL M 210 -38.64 -68.05 6.69
CA VAL M 210 -37.57 -68.40 7.62
C VAL M 210 -36.30 -67.78 7.11
N GLY M 211 -35.59 -67.07 7.98
CA GLY M 211 -34.44 -66.31 7.52
C GLY M 211 -34.74 -64.87 7.14
N CYS M 212 -35.97 -64.42 7.29
CA CYS M 212 -36.24 -63.03 6.97
C CYS M 212 -36.10 -62.08 8.15
N ASP M 213 -35.74 -60.83 7.85
CA ASP M 213 -35.78 -59.74 8.83
C ASP M 213 -36.98 -58.88 8.53
N PRO M 214 -38.05 -59.05 9.30
CA PRO M 214 -39.27 -58.29 9.04
C PRO M 214 -39.02 -56.82 8.70
N ASP M 215 -38.27 -56.09 9.52
CA ASP M 215 -38.02 -54.67 9.25
C ASP M 215 -37.69 -54.35 7.79
N LEU M 216 -37.13 -55.31 7.07
CA LEU M 216 -36.69 -55.10 5.71
C LEU M 216 -37.58 -55.84 4.74
N PHE M 217 -37.97 -57.04 5.14
CA PHE M 217 -38.70 -57.99 4.30
C PHE M 217 -40.09 -57.48 3.97
N TRP M 218 -40.72 -56.85 4.95
CA TRP M 218 -42.06 -56.32 4.77
C TRP M 218 -42.16 -55.49 3.50
N SER M 219 -41.18 -54.63 3.25
CA SER M 219 -41.27 -53.77 2.07
C SER M 219 -41.07 -54.54 0.76
N LYS M 220 -40.66 -55.82 0.88
CA LYS M 220 -40.43 -56.71 -0.25
C LYS M 220 -41.70 -57.50 -0.57
N ILE M 221 -42.56 -57.65 0.43
CA ILE M 221 -43.67 -58.58 0.33
C ILE M 221 -44.82 -58.20 -0.64
N PRO M 222 -45.38 -56.98 -0.51
CA PRO M 222 -46.49 -56.59 -1.40
C PRO M 222 -46.15 -56.60 -2.89
N VAL M 223 -44.87 -56.41 -3.19
CA VAL M 223 -44.38 -56.49 -4.56
C VAL M 223 -44.43 -57.93 -5.07
N LEU M 224 -44.30 -58.88 -4.16
CA LEU M 224 -44.25 -60.28 -4.52
C LEU M 224 -45.63 -60.94 -4.56
N MET M 225 -46.58 -60.44 -3.78
CA MET M 225 -47.92 -61.03 -3.82
C MET M 225 -48.69 -60.69 -5.09
N GLU M 226 -49.72 -61.48 -5.36
CA GLU M 226 -50.64 -61.17 -6.45
C GLU M 226 -51.70 -60.22 -5.91
N GLU M 227 -52.38 -59.52 -6.82
CA GLU M 227 -53.43 -58.55 -6.49
C GLU M 227 -54.31 -58.87 -5.29
N LYS M 228 -54.62 -60.14 -5.06
CA LYS M 228 -55.68 -60.43 -4.10
C LYS M 228 -55.24 -61.41 -3.02
N LEU M 229 -55.46 -61.03 -1.78
CA LEU M 229 -54.89 -61.77 -0.67
C LEU M 229 -55.92 -62.68 -0.07
N PHE M 230 -55.44 -63.74 0.56
CA PHE M 230 -56.25 -64.54 1.44
C PHE M 230 -55.38 -65.17 2.48
N ALA M 231 -56.00 -65.69 3.52
CA ALA M 231 -55.24 -66.25 4.60
C ALA M 231 -56.21 -66.78 5.62
N PHE M 232 -55.71 -67.56 6.56
CA PHE M 232 -56.54 -68.17 7.59
C PHE M 232 -55.63 -68.68 8.68
N ASP M 233 -56.20 -69.12 9.80
CA ASP M 233 -55.49 -69.85 10.86
C ASP M 233 -55.64 -71.36 10.70
N TYR M 234 -54.90 -72.11 11.51
CA TYR M 234 -55.12 -73.54 11.75
C TYR M 234 -55.27 -73.73 13.25
N THR M 235 -55.96 -74.78 13.65
CA THR M 235 -56.01 -75.18 15.04
C THR M 235 -55.20 -76.44 15.21
N GLY M 236 -54.17 -76.37 16.05
CA GLY M 236 -53.32 -77.52 16.29
C GLY M 236 -52.73 -78.07 15.00
N TYR M 237 -52.12 -77.19 14.22
CA TYR M 237 -51.55 -77.57 12.91
C TYR M 237 -50.75 -78.87 12.96
N ASP M 238 -49.76 -78.88 13.82
CA ASP M 238 -48.96 -80.07 14.06
C ASP M 238 -49.83 -81.29 14.33
N ALA M 239 -50.59 -81.24 15.42
CA ALA M 239 -51.31 -82.42 15.88
C ALA M 239 -52.21 -82.98 14.79
N SER M 240 -52.68 -82.11 13.91
CA SER M 240 -53.57 -82.53 12.84
C SER M 240 -52.88 -82.96 11.55
N LEU M 241 -51.55 -83.01 11.54
CA LEU M 241 -50.89 -83.45 10.31
C LEU M 241 -51.01 -84.96 10.16
N SER M 242 -51.76 -85.36 9.14
CA SER M 242 -52.04 -86.75 8.86
C SER M 242 -50.91 -87.34 8.02
N PRO M 243 -50.75 -88.68 8.08
CA PRO M 243 -49.67 -89.38 7.38
C PRO M 243 -49.50 -88.99 5.92
N ALA M 244 -50.58 -88.66 5.22
CA ALA M 244 -50.42 -88.37 3.80
C ALA M 244 -49.46 -87.20 3.60
N TRP M 245 -49.62 -86.16 4.41
CA TRP M 245 -48.79 -84.97 4.26
C TRP M 245 -47.31 -85.29 4.39
N PHE M 246 -46.97 -86.12 5.37
CA PHE M 246 -45.59 -86.56 5.53
C PHE M 246 -45.11 -87.34 4.31
N GLU M 247 -45.96 -88.22 3.79
CA GLU M 247 -45.69 -88.88 2.50
C GLU M 247 -45.50 -87.86 1.36
N ALA M 248 -46.41 -86.90 1.23
CA ALA M 248 -46.21 -85.86 0.19
C ALA M 248 -44.86 -85.14 0.32
N LEU M 249 -44.49 -84.84 1.58
CA LEU M 249 -43.19 -84.24 1.92
C LEU M 249 -42.06 -85.07 1.32
N LYS M 250 -41.95 -86.31 1.79
CA LYS M 250 -41.05 -87.29 1.17
C LYS M 250 -41.05 -87.24 -0.36
N MET M 251 -42.23 -87.31 -0.97
CA MET M 251 -42.30 -87.14 -2.41
C MET M 251 -41.62 -85.82 -2.91
N VAL M 252 -41.74 -84.72 -2.19
CA VAL M 252 -41.03 -83.52 -2.64
C VAL M 252 -39.54 -83.73 -2.45
N LEU M 253 -39.18 -84.30 -1.31
CA LEU M 253 -37.79 -84.58 -1.02
C LEU M 253 -37.17 -85.49 -2.08
N GLU M 254 -37.85 -86.55 -2.54
CA GLU M 254 -37.23 -87.32 -3.65
C GLU M 254 -37.10 -86.49 -4.92
N LYS M 255 -38.10 -85.67 -5.23
CA LYS M 255 -38.02 -84.84 -6.43
C LYS M 255 -36.89 -83.81 -6.46
N ILE M 256 -36.47 -83.28 -5.32
CA ILE M 256 -35.35 -82.32 -5.34
C ILE M 256 -33.97 -82.89 -5.01
N GLY M 257 -33.86 -84.19 -4.76
CA GLY M 257 -32.55 -84.80 -4.75
C GLY M 257 -32.10 -85.47 -3.46
N PHE M 258 -33.03 -85.58 -2.51
CA PHE M 258 -32.75 -86.11 -1.18
C PHE M 258 -33.39 -87.47 -0.96
N GLY M 259 -33.65 -88.20 -2.03
CA GLY M 259 -34.41 -89.45 -1.96
C GLY M 259 -33.82 -90.45 -0.99
N ASP M 260 -32.50 -90.40 -0.86
CA ASP M 260 -31.79 -91.32 0.01
C ASP M 260 -31.97 -91.11 1.53
N ARG M 261 -32.57 -90.00 1.95
CA ARG M 261 -32.83 -89.83 3.39
C ARG M 261 -34.27 -89.45 3.80
N VAL M 262 -35.24 -89.85 2.97
CA VAL M 262 -36.65 -89.72 3.31
C VAL M 262 -36.99 -90.66 4.45
N ASP M 263 -36.16 -91.66 4.65
CA ASP M 263 -36.29 -92.55 5.80
C ASP M 263 -36.19 -91.78 7.09
N TYR M 264 -35.43 -90.70 7.08
CA TYR M 264 -35.35 -89.84 8.25
C TYR M 264 -36.75 -89.29 8.54
N ILE M 265 -37.58 -89.16 7.51
CA ILE M 265 -38.93 -88.68 7.77
C ILE M 265 -39.76 -89.73 8.51
N ASP M 266 -39.67 -90.99 8.10
CA ASP M 266 -40.41 -92.03 8.81
C ASP M 266 -39.93 -92.08 10.23
N TYR M 267 -38.62 -92.07 10.43
CA TYR M 267 -38.08 -92.02 11.78
C TYR M 267 -38.75 -90.94 12.63
N LEU M 268 -38.88 -89.73 12.09
CA LEU M 268 -39.59 -88.66 12.80
C LEU M 268 -41.05 -89.04 13.15
N ASN M 269 -41.72 -89.73 12.23
CA ASN M 269 -43.11 -90.18 12.39
C ASN M 269 -43.35 -91.32 13.39
N HIS M 270 -42.30 -91.84 14.01
CA HIS M 270 -42.47 -92.85 15.03
C HIS M 270 -41.48 -92.55 16.11
N SER M 271 -41.94 -91.94 17.18
CA SER M 271 -41.03 -91.37 18.17
C SER M 271 -41.38 -91.77 19.57
N HIS M 272 -40.35 -91.87 20.41
CA HIS M 272 -40.54 -92.17 21.82
C HIS M 272 -40.17 -90.98 22.66
N HIS M 273 -41.09 -90.61 23.56
CA HIS M 273 -40.88 -89.50 24.48
C HIS M 273 -40.85 -89.92 25.94
N LEU M 274 -39.87 -89.43 26.68
CA LEU M 274 -39.82 -89.61 28.14
C LEU M 274 -40.46 -88.45 28.87
N TYR M 275 -41.54 -88.71 29.60
CA TYR M 275 -42.15 -87.67 30.43
C TYR M 275 -42.12 -88.05 31.91
N LYS M 276 -41.11 -87.57 32.62
CA LYS M 276 -40.98 -87.83 34.04
C LYS M 276 -40.59 -89.27 34.30
N ASN M 277 -41.57 -90.08 34.70
CA ASN M 277 -41.35 -91.47 35.05
C ASN M 277 -41.91 -92.38 33.97
N LYS M 278 -42.74 -91.82 33.09
CA LYS M 278 -43.35 -92.54 31.97
C LYS M 278 -42.50 -92.53 30.71
N THR M 279 -43.01 -93.23 29.69
CA THR M 279 -42.39 -93.31 28.37
C THR M 279 -43.44 -93.67 27.33
N TYR M 280 -43.90 -92.71 26.55
CA TYR M 280 -44.89 -93.06 25.53
C TYR M 280 -44.30 -93.27 24.15
N CYS M 281 -45.12 -93.77 23.24
CA CYS M 281 -44.74 -93.94 21.85
C CYS M 281 -45.81 -93.23 21.05
N VAL M 282 -45.39 -92.57 19.97
CA VAL M 282 -46.29 -91.79 19.17
C VAL M 282 -46.14 -92.24 17.74
N LYS M 283 -47.21 -92.32 16.98
CA LYS M 283 -47.07 -92.61 15.55
C LYS M 283 -47.82 -91.58 14.73
N GLY M 284 -47.20 -91.14 13.63
CA GLY M 284 -47.71 -89.99 12.92
C GLY M 284 -47.27 -88.72 13.66
N GLY M 285 -47.36 -87.58 13.00
CA GLY M 285 -46.85 -86.36 13.58
C GLY M 285 -45.33 -86.26 13.58
N MET M 286 -44.83 -85.05 13.76
CA MET M 286 -43.40 -84.76 13.82
C MET M 286 -43.26 -83.91 15.06
N PRO M 287 -42.38 -84.30 16.00
CA PRO M 287 -42.15 -83.52 17.22
C PRO M 287 -41.45 -82.17 16.93
N SER M 288 -41.94 -81.10 17.53
CA SER M 288 -41.48 -79.75 17.20
C SER M 288 -40.02 -79.50 17.63
N GLY M 289 -39.54 -80.33 18.56
CA GLY M 289 -38.19 -80.21 19.07
C GLY M 289 -37.13 -80.86 18.21
N CYS M 290 -37.52 -81.38 17.04
CA CYS M 290 -36.55 -82.00 16.14
C CYS M 290 -35.96 -80.99 15.17
N SER M 291 -34.74 -81.22 14.73
CA SER M 291 -34.14 -80.46 13.63
C SER M 291 -35.01 -80.40 12.39
N GLY M 292 -35.09 -79.21 11.77
CA GLY M 292 -35.78 -78.97 10.52
C GLY M 292 -37.29 -78.81 10.60
N THR M 293 -37.86 -78.92 11.80
CA THR M 293 -39.32 -78.93 11.90
C THR M 293 -39.86 -77.67 11.29
N SER M 294 -39.31 -76.52 11.70
CA SER M 294 -39.75 -75.23 11.17
C SER M 294 -39.81 -75.13 9.65
N ILE M 295 -38.81 -75.68 8.98
CA ILE M 295 -38.78 -75.72 7.52
C ILE M 295 -39.66 -76.81 6.87
N PHE M 296 -39.82 -77.98 7.52
CA PHE M 296 -40.67 -79.08 6.98
C PHE M 296 -42.13 -78.71 7.09
N ASN M 297 -42.49 -78.10 8.22
CA ASN M 297 -43.82 -77.56 8.40
C ASN M 297 -44.13 -76.43 7.45
N SER M 298 -43.11 -75.73 6.97
CA SER M 298 -43.34 -74.64 6.00
C SER M 298 -43.52 -75.20 4.62
N MET M 299 -42.73 -76.23 4.32
CA MET M 299 -42.91 -76.99 3.09
C MET M 299 -44.30 -77.61 3.04
N ILE M 300 -44.72 -78.23 4.14
CA ILE M 300 -46.04 -78.84 4.17
C ILE M 300 -47.16 -77.82 3.87
N ASN M 301 -47.20 -76.73 4.63
CA ASN M 301 -48.07 -75.61 4.31
C ASN M 301 -48.15 -75.31 2.83
N ASN M 302 -47.01 -75.27 2.15
CA ASN M 302 -47.02 -75.00 0.72
C ASN M 302 -47.76 -76.06 -0.08
N LEU M 303 -47.66 -77.31 0.34
CA LEU M 303 -48.38 -78.39 -0.32
C LEU M 303 -49.84 -78.31 0.07
N ILE M 304 -50.10 -78.01 1.35
CA ILE M 304 -51.47 -77.97 1.85
C ILE M 304 -52.32 -76.94 1.14
N ILE M 305 -51.79 -75.75 0.92
CA ILE M 305 -52.52 -74.72 0.24
C ILE M 305 -52.75 -75.20 -1.19
N ARG M 306 -51.68 -75.37 -1.95
CA ARG M 306 -51.80 -75.85 -3.32
C ARG M 306 -52.90 -76.93 -3.43
N THR M 307 -52.97 -77.79 -2.44
CA THR M 307 -53.84 -78.95 -2.53
C THR M 307 -55.31 -78.53 -2.53
N LEU M 308 -55.59 -77.40 -1.88
CA LEU M 308 -56.97 -76.93 -1.74
C LEU M 308 -57.35 -76.00 -2.91
N LEU M 309 -56.41 -75.19 -3.36
CA LEU M 309 -56.69 -74.39 -4.52
C LEU M 309 -56.91 -75.26 -5.76
N LEU M 310 -56.49 -76.52 -5.68
CA LEU M 310 -56.63 -77.45 -6.81
C LEU M 310 -57.98 -78.14 -6.74
N LYS M 311 -58.31 -78.58 -5.53
CA LYS M 311 -59.62 -79.10 -5.24
C LYS M 311 -60.66 -78.12 -5.76
N THR M 312 -60.72 -76.96 -5.12
CA THR M 312 -61.82 -76.04 -5.29
C THR M 312 -61.79 -75.33 -6.63
N TYR M 313 -60.79 -74.48 -6.83
CA TYR M 313 -60.78 -73.63 -8.00
C TYR M 313 -60.27 -74.38 -9.23
N LYS M 314 -61.18 -75.14 -9.84
CA LYS M 314 -60.88 -75.89 -11.05
C LYS M 314 -60.23 -74.99 -12.10
N GLY M 315 -59.15 -75.49 -12.70
CA GLY M 315 -58.42 -74.75 -13.70
C GLY M 315 -57.81 -73.45 -13.18
N ILE M 316 -57.19 -73.53 -12.01
CA ILE M 316 -56.40 -72.41 -11.49
C ILE M 316 -54.94 -72.64 -11.78
N ASP M 317 -54.22 -71.56 -12.10
CA ASP M 317 -52.82 -71.67 -12.49
C ASP M 317 -51.92 -71.41 -11.29
N LEU M 318 -51.21 -72.43 -10.87
CA LEU M 318 -50.43 -72.34 -9.65
C LEU M 318 -49.24 -71.40 -9.81
N ASP M 319 -48.88 -71.10 -11.05
CA ASP M 319 -47.84 -70.11 -11.31
C ASP M 319 -48.27 -68.67 -10.98
N HIS M 320 -49.47 -68.55 -10.41
CA HIS M 320 -49.99 -67.27 -9.95
C HIS M 320 -50.43 -67.44 -8.50
N LEU M 321 -49.94 -68.50 -7.89
CA LEU M 321 -49.97 -68.60 -6.45
C LEU M 321 -48.70 -67.93 -5.94
N LYS M 322 -48.87 -66.94 -5.07
CA LYS M 322 -47.76 -66.26 -4.41
C LYS M 322 -47.96 -66.38 -2.89
N MET M 323 -47.31 -67.36 -2.26
CA MET M 323 -47.44 -67.53 -0.83
C MET M 323 -46.11 -67.51 -0.08
N ILE M 324 -46.17 -67.15 1.18
CA ILE M 324 -45.01 -67.22 2.04
C ILE M 324 -45.42 -67.82 3.37
N ALA M 325 -44.85 -68.97 3.72
CA ALA M 325 -45.21 -69.55 5.01
C ALA M 325 -44.07 -69.45 6.03
N TYR M 326 -44.44 -69.45 7.30
CA TYR M 326 -43.51 -69.61 8.40
C TYR M 326 -44.20 -70.60 9.29
N GLY M 327 -43.87 -71.88 9.14
CA GLY M 327 -44.57 -72.91 9.86
C GLY M 327 -46.02 -72.90 9.42
N ASP M 328 -46.94 -72.96 10.38
CA ASP M 328 -48.37 -72.88 10.06
C ASP M 328 -48.82 -71.46 9.69
N ASP M 329 -48.08 -70.45 10.13
CA ASP M 329 -48.43 -69.09 9.81
C ASP M 329 -48.22 -68.92 8.32
N VAL M 330 -49.10 -68.16 7.67
CA VAL M 330 -49.07 -68.00 6.22
C VAL M 330 -49.76 -66.71 5.78
N ILE M 331 -49.26 -66.13 4.70
CA ILE M 331 -49.96 -65.09 3.97
C ILE M 331 -49.91 -65.50 2.51
N ALA M 332 -51.03 -65.39 1.82
CA ALA M 332 -51.08 -65.90 0.45
C ALA M 332 -51.83 -65.01 -0.52
N SER M 333 -51.59 -65.23 -1.81
CA SER M 333 -52.18 -64.38 -2.83
C SER M 333 -52.39 -65.06 -4.20
N TYR M 334 -53.41 -64.61 -4.91
CA TYR M 334 -53.74 -65.07 -6.26
C TYR M 334 -54.43 -63.89 -6.95
N PRO M 335 -54.28 -63.76 -8.27
CA PRO M 335 -54.68 -62.54 -8.98
C PRO M 335 -56.19 -62.27 -9.00
N HIS M 336 -56.99 -63.29 -8.71
CA HIS M 336 -58.43 -63.12 -8.58
C HIS M 336 -58.77 -63.68 -7.22
N GLU M 337 -59.72 -63.08 -6.52
CA GLU M 337 -59.95 -63.47 -5.14
C GLU M 337 -60.24 -64.94 -4.98
N VAL M 338 -59.67 -65.54 -3.94
CA VAL M 338 -60.12 -66.87 -3.54
C VAL M 338 -60.84 -66.73 -2.20
N ASP M 339 -61.85 -67.57 -2.03
CA ASP M 339 -62.72 -67.53 -0.89
C ASP M 339 -62.15 -68.50 0.13
N ALA M 340 -61.81 -68.01 1.31
CA ALA M 340 -61.17 -68.87 2.30
C ALA M 340 -62.16 -69.70 3.10
N SER M 341 -63.42 -69.27 3.08
CA SER M 341 -64.50 -70.09 3.62
C SER M 341 -64.55 -71.43 2.87
N LEU M 342 -64.46 -71.34 1.54
CA LEU M 342 -64.38 -72.51 0.69
C LEU M 342 -63.13 -73.31 1.08
N LEU M 343 -61.95 -72.75 0.86
CA LEU M 343 -60.70 -73.47 1.16
C LEU M 343 -60.76 -74.20 2.49
N ALA M 344 -61.30 -73.56 3.51
CA ALA M 344 -61.34 -74.18 4.82
C ALA M 344 -62.22 -75.41 4.76
N GLN M 345 -63.07 -75.45 3.73
CA GLN M 345 -64.10 -76.47 3.58
C GLN M 345 -63.49 -77.79 3.10
N SER M 346 -62.78 -77.73 1.98
CA SER M 346 -62.01 -78.88 1.53
C SER M 346 -61.06 -79.32 2.64
N GLY M 347 -60.63 -78.36 3.45
CA GLY M 347 -59.72 -78.61 4.52
C GLY M 347 -60.27 -79.56 5.57
N LYS M 348 -61.58 -79.74 5.59
CA LYS M 348 -62.19 -80.69 6.52
C LYS M 348 -61.90 -82.10 6.00
N ASP M 349 -61.96 -82.24 4.68
CA ASP M 349 -61.70 -83.53 4.02
C ASP M 349 -60.39 -84.19 4.47
N TYR M 350 -59.43 -83.38 4.94
CA TYR M 350 -58.11 -83.87 5.25
C TYR M 350 -57.72 -83.77 6.74
N GLY M 351 -58.68 -83.55 7.63
CA GLY M 351 -58.35 -83.42 9.05
C GLY M 351 -58.01 -81.99 9.48
N LEU M 352 -57.85 -81.10 8.51
CA LEU M 352 -57.41 -79.73 8.81
C LEU M 352 -58.52 -78.81 9.34
N THR M 353 -58.31 -78.31 10.55
CA THR M 353 -59.21 -77.34 11.18
C THR M 353 -58.87 -75.87 10.87
N MET M 354 -59.22 -75.40 9.67
CA MET M 354 -58.93 -74.04 9.23
C MET M 354 -60.02 -73.02 9.61
N THR M 355 -59.65 -71.98 10.37
CA THR M 355 -60.59 -70.96 10.83
C THR M 355 -60.25 -69.57 10.28
N PRO M 356 -61.04 -68.55 10.63
CA PRO M 356 -60.76 -67.32 9.87
C PRO M 356 -59.54 -66.65 10.47
N ALA M 357 -58.83 -65.86 9.66
CA ALA M 357 -57.57 -65.29 10.10
C ALA M 357 -57.73 -64.21 11.18
N ASP M 358 -56.93 -64.33 12.23
CA ASP M 358 -56.92 -63.33 13.30
C ASP M 358 -58.04 -63.51 14.32
N LYS M 359 -58.41 -64.75 14.60
CA LYS M 359 -59.45 -65.04 15.59
C LYS M 359 -60.74 -64.25 15.31
N SER M 360 -60.87 -63.76 14.09
CA SER M 360 -62.08 -63.04 13.68
C SER M 360 -63.24 -64.02 13.65
N ALA M 361 -64.46 -63.49 13.52
CA ALA M 361 -65.64 -64.32 13.60
C ALA M 361 -65.98 -64.94 12.25
N THR M 362 -65.85 -64.14 11.21
CA THR M 362 -66.29 -64.57 9.90
C THR M 362 -65.15 -64.44 8.92
N PHE M 363 -65.18 -65.24 7.87
CA PHE M 363 -64.18 -65.11 6.82
C PHE M 363 -64.40 -63.80 6.10
N GLU M 364 -63.82 -62.72 6.62
CA GLU M 364 -63.89 -61.43 5.97
C GLU M 364 -62.88 -61.43 4.83
N THR M 365 -63.03 -60.50 3.90
CA THR M 365 -62.01 -60.36 2.87
C THR M 365 -60.74 -59.92 3.59
N VAL M 366 -59.59 -60.42 3.13
CA VAL M 366 -58.29 -60.03 3.67
C VAL M 366 -57.74 -58.91 2.80
N THR M 367 -57.32 -57.84 3.47
CA THR M 367 -56.87 -56.62 2.82
C THR M 367 -55.51 -56.21 3.38
N TRP M 368 -54.77 -55.41 2.62
CA TRP M 368 -53.50 -54.93 3.13
C TRP M 368 -53.64 -54.29 4.51
N GLU M 369 -54.86 -53.89 4.87
CA GLU M 369 -55.08 -53.20 6.14
C GLU M 369 -55.34 -54.14 7.30
N ASN M 370 -55.90 -55.31 7.03
CA ASN M 370 -56.21 -56.24 8.12
C ASN M 370 -55.33 -57.50 8.16
N VAL M 371 -54.54 -57.73 7.11
CA VAL M 371 -53.68 -58.91 7.07
C VAL M 371 -52.51 -58.83 8.03
N THR M 372 -52.28 -59.90 8.78
CA THR M 372 -51.06 -60.02 9.60
C THR M 372 -50.27 -61.25 9.26
N PHE M 373 -48.98 -61.19 9.56
CA PHE M 373 -48.03 -62.27 9.32
C PHE M 373 -46.99 -62.07 10.42
N LEU M 374 -46.49 -63.16 11.00
CA LEU M 374 -45.52 -63.03 12.09
C LEU M 374 -46.02 -62.06 13.17
N LYS M 375 -47.34 -62.01 13.31
CA LYS M 375 -48.00 -61.18 14.33
C LYS M 375 -47.91 -59.68 14.07
N ARG M 376 -47.54 -59.30 12.86
CA ARG M 376 -47.33 -57.89 12.55
C ARG M 376 -48.25 -57.42 11.42
N PHE M 377 -48.56 -56.13 11.40
CA PHE M 377 -49.37 -55.55 10.35
C PHE M 377 -48.51 -54.92 9.29
N PHE M 378 -49.14 -54.45 8.22
CA PHE M 378 -48.44 -53.79 7.12
C PHE M 378 -48.95 -52.36 7.03
N ARG M 379 -48.04 -51.38 6.94
CA ARG M 379 -48.46 -49.97 6.87
C ARG M 379 -47.41 -49.20 6.12
N ALA M 380 -47.77 -48.59 5.01
CA ALA M 380 -46.77 -47.80 4.32
C ALA M 380 -46.35 -46.65 5.23
N ASP M 381 -45.10 -46.26 5.09
CA ASP M 381 -44.61 -45.04 5.69
C ASP M 381 -45.30 -43.83 5.03
N GLU M 382 -45.72 -42.85 5.83
CA GLU M 382 -46.35 -41.61 5.32
C GLU M 382 -45.50 -40.87 4.31
N LYS M 383 -44.20 -40.83 4.57
CA LYS M 383 -43.27 -40.05 3.78
C LYS M 383 -42.80 -40.86 2.58
N TYR M 384 -42.33 -42.09 2.84
CA TYR M 384 -41.84 -42.95 1.78
C TYR M 384 -42.74 -44.15 1.56
N PRO M 385 -43.84 -43.95 0.83
CA PRO M 385 -44.95 -44.90 0.83
C PRO M 385 -44.58 -46.30 0.38
N PHE M 386 -43.46 -46.45 -0.33
CA PHE M 386 -43.02 -47.80 -0.75
C PHE M 386 -42.22 -48.55 0.33
N LEU M 387 -41.86 -47.85 1.41
CA LEU M 387 -41.32 -48.52 2.59
C LEU M 387 -42.47 -48.86 3.49
N ILE M 388 -42.54 -50.15 3.87
CA ILE M 388 -43.61 -50.67 4.70
C ILE M 388 -43.11 -51.04 6.11
N HIS M 389 -43.81 -50.57 7.13
CA HIS M 389 -43.53 -50.89 8.53
C HIS M 389 -44.18 -52.19 8.94
N PRO M 390 -43.43 -53.07 9.61
CA PRO M 390 -44.09 -54.22 10.24
C PRO M 390 -44.68 -53.79 11.57
N VAL M 391 -45.99 -53.73 11.70
CA VAL M 391 -46.57 -53.15 12.89
C VAL M 391 -47.10 -54.17 13.88
N MET M 392 -46.31 -54.44 14.89
CA MET M 392 -46.78 -55.18 16.02
C MET M 392 -47.60 -54.26 16.92
N PRO M 393 -48.75 -54.75 17.37
CA PRO M 393 -49.66 -54.04 18.26
C PRO M 393 -49.15 -53.94 19.70
N MET M 394 -49.32 -52.76 20.30
CA MET M 394 -48.76 -52.45 21.60
C MET M 394 -49.26 -53.40 22.66
N LYS M 395 -50.50 -53.84 22.50
CA LYS M 395 -51.06 -54.88 23.36
C LYS M 395 -50.00 -55.92 23.78
N GLU M 396 -49.33 -56.49 22.79
CA GLU M 396 -48.44 -57.63 23.01
C GLU M 396 -47.13 -57.24 23.67
N ILE M 397 -46.62 -56.07 23.29
CA ILE M 397 -45.45 -55.46 23.89
C ILE M 397 -45.71 -55.15 25.37
N HIS M 398 -46.90 -54.66 25.66
CA HIS M 398 -47.34 -54.43 27.02
C HIS M 398 -47.38 -55.73 27.79
N GLU M 399 -47.89 -56.79 27.16
CA GLU M 399 -47.85 -58.12 27.79
C GLU M 399 -46.43 -58.49 28.19
N SER M 400 -45.51 -58.36 27.23
CA SER M 400 -44.14 -58.80 27.47
C SER M 400 -43.44 -58.03 28.58
N ILE M 401 -43.63 -56.72 28.61
CA ILE M 401 -42.84 -55.85 29.48
C ILE M 401 -43.21 -56.03 30.95
N ARG M 402 -44.43 -56.48 31.21
CA ARG M 402 -44.92 -56.67 32.57
C ARG M 402 -44.29 -57.87 33.28
N TRP M 403 -43.39 -58.57 32.58
CA TRP M 403 -42.76 -59.77 33.14
C TRP M 403 -41.26 -59.83 32.87
N THR M 404 -40.54 -60.62 33.67
CA THR M 404 -39.11 -60.75 33.53
C THR M 404 -38.66 -62.12 34.11
N LYS M 405 -37.52 -62.64 33.66
CA LYS M 405 -36.98 -63.90 34.19
C LYS M 405 -35.63 -63.67 34.88
N ASP M 406 -35.30 -62.41 35.07
CA ASP M 406 -34.07 -62.02 35.72
C ASP M 406 -33.96 -60.53 35.46
N PRO M 407 -34.23 -59.72 36.49
CA PRO M 407 -34.28 -58.26 36.37
C PRO M 407 -32.96 -57.73 35.86
N ARG M 408 -31.90 -58.54 35.94
CA ARG M 408 -30.59 -58.17 35.41
C ARG M 408 -30.67 -57.85 33.93
N ASN M 409 -31.76 -58.26 33.30
CA ASN M 409 -31.94 -58.15 31.85
C ASN M 409 -32.79 -56.96 31.44
N THR M 410 -33.31 -56.22 32.40
CA THR M 410 -34.37 -55.26 32.15
C THR M 410 -34.07 -54.28 31.03
N GLN M 411 -32.83 -53.83 30.96
CA GLN M 411 -32.41 -52.90 29.91
C GLN M 411 -32.44 -53.54 28.51
N ASP M 412 -31.87 -54.73 28.37
CA ASP M 412 -31.87 -55.43 27.08
C ASP M 412 -33.29 -55.68 26.60
N HIS M 413 -34.11 -56.20 27.50
CA HIS M 413 -35.51 -56.47 27.27
C HIS M 413 -36.25 -55.26 26.73
N VAL M 414 -36.39 -54.22 27.55
CA VAL M 414 -37.12 -53.00 27.17
C VAL M 414 -36.66 -52.36 25.85
N ARG M 415 -35.35 -52.25 25.69
CA ARG M 415 -34.81 -51.80 24.41
C ARG M 415 -35.33 -52.65 23.25
N SER M 416 -35.35 -53.96 23.42
CA SER M 416 -35.78 -54.87 22.36
C SER M 416 -37.22 -54.58 22.02
N LEU M 417 -38.02 -54.34 23.04
CA LEU M 417 -39.41 -53.98 22.82
C LEU M 417 -39.54 -52.64 22.06
N CYS M 418 -38.68 -51.66 22.36
CA CYS M 418 -38.67 -50.38 21.61
C CYS M 418 -38.43 -50.54 20.10
N LEU M 419 -37.65 -51.54 19.74
CA LEU M 419 -37.41 -51.87 18.34
C LEU M 419 -38.68 -52.39 17.67
N LEU M 420 -39.61 -52.91 18.47
CA LEU M 420 -40.85 -53.43 17.91
C LEU M 420 -41.90 -52.33 17.92
N ALA M 421 -41.89 -51.51 18.96
CA ALA M 421 -42.97 -50.59 19.24
C ALA M 421 -42.98 -49.33 18.35
N TRP M 422 -41.81 -48.85 17.96
CA TRP M 422 -41.76 -47.52 17.34
C TRP M 422 -42.52 -47.49 16.02
N HIS M 423 -42.70 -48.67 15.40
CA HIS M 423 -43.41 -48.80 14.13
C HIS M 423 -44.88 -48.42 14.25
N ASN M 424 -45.39 -48.49 15.48
CA ASN M 424 -46.74 -48.04 15.79
C ASN M 424 -46.91 -46.53 15.64
N GLY M 425 -45.82 -45.83 15.35
CA GLY M 425 -45.87 -44.40 15.13
C GLY M 425 -45.40 -43.51 16.27
N GLU M 426 -44.84 -42.37 15.89
CA GLU M 426 -44.25 -41.39 16.81
C GLU M 426 -45.10 -41.03 18.02
N GLU M 427 -46.36 -40.72 17.79
CA GLU M 427 -47.24 -40.34 18.88
C GLU M 427 -47.42 -41.49 19.85
N GLU M 428 -47.49 -42.71 19.33
CA GLU M 428 -47.68 -43.87 20.17
C GLU M 428 -46.39 -44.28 20.86
N TYR M 429 -45.28 -44.23 20.13
CA TYR M 429 -43.98 -44.53 20.72
C TYR M 429 -43.66 -43.61 21.89
N ASN M 430 -43.80 -42.30 21.69
CA ASN M 430 -43.50 -41.33 22.74
C ASN M 430 -44.35 -41.55 24.01
N LYS M 431 -45.60 -41.96 23.83
CA LYS M 431 -46.48 -42.29 24.94
C LYS M 431 -45.93 -43.51 25.66
N PHE M 432 -45.46 -44.47 24.88
CA PHE M 432 -44.85 -45.67 25.42
C PHE M 432 -43.62 -45.32 26.27
N LEU M 433 -42.71 -44.54 25.71
CA LEU M 433 -41.53 -44.12 26.47
C LEU M 433 -41.90 -43.36 27.76
N ALA M 434 -43.01 -42.64 27.73
CA ALA M 434 -43.50 -41.89 28.89
C ALA M 434 -43.83 -42.81 30.07
N LYS M 435 -44.68 -43.79 29.80
CA LYS M 435 -45.03 -44.77 30.83
C LYS M 435 -43.80 -45.50 31.39
N ILE M 436 -42.92 -45.99 30.53
CA ILE M 436 -41.70 -46.64 31.01
C ILE M 436 -41.04 -45.68 31.97
N ARG M 437 -41.05 -44.41 31.58
CA ARG M 437 -40.41 -43.37 32.36
C ARG M 437 -41.23 -42.91 33.57
N SER M 438 -42.46 -43.38 33.68
CA SER M 438 -43.27 -43.06 34.85
C SER M 438 -42.86 -43.89 36.05
N VAL M 439 -41.62 -44.36 36.05
CA VAL M 439 -41.09 -45.06 37.23
C VAL M 439 -39.57 -44.92 37.32
N PRO M 440 -39.02 -45.04 38.54
CA PRO M 440 -37.58 -44.81 38.72
C PRO M 440 -36.74 -45.68 37.81
N ILE M 441 -36.93 -47.00 37.85
CA ILE M 441 -36.09 -47.89 37.06
C ILE M 441 -36.10 -47.52 35.58
N GLY M 442 -37.29 -47.29 35.02
CA GLY M 442 -37.42 -46.72 33.68
C GLY M 442 -36.53 -45.51 33.36
N ARG M 443 -36.42 -44.56 34.28
CA ARG M 443 -35.58 -43.39 34.04
C ARG M 443 -34.12 -43.75 34.05
N ALA M 444 -33.81 -44.98 34.45
CA ALA M 444 -32.43 -45.45 34.39
C ALA M 444 -32.07 -46.08 33.04
N LEU M 445 -33.06 -46.30 32.18
CA LEU M 445 -32.80 -46.99 30.92
C LEU M 445 -32.42 -46.05 29.80
N ASP M 446 -31.36 -46.38 29.08
CA ASP M 446 -31.04 -45.73 27.82
C ASP M 446 -31.95 -46.25 26.69
N LEU M 447 -32.92 -45.43 26.32
CA LEU M 447 -33.93 -45.78 25.34
C LEU M 447 -33.79 -44.92 24.07
N PRO M 448 -33.94 -45.53 22.89
CA PRO M 448 -33.79 -44.79 21.63
C PRO M 448 -34.94 -43.81 21.39
N GLU M 449 -34.62 -42.68 20.77
CA GLU M 449 -35.65 -41.73 20.39
C GLU M 449 -36.22 -42.06 19.01
N TYR M 450 -37.54 -41.90 18.87
CA TYR M 450 -38.22 -42.17 17.62
C TYR M 450 -37.43 -41.78 16.37
N SER M 451 -36.92 -40.55 16.36
CA SER M 451 -36.20 -40.07 15.21
C SER M 451 -34.94 -40.91 14.98
N THR M 452 -34.33 -41.40 16.06
CA THR M 452 -33.12 -42.21 15.88
C THR M 452 -33.54 -43.50 15.21
N LEU M 453 -34.63 -44.07 15.70
CA LEU M 453 -35.11 -45.37 15.24
C LEU M 453 -35.51 -45.29 13.78
N TYR M 454 -36.17 -44.18 13.43
CA TYR M 454 -36.67 -43.92 12.08
C TYR M 454 -35.53 -43.69 11.10
N ARG M 455 -34.54 -42.96 11.54
CA ARG M 455 -33.41 -42.68 10.71
C ARG M 455 -32.67 -43.96 10.40
N ARG M 456 -32.50 -44.81 11.40
CA ARG M 456 -31.80 -46.10 11.27
C ARG M 456 -32.54 -47.03 10.32
N TRP M 457 -33.87 -47.04 10.45
CA TRP M 457 -34.71 -47.78 9.53
C TRP M 457 -34.44 -47.39 8.08
N LEU M 458 -34.57 -46.10 7.77
CA LEU M 458 -34.34 -45.58 6.42
C LEU M 458 -32.96 -45.92 5.89
N ASP M 459 -31.96 -45.73 6.73
CA ASP M 459 -30.60 -46.10 6.34
C ASP M 459 -30.43 -47.61 6.10
N SER M 460 -31.17 -48.43 6.83
CA SER M 460 -31.05 -49.88 6.61
C SER M 460 -31.46 -50.29 5.18
N PHE M 461 -32.17 -49.41 4.48
CA PHE M 461 -32.52 -49.67 3.09
C PHE M 461 -31.44 -49.20 2.12
ZN ZN Q . 45.84 96.74 -11.50
C1 IPA R . 30.67 60.98 -20.60
C2 IPA R . 30.54 59.68 -19.79
C3 IPA R . 30.30 58.49 -20.72
O2 IPA R . 31.69 59.49 -18.99
C1 IPA S . 48.15 56.38 -36.72
C2 IPA S . 46.90 56.65 -35.89
C3 IPA S . 46.37 55.33 -35.33
O2 IPA S . 47.16 57.57 -34.84
C1 IPA T . 46.89 68.00 -42.85
C2 IPA T . 46.61 67.71 -44.32
C3 IPA T . 46.75 66.22 -44.59
O2 IPA T . 45.30 68.14 -44.65
C1 PEG U . 40.47 40.82 -19.49
O1 PEG U . 40.59 39.41 -19.70
C2 PEG U . 41.54 41.53 -20.32
O2 PEG U . 41.38 42.94 -20.27
C3 PEG U . 42.55 43.61 -20.74
C4 PEG U . 42.83 44.84 -19.86
O4 PEG U . 44.02 45.50 -20.30
C1 PEG V . 48.27 62.72 0.22
O1 PEG V . 48.63 61.89 -0.90
C2 PEG V . 46.77 62.65 0.42
O2 PEG V . 46.48 62.47 1.81
C3 PEG V . 45.61 61.35 2.06
C4 PEG V . 44.95 61.44 3.43
O4 PEG V . 44.03 62.54 3.55
C1 GOL W . 44.73 101.51 -11.63
O1 GOL W . 43.78 101.12 -10.66
C2 GOL W . 45.82 100.46 -11.74
O2 GOL W . 45.29 99.21 -11.37
C3 GOL W . 46.41 100.40 -13.14
O3 GOL W . 47.39 99.37 -13.29
ZN ZN X . -16.46 -0.29 5.04
C1 IPA Y . -7.30 35.08 -10.61
C2 IPA Y . -7.00 36.48 -10.07
C3 IPA Y . -7.03 37.50 -11.22
O2 IPA Y . -7.97 36.81 -9.12
C1 IPA Z . -33.25 33.86 -6.35
C2 IPA Z . -32.89 35.33 -6.59
C3 IPA Z . -32.85 36.09 -5.26
O2 IPA Z . -31.65 35.43 -7.26
C1 IPA AA . -29.10 40.66 -15.46
C2 IPA AA . -28.98 39.39 -16.30
C3 IPA AA . -27.59 39.33 -16.93
O2 IPA AA . -29.13 38.26 -15.47
ZN ZN BA . 17.48 0.75 3.34
C1 IPA CA . 2.81 -35.43 -6.31
C2 IPA CA . 3.09 -36.76 -5.61
C3 IPA CA . 3.27 -37.86 -6.64
O2 IPA CA . 4.22 -36.64 -4.78
C1 IPA DA . 11.03 -3.75 27.19
C2 IPA DA . 10.15 -4.99 27.14
C3 IPA DA . 8.91 -4.73 26.28
O2 IPA DA . 10.90 -6.09 26.63
C1 PEG EA . 20.69 -34.69 13.58
O1 PEG EA . 21.90 -34.12 13.06
C2 PEG EA . 19.98 -33.73 14.55
O2 PEG EA . 18.84 -34.40 15.09
C3 PEG EA . 18.53 -33.99 16.43
C4 PEG EA . 17.59 -35.00 17.10
O4 PEG EA . 16.76 -34.37 18.10
C1 GOL FA . 19.33 4.33 1.93
O1 GOL FA . 19.97 3.14 1.54
C2 GOL FA . 17.82 4.16 1.95
O2 GOL FA . 17.24 4.88 0.88
C3 GOL FA . 17.24 4.64 3.28
O3 GOL FA . 16.65 3.56 3.96
N1 DCP GA . 17.24 -22.81 1.68
C2 DCP GA . 16.41 -22.26 2.68
N3 DCP GA . 16.60 -22.57 3.99
C4 DCP GA . 17.57 -23.44 4.36
C5 DCP GA . 18.40 -23.99 3.38
C6 DCP GA . 18.21 -23.66 2.04
O2 DCP GA . 15.50 -21.46 2.32
N4 DCP GA . 17.75 -23.75 5.67
C1' DCP GA . 17.02 -22.44 0.27
C2' DCP GA . 17.44 -20.99 0.00
C3' DCP GA . 18.33 -21.04 -1.22
C4' DCP GA . 18.83 -22.46 -1.23
O4' DCP GA . 17.79 -23.26 -0.62
O3' DCP GA . 17.54 -20.83 -2.40
C5' DCP GA . 20.04 -22.57 -0.31
O5' DCP GA . 21.28 -22.49 -1.01
PA DCP GA . 22.60 -22.31 -0.10
O1A DCP GA . 22.70 -20.83 0.22
O2A DCP GA . 22.34 -23.28 1.05
O3A DCP GA . 23.88 -22.74 -1.02
PB DCP GA . 25.44 -22.27 -0.75
O1B DCP GA . 25.52 -20.76 -0.69
O2B DCP GA . 26.00 -23.04 0.47
O3B DCP GA . 26.27 -22.67 -2.10
ZN ZN HA . -42.95 -97.03 19.48
C1 IPA IA . -55.32 -56.63 -2.25
C2 IPA IA . -56.57 -56.82 -1.40
C3 IPA IA . -56.59 -55.75 -0.30
O2 IPA IA . -56.55 -58.13 -0.85
C1 IPA JA . -60.25 -60.51 9.43
C2 IPA JA . -60.56 -61.45 8.28
C3 IPA JA . -59.27 -61.78 7.55
O2 IPA JA . -61.18 -62.64 8.73
N1 DCP KA . -43.51 -73.52 17.51
C2 DCP KA . -42.32 -74.11 17.99
N3 DCP KA . -41.83 -73.76 19.21
C4 DCP KA . -42.49 -72.85 19.97
C5 DCP KA . -43.65 -72.27 19.49
C6 DCP KA . -44.16 -72.63 18.26
O2 DCP KA . -41.73 -74.94 17.25
N4 DCP KA . -42.02 -72.50 21.19
C1' DCP KA . -44.01 -73.92 16.20
C2' DCP KA . -44.65 -75.30 16.28
C3' DCP KA . -45.99 -75.16 15.58
C4' DCP KA . -46.30 -73.68 15.66
O4' DCP KA . -45.02 -73.00 15.75
O3' DCP KA . -45.87 -75.54 14.21
C5' DCP KA . -47.08 -73.32 16.92
O5' DCP KA . -48.32 -74.03 17.06
PA DCP KA . -49.25 -73.59 18.31
O1A DCP KA . -48.19 -73.72 19.40
O2A DCP KA . -49.88 -72.23 18.03
O3A DCP KA . -50.49 -74.64 18.41
PB DCP KA . -51.90 -74.39 19.23
O1B DCP KA . -52.53 -75.73 19.60
O2B DCP KA . -51.67 -73.35 20.33
O3B DCP KA . -52.92 -73.73 18.15
#